data_4F33
#
_entry.id   4F33
#
_cell.length_a   141.311
_cell.length_b   141.311
_cell.length_c   281.528
_cell.angle_alpha   90.00
_cell.angle_beta   90.00
_cell.angle_gamma   90.00
#
_symmetry.space_group_name_H-M   'P 41 21 2'
#
loop_
_entity.id
_entity.type
_entity.pdbx_description
1 polymer 'MORAb-009 FAB light chain'
2 polymer 'MORAb-009 FAB heavy chain'
3 non-polymer 'TETRAETHYLENE GLYCOL'
4 water water
#
loop_
_entity_poly.entity_id
_entity_poly.type
_entity_poly.pdbx_seq_one_letter_code
_entity_poly.pdbx_strand_id
1 'polypeptide(L)'
;DIELTQSPAIMSASPGEKVTMTCSASSSVSYMHWYQQKSGTSPKRWIYDTSKLASGVPGRFSGSGSGNSYSLTISSVEAE
DDATYYCQQWSKHPLTFGSGTKVEIKRTVAAPSVFIFPPSDEQLKSGTASVVCLLNNFYPREAKVQWKVDNALQSGNSQE
SVTEQDSKDSTYSLSSTLTLSKADYEKHKVYACEVTHQGLSSPVTKSFNRGEC
;
A,C,E,G
2 'polypeptide(L)'
;(PCA)VQLQQSGPELEKPGASVKISCKASGYSFTGYTMNWVKQSHGKSLEWIGLITPYNGASSYNQKFRGKATLTVDKSS
STAYMDLLSLTSEDSAVYFCARGGYDGRGFDYWGSGTPVTVSSASTKGPSVFPLAPSSKSTSGGTAALGCLVKDYFPEPV
TVSWNSGALTSGVHTFPAVLQSSGLYSLSSVVTVPSSSLGTQTYICNVNHKPSNTKVDKKVEPKSCDKTHTCPPC
;
B,D,F,H
#
# COMPACT_ATOMS: atom_id res chain seq x y z
N ASP A 1 10.10 27.60 -42.60
CA ASP A 1 9.45 27.16 -41.36
C ASP A 1 9.18 28.36 -40.46
N ILE A 2 8.08 28.32 -39.73
CA ILE A 2 7.86 29.35 -38.72
C ILE A 2 8.78 29.12 -37.54
N GLU A 3 9.61 30.11 -37.25
CA GLU A 3 10.49 30.06 -36.11
C GLU A 3 9.80 30.69 -34.92
N LEU A 4 9.86 30.01 -33.78
CA LEU A 4 9.26 30.51 -32.56
C LEU A 4 10.34 30.81 -31.53
N THR A 5 10.45 32.08 -31.16
CA THR A 5 11.45 32.52 -30.23
C THR A 5 10.79 32.78 -28.89
N GLN A 6 11.26 32.08 -27.87
CA GLN A 6 10.72 32.22 -26.54
C GLN A 6 11.60 33.06 -25.66
N SER A 7 10.98 33.94 -24.87
CA SER A 7 11.70 34.83 -24.00
C SER A 7 10.93 34.99 -22.70
N PRO A 8 11.65 35.16 -21.59
CA PRO A 8 13.11 34.99 -21.50
C PRO A 8 13.48 33.50 -21.65
N ALA A 9 14.73 33.22 -21.92
CA ALA A 9 15.19 31.83 -22.00
C ALA A 9 15.12 31.17 -20.64
N ILE A 10 15.47 31.94 -19.61
CA ILE A 10 15.42 31.45 -18.24
C ILE A 10 14.88 32.54 -17.35
N MET A 11 14.03 32.14 -16.43
CA MET A 11 13.34 33.04 -15.54
C MET A 11 13.45 32.44 -14.14
N SER A 12 13.60 33.31 -13.16
CA SER A 12 13.61 32.91 -11.77
C SER A 12 12.56 33.74 -11.05
N ALA A 13 11.63 33.07 -10.36
CA ALA A 13 10.52 33.76 -9.71
C ALA A 13 10.29 33.28 -8.27
N SER A 14 10.00 34.21 -7.35
CA SER A 14 9.59 33.84 -6.00
C SER A 14 8.15 33.35 -5.99
N PRO A 15 7.83 32.44 -5.06
CA PRO A 15 6.43 32.02 -4.97
C PRO A 15 5.55 33.23 -4.71
N GLY A 16 4.39 33.29 -5.36
CA GLY A 16 3.47 34.40 -5.17
C GLY A 16 3.62 35.49 -6.22
N GLU A 17 4.72 35.49 -6.98
CA GLU A 17 4.97 36.48 -8.06
C GLU A 17 4.19 36.14 -9.32
N LYS A 18 3.71 37.16 -10.03
CA LYS A 18 3.10 36.99 -11.35
C LYS A 18 4.24 37.03 -12.34
N VAL A 19 4.28 36.06 -13.24
CA VAL A 19 5.26 36.14 -14.30
C VAL A 19 4.66 35.80 -15.66
N THR A 20 5.25 36.37 -16.70
CA THR A 20 4.79 36.13 -18.06
C THR A 20 5.96 35.80 -18.96
N MET A 21 5.78 34.76 -19.76
CA MET A 21 6.77 34.41 -20.77
C MET A 21 6.12 34.55 -22.12
N THR A 22 6.96 34.80 -23.14
CA THR A 22 6.48 35.17 -24.45
C THR A 22 7.03 34.23 -25.53
N CYS A 23 6.21 34.00 -26.55
CA CYS A 23 6.56 33.28 -27.76
C CYS A 23 6.33 34.24 -28.92
N SER A 24 7.41 34.60 -29.61
CA SER A 24 7.35 35.46 -30.78
C SER A 24 7.61 34.66 -32.06
N ALA A 25 6.67 34.72 -32.99
CA ALA A 25 6.75 33.93 -34.22
C ALA A 25 7.28 34.75 -35.38
N SER A 26 7.92 34.09 -36.34
CA SER A 26 8.49 34.79 -37.47
C SER A 26 7.44 35.21 -38.50
N SER A 27 6.23 34.67 -38.40
CA SER A 27 5.11 35.21 -39.14
C SER A 27 3.85 34.97 -38.32
N SER A 28 2.71 35.46 -38.79
CA SER A 28 1.49 35.39 -37.99
C SER A 28 1.03 33.95 -37.77
N VAL A 29 0.53 33.69 -36.58
CA VAL A 29 -0.06 32.40 -36.26
C VAL A 29 -1.32 32.61 -35.42
N SER A 30 -2.05 31.54 -35.12
CA SER A 30 -3.19 31.62 -34.19
C SER A 30 -3.28 30.35 -33.38
N TYR A 31 -3.97 30.43 -32.25
CA TYR A 31 -4.28 29.25 -31.47
C TYR A 31 -2.99 28.53 -31.08
N MET A 32 -2.04 29.28 -30.52
CA MET A 32 -0.78 28.70 -30.04
C MET A 32 -1.03 27.65 -28.94
N HIS A 33 -0.24 26.58 -28.91
CA HIS A 33 -0.28 25.61 -27.81
C HIS A 33 0.97 25.72 -26.94
N TRP A 34 0.84 25.28 -25.69
CA TRP A 34 1.96 25.30 -24.76
C TRP A 34 2.04 23.97 -24.01
N TYR A 35 3.27 23.49 -23.82
CA TYR A 35 3.55 22.25 -23.09
C TYR A 35 4.47 22.53 -21.94
N GLN A 36 4.22 21.84 -20.83
CA GLN A 36 5.16 21.82 -19.70
C GLN A 36 5.98 20.54 -19.71
N GLN A 37 7.29 20.67 -19.53
CA GLN A 37 8.14 19.49 -19.34
C GLN A 37 9.04 19.64 -18.15
N LYS A 38 8.88 18.71 -17.21
CA LYS A 38 9.82 18.59 -16.10
C LYS A 38 10.97 17.65 -16.44
N SER A 39 12.12 17.88 -15.83
CA SER A 39 13.32 17.11 -16.12
C SER A 39 13.05 15.60 -16.03
N GLY A 40 13.49 14.87 -17.05
CA GLY A 40 13.38 13.42 -17.05
C GLY A 40 11.97 12.91 -17.28
N THR A 41 11.06 13.78 -17.70
CA THR A 41 9.69 13.36 -17.99
C THR A 41 9.24 13.82 -19.38
N SER A 42 8.14 13.26 -19.85
CA SER A 42 7.57 13.66 -21.16
C SER A 42 6.83 14.96 -21.05
N PRO A 43 6.77 15.73 -22.12
CA PRO A 43 6.00 16.97 -22.06
C PRO A 43 4.53 16.65 -21.82
N LYS A 44 3.81 17.57 -21.20
CA LYS A 44 2.36 17.53 -21.03
C LYS A 44 1.70 18.76 -21.68
N ARG A 45 0.58 18.53 -22.33
CA ARG A 45 -0.19 19.61 -22.88
C ARG A 45 -0.65 20.46 -21.71
N TRP A 46 -0.49 21.77 -21.83
CA TRP A 46 -0.70 22.68 -20.70
C TRP A 46 -1.78 23.71 -21.04
N ILE A 47 -1.54 24.48 -22.10
CA ILE A 47 -2.53 25.38 -22.65
C ILE A 47 -2.65 25.09 -24.13
N TYR A 48 -3.86 25.08 -24.65
CA TYR A 48 -4.01 24.87 -26.06
C TYR A 48 -5.04 25.86 -26.67
N ASP A 49 -4.95 26.03 -27.97
CA ASP A 49 -5.79 27.02 -28.64
C ASP A 49 -5.69 28.38 -27.95
N THR A 50 -4.46 28.78 -27.66
CA THR A 50 -4.10 30.07 -27.10
C THR A 50 -4.40 30.22 -25.62
N SER A 51 -5.60 29.83 -25.20
CA SER A 51 -6.02 30.15 -23.85
C SER A 51 -6.79 29.05 -23.11
N LYS A 52 -6.94 27.88 -23.71
CA LYS A 52 -7.72 26.85 -23.03
C LYS A 52 -6.78 25.99 -22.17
N LEU A 53 -7.17 25.70 -20.93
CA LEU A 53 -6.35 24.85 -20.05
C LEU A 53 -6.63 23.38 -20.25
N ALA A 54 -5.58 22.56 -20.25
CA ALA A 54 -5.73 21.10 -20.30
C ALA A 54 -6.27 20.63 -18.93
N SER A 55 -6.81 19.42 -18.89
CA SER A 55 -7.35 18.87 -17.66
C SER A 55 -6.26 18.77 -16.59
N GLY A 56 -6.55 19.31 -15.42
CA GLY A 56 -5.65 19.19 -14.29
C GLY A 56 -4.65 20.33 -14.19
N VAL A 57 -4.64 21.22 -15.17
CA VAL A 57 -3.75 22.39 -15.13
C VAL A 57 -4.31 23.46 -14.16
N PRO A 58 -3.50 23.91 -13.20
CA PRO A 58 -4.03 24.83 -12.19
C PRO A 58 -4.50 26.14 -12.79
N GLY A 59 -5.50 26.73 -12.16
CA GLY A 59 -6.11 27.96 -12.62
C GLY A 59 -5.22 29.20 -12.60
N ARG A 60 -4.04 29.13 -11.97
CA ARG A 60 -3.09 30.26 -12.03
C ARG A 60 -2.40 30.45 -13.37
N PHE A 61 -2.50 29.44 -14.22
CA PHE A 61 -2.01 29.55 -15.58
C PHE A 61 -3.02 30.17 -16.54
N SER A 62 -2.53 30.99 -17.45
CA SER A 62 -3.38 31.52 -18.53
C SER A 62 -2.54 31.77 -19.76
N GLY A 63 -3.22 31.86 -20.88
CA GLY A 63 -2.56 32.09 -22.16
C GLY A 63 -3.31 33.15 -22.96
N SER A 64 -2.59 33.98 -23.71
CA SER A 64 -3.24 34.97 -24.55
C SER A 64 -2.32 35.29 -25.71
N GLY A 65 -2.81 36.08 -26.64
CA GLY A 65 -1.95 36.57 -27.71
C GLY A 65 -2.72 36.82 -28.98
N SER A 66 -2.02 37.39 -29.95
CA SER A 66 -2.58 37.69 -31.26
C SER A 66 -1.43 37.97 -32.22
N GLY A 67 -1.73 37.98 -33.50
CA GLY A 67 -0.72 38.28 -34.48
C GLY A 67 0.42 37.29 -34.39
N ASN A 68 1.62 37.79 -34.14
CA ASN A 68 2.80 36.95 -34.03
C ASN A 68 3.31 36.80 -32.60
N SER A 69 2.54 37.23 -31.62
CA SER A 69 3.03 37.32 -30.26
C SER A 69 2.07 36.69 -29.24
N TYR A 70 2.52 35.62 -28.58
CA TYR A 70 1.66 34.86 -27.67
C TYR A 70 2.35 34.75 -26.33
N SER A 71 1.58 34.64 -25.28
CA SER A 71 2.16 34.63 -23.95
C SER A 71 1.51 33.60 -23.03
N LEU A 72 2.31 33.14 -22.07
CA LEU A 72 1.85 32.25 -21.00
C LEU A 72 2.16 32.96 -19.68
N THR A 73 1.14 33.09 -18.84
CA THR A 73 1.26 33.79 -17.57
C THR A 73 0.96 32.85 -16.40
N ILE A 74 1.73 32.99 -15.35
CA ILE A 74 1.41 32.34 -14.08
C ILE A 74 1.09 33.44 -13.11
N SER A 75 -0.15 33.47 -12.62
CA SER A 75 -0.65 34.63 -11.89
C SER A 75 0.01 34.74 -10.52
N SER A 76 0.42 33.58 -9.98
CA SER A 76 1.03 33.51 -8.66
C SER A 76 1.82 32.21 -8.55
N VAL A 77 3.13 32.31 -8.70
CA VAL A 77 3.95 31.12 -8.92
C VAL A 77 4.01 30.24 -7.69
N GLU A 78 4.00 28.94 -7.91
CA GLU A 78 4.20 27.98 -6.83
C GLU A 78 5.47 27.14 -7.09
N ALA A 79 6.03 26.61 -6.01
CA ALA A 79 7.26 25.83 -6.11
C ALA A 79 7.16 24.74 -7.16
N GLU A 80 5.97 24.17 -7.35
CA GLU A 80 5.78 23.05 -8.29
C GLU A 80 5.78 23.50 -9.74
N ASP A 81 5.91 24.79 -9.98
CA ASP A 81 5.83 25.29 -11.35
C ASP A 81 7.17 25.26 -12.10
N ASP A 82 8.22 24.81 -11.44
CA ASP A 82 9.55 24.75 -12.06
C ASP A 82 9.56 23.68 -13.13
N ALA A 83 9.93 24.08 -14.33
CA ALA A 83 9.82 23.26 -15.52
C ALA A 83 10.29 24.09 -16.72
N THR A 84 10.40 23.44 -17.87
CA THR A 84 10.56 24.18 -19.10
C THR A 84 9.24 24.16 -19.83
N TYR A 85 8.85 25.32 -20.36
CA TYR A 85 7.58 25.51 -21.08
C TYR A 85 7.89 25.79 -22.55
N TYR A 86 7.22 25.07 -23.43
CA TYR A 86 7.43 25.19 -24.87
C TYR A 86 6.14 25.60 -25.55
N CYS A 87 6.22 26.54 -26.49
CA CYS A 87 5.07 26.87 -27.32
C CYS A 87 5.17 26.06 -28.60
N GLN A 88 4.06 25.99 -29.31
CA GLN A 88 4.03 25.20 -30.53
C GLN A 88 2.94 25.75 -31.45
N GLN A 89 3.24 25.88 -32.73
CA GLN A 89 2.29 26.43 -33.68
C GLN A 89 1.84 25.35 -34.64
N TRP A 90 0.61 25.48 -35.10
CA TRP A 90 0.08 24.59 -36.12
C TRP A 90 -0.61 25.39 -37.24
N SER A 91 -0.13 26.60 -37.48
CA SER A 91 -0.69 27.43 -38.53
C SER A 91 -0.11 27.12 -39.90
N LYS A 92 1.15 26.73 -39.95
CA LYS A 92 1.77 26.34 -41.21
C LYS A 92 2.57 25.05 -41.04
N HIS A 93 2.72 24.34 -42.15
CA HIS A 93 3.47 23.10 -42.17
C HIS A 93 4.90 23.50 -42.47
N PRO A 94 5.90 22.98 -41.71
CA PRO A 94 5.72 21.96 -40.69
C PRO A 94 5.41 22.58 -39.33
N LEU A 95 4.78 21.80 -38.48
CA LEU A 95 4.60 22.19 -37.08
C LEU A 95 5.97 22.43 -36.47
N THR A 96 6.06 23.43 -35.60
CA THR A 96 7.32 23.80 -35.01
C THR A 96 7.07 24.19 -33.57
N PHE A 97 8.10 24.04 -32.75
CA PHE A 97 8.10 24.38 -31.34
C PHE A 97 9.04 25.52 -31.07
N GLY A 98 8.78 26.28 -30.00
CA GLY A 98 9.72 27.25 -29.51
C GLY A 98 10.93 26.64 -28.81
N SER A 99 11.88 27.50 -28.47
CA SER A 99 13.16 27.14 -27.89
C SER A 99 13.04 26.88 -26.39
N GLY A 100 11.88 27.15 -25.82
CA GLY A 100 11.66 26.87 -24.41
C GLY A 100 11.99 28.01 -23.46
N THR A 101 11.17 28.17 -22.42
CA THR A 101 11.48 29.06 -21.31
C THR A 101 11.59 28.19 -20.08
N LYS A 102 12.74 28.24 -19.42
CA LYS A 102 12.93 27.46 -18.19
C LYS A 102 12.62 28.32 -16.97
N VAL A 103 11.71 27.86 -16.13
CA VAL A 103 11.32 28.59 -14.93
C VAL A 103 11.93 27.93 -13.71
N GLU A 104 12.70 28.71 -12.95
CA GLU A 104 13.29 28.29 -11.70
C GLU A 104 12.56 29.01 -10.57
N ILE A 105 12.47 28.38 -9.42
CA ILE A 105 11.77 28.98 -8.27
C ILE A 105 12.78 29.52 -7.27
N LYS A 106 12.59 30.77 -6.85
CA LYS A 106 13.45 31.34 -5.82
C LYS A 106 13.05 30.83 -4.45
N ARG A 107 14.04 30.73 -3.57
CA ARG A 107 13.74 30.48 -2.18
C ARG A 107 14.83 31.13 -1.33
N THR A 108 14.69 31.06 -0.03
CA THR A 108 15.72 31.60 0.84
C THR A 108 17.02 30.80 0.68
N VAL A 109 18.14 31.49 0.89
CA VAL A 109 19.44 30.86 0.74
C VAL A 109 19.55 29.73 1.73
N ALA A 110 20.14 28.64 1.30
CA ALA A 110 20.41 27.47 2.14
C ALA A 110 21.78 26.92 1.81
N ALA A 111 22.64 26.89 2.83
CA ALA A 111 23.97 26.35 2.66
C ALA A 111 23.90 24.82 2.58
N PRO A 112 24.83 24.20 1.84
CA PRO A 112 24.75 22.75 1.68
C PRO A 112 25.18 21.99 2.92
N SER A 113 24.56 20.85 3.16
CA SER A 113 25.14 19.83 4.03
C SER A 113 26.14 19.00 3.22
N VAL A 114 27.32 18.76 3.78
CA VAL A 114 28.38 18.08 3.04
C VAL A 114 28.71 16.71 3.61
N PHE A 115 28.83 15.71 2.75
CA PHE A 115 29.13 14.35 3.15
C PHE A 115 30.21 13.84 2.21
N ILE A 116 31.03 12.93 2.71
CA ILE A 116 32.06 12.37 1.88
C ILE A 116 32.08 10.85 1.99
N PHE A 117 32.38 10.18 0.88
CA PHE A 117 32.39 8.73 0.79
C PHE A 117 33.69 8.23 0.21
N PRO A 118 34.44 7.44 0.99
CA PRO A 118 35.63 6.80 0.42
C PRO A 118 35.24 5.78 -0.63
N PRO A 119 36.19 5.41 -1.49
CA PRO A 119 35.93 4.31 -2.43
C PRO A 119 35.70 3.00 -1.72
N SER A 120 34.88 2.12 -2.29
CA SER A 120 34.69 0.79 -1.73
C SER A 120 35.93 -0.07 -2.03
N ASP A 121 36.22 -1.01 -1.14
CA ASP A 121 37.30 -1.96 -1.38
C ASP A 121 37.05 -2.70 -2.68
N GLU A 122 35.80 -2.95 -3.01
CA GLU A 122 35.49 -3.72 -4.20
C GLU A 122 36.01 -2.96 -5.42
N GLN A 123 35.72 -1.66 -5.50
CA GLN A 123 36.18 -0.90 -6.65
C GLN A 123 37.71 -0.85 -6.70
N LEU A 124 38.33 -0.61 -5.56
CA LEU A 124 39.81 -0.60 -5.51
C LEU A 124 40.41 -1.84 -6.14
N LYS A 125 39.86 -3.00 -5.81
CA LYS A 125 40.37 -4.25 -6.36
C LYS A 125 40.60 -4.08 -7.85
N SER A 126 39.62 -3.48 -8.53
CA SER A 126 39.67 -3.41 -9.98
C SER A 126 40.62 -2.35 -10.53
N GLY A 127 41.30 -1.60 -9.66
CA GLY A 127 42.31 -0.67 -10.11
C GLY A 127 41.97 0.82 -10.11
N THR A 128 40.74 1.18 -9.73
CA THR A 128 40.34 2.57 -9.74
C THR A 128 39.72 2.97 -8.41
N ALA A 129 39.89 4.24 -8.03
CA ALA A 129 39.29 4.74 -6.80
C ALA A 129 38.45 5.97 -7.08
N SER A 130 37.15 5.89 -6.78
CA SER A 130 36.29 7.06 -6.87
C SER A 130 35.96 7.57 -5.46
N VAL A 131 36.31 8.82 -5.18
CA VAL A 131 35.93 9.43 -3.89
C VAL A 131 34.83 10.43 -4.19
N VAL A 132 33.73 10.36 -3.44
CA VAL A 132 32.54 11.14 -3.74
C VAL A 132 32.22 12.14 -2.61
N CYS A 133 32.03 13.39 -3.00
CA CYS A 133 31.60 14.45 -2.06
C CYS A 133 30.17 14.80 -2.44
N LEU A 134 29.29 14.84 -1.46
CA LEU A 134 27.89 15.15 -1.71
C LEU A 134 27.54 16.48 -1.05
N LEU A 135 26.99 17.39 -1.83
CA LEU A 135 26.46 18.66 -1.30
C LEU A 135 24.95 18.57 -1.39
N ASN A 136 24.28 18.56 -0.25
CA ASN A 136 22.85 18.26 -0.26
C ASN A 136 21.94 19.45 0.11
N ASN A 137 20.89 19.63 -0.69
CA ASN A 137 19.81 20.57 -0.40
C ASN A 137 20.24 22.00 -0.17
N PHE A 138 20.81 22.62 -1.20
CA PHE A 138 21.28 23.99 -1.05
C PHE A 138 20.63 24.88 -2.11
N TYR A 139 20.72 26.18 -1.88
CA TYR A 139 20.22 27.18 -2.80
C TYR A 139 20.97 28.49 -2.53
N PRO A 140 21.41 29.22 -3.59
CA PRO A 140 21.21 28.90 -5.02
C PRO A 140 22.16 27.82 -5.53
N ARG A 141 22.04 27.57 -6.83
CA ARG A 141 22.68 26.46 -7.50
C ARG A 141 24.22 26.56 -7.50
N GLU A 142 24.75 27.77 -7.57
CA GLU A 142 26.20 27.94 -7.65
C GLU A 142 26.88 27.47 -6.35
N ALA A 143 27.90 26.63 -6.48
CA ALA A 143 28.70 26.21 -5.33
C ALA A 143 30.06 25.84 -5.85
N LYS A 144 30.99 25.72 -4.93
CA LYS A 144 32.36 25.44 -5.32
C LYS A 144 32.93 24.35 -4.45
N VAL A 145 33.49 23.32 -5.11
CA VAL A 145 34.15 22.20 -4.45
C VAL A 145 35.61 22.13 -4.87
N GLN A 146 36.52 22.05 -3.90
CA GLN A 146 37.93 21.79 -4.17
C GLN A 146 38.33 20.47 -3.50
N TRP A 147 39.11 19.66 -4.18
CA TRP A 147 39.61 18.44 -3.58
C TRP A 147 41.04 18.65 -3.13
N LYS A 148 41.38 18.16 -1.95
CA LYS A 148 42.74 18.19 -1.48
C LYS A 148 43.11 16.79 -1.04
N VAL A 149 44.29 16.34 -1.40
CA VAL A 149 44.82 15.03 -1.01
C VAL A 149 46.12 15.30 -0.28
N ASP A 150 46.21 14.90 0.99
CA ASP A 150 47.34 15.28 1.84
C ASP A 150 47.68 16.76 1.65
N ASN A 151 46.63 17.57 1.61
CA ASN A 151 46.72 19.03 1.49
C ASN A 151 47.13 19.60 0.13
N ALA A 152 47.32 18.74 -0.86
CA ALA A 152 47.65 19.18 -2.20
C ALA A 152 46.38 19.36 -3.02
N LEU A 153 46.20 20.57 -3.54
CA LEU A 153 45.04 20.88 -4.34
C LEU A 153 45.03 20.06 -5.62
N GLN A 154 43.88 19.48 -5.92
CA GLN A 154 43.72 18.58 -7.08
C GLN A 154 43.09 19.35 -8.21
N SER A 155 43.55 19.11 -9.44
CA SER A 155 42.87 19.68 -10.60
C SER A 155 42.90 18.70 -11.76
N GLY A 156 41.81 18.67 -12.54
CA GLY A 156 41.76 17.84 -13.73
C GLY A 156 41.30 16.42 -13.50
N ASN A 157 41.01 16.05 -12.25
CA ASN A 157 40.67 14.65 -11.96
C ASN A 157 39.35 14.49 -11.22
N SER A 158 38.48 15.50 -11.32
CA SER A 158 37.15 15.40 -10.76
C SER A 158 36.08 15.86 -11.74
N GLN A 159 34.87 15.37 -11.56
CA GLN A 159 33.72 15.80 -12.36
C GLN A 159 32.53 16.00 -11.44
N GLU A 160 31.68 16.97 -11.77
CA GLU A 160 30.53 17.29 -10.93
C GLU A 160 29.24 17.05 -11.67
N SER A 161 28.19 16.74 -10.93
CA SER A 161 26.86 16.68 -11.49
C SER A 161 25.88 17.35 -10.53
N VAL A 162 24.86 18.02 -11.07
CA VAL A 162 23.91 18.77 -10.25
C VAL A 162 22.49 18.33 -10.58
N THR A 163 21.66 18.15 -9.57
CA THR A 163 20.30 17.74 -9.84
C THR A 163 19.51 18.96 -10.34
N GLU A 164 18.35 18.69 -10.91
CA GLU A 164 17.43 19.75 -11.21
C GLU A 164 16.81 20.18 -9.91
N GLN A 165 16.11 21.30 -9.95
CA GLN A 165 15.54 21.85 -8.76
C GLN A 165 14.47 20.92 -8.25
N ASP A 166 14.47 20.70 -6.94
CA ASP A 166 13.45 19.91 -6.30
C ASP A 166 12.09 20.64 -6.34
N SER A 167 11.05 19.98 -6.86
CA SER A 167 9.71 20.58 -6.99
C SER A 167 9.01 20.84 -5.67
N LYS A 168 9.52 20.30 -4.57
CA LYS A 168 8.93 20.53 -3.24
C LYS A 168 9.65 21.59 -2.39
N ASP A 169 10.96 21.47 -2.19
CA ASP A 169 11.70 22.46 -1.36
C ASP A 169 12.57 23.44 -2.16
N SER A 170 12.60 23.26 -3.49
CA SER A 170 13.27 24.18 -4.40
C SER A 170 14.80 24.25 -4.22
N THR A 171 15.40 23.20 -3.64
CA THR A 171 16.84 23.16 -3.48
C THR A 171 17.50 22.31 -4.56
N TYR A 172 18.83 22.39 -4.60
CA TYR A 172 19.64 21.61 -5.49
C TYR A 172 20.53 20.68 -4.66
N SER A 173 21.00 19.62 -5.29
CA SER A 173 22.09 18.82 -4.72
C SER A 173 23.15 18.63 -5.76
N LEU A 174 24.39 18.41 -5.32
CA LEU A 174 25.52 18.30 -6.22
C LEU A 174 26.45 17.18 -5.75
N SER A 175 27.01 16.46 -6.70
CA SER A 175 28.03 15.47 -6.37
C SER A 175 29.30 15.81 -7.09
N SER A 176 30.42 15.64 -6.41
CA SER A 176 31.71 15.79 -7.05
C SER A 176 32.44 14.48 -6.87
N THR A 177 32.97 13.93 -7.96
CA THR A 177 33.69 12.66 -7.91
C THR A 177 35.12 12.86 -8.31
N LEU A 178 36.04 12.51 -7.40
CA LEU A 178 37.47 12.49 -7.65
C LEU A 178 37.88 11.07 -8.04
N THR A 179 38.46 10.92 -9.21
CA THR A 179 38.89 9.62 -9.68
C THR A 179 40.42 9.51 -9.69
N LEU A 180 40.94 8.45 -9.06
CA LEU A 180 42.37 8.19 -8.99
C LEU A 180 42.63 6.72 -9.33
N SER A 181 43.87 6.39 -9.69
CA SER A 181 44.26 4.98 -9.79
C SER A 181 44.35 4.43 -8.38
N LYS A 182 44.26 3.12 -8.28
CA LYS A 182 44.39 2.45 -7.01
C LYS A 182 45.73 2.84 -6.47
N ALA A 183 46.72 2.70 -7.33
CA ALA A 183 48.07 2.86 -6.88
C ALA A 183 48.25 4.26 -6.31
N ASP A 184 47.68 5.27 -6.99
CA ASP A 184 47.75 6.67 -6.53
C ASP A 184 46.94 6.91 -5.25
N TYR A 185 45.78 6.27 -5.15
CA TYR A 185 44.94 6.39 -3.97
C TYR A 185 45.69 5.83 -2.73
N GLU A 186 46.34 4.69 -2.89
CA GLU A 186 46.98 4.02 -1.76
C GLU A 186 48.29 4.71 -1.37
N LYS A 187 48.69 5.72 -2.15
CA LYS A 187 49.87 6.55 -1.85
C LYS A 187 49.61 7.65 -0.82
N HIS A 188 48.35 8.03 -0.65
CA HIS A 188 48.07 9.21 0.17
C HIS A 188 47.17 8.88 1.35
N LYS A 189 47.14 9.75 2.35
CA LYS A 189 46.41 9.45 3.59
C LYS A 189 45.11 10.23 3.69
N VAL A 190 45.20 11.54 3.64
CA VAL A 190 44.06 12.41 3.92
C VAL A 190 43.37 12.88 2.64
N TYR A 191 42.08 12.60 2.57
CA TYR A 191 41.25 12.97 1.42
C TYR A 191 40.19 13.95 1.92
N ALA A 192 40.15 15.13 1.32
CA ALA A 192 39.25 16.20 1.78
C ALA A 192 38.54 16.90 0.62
N CYS A 193 37.25 17.15 0.78
CA CYS A 193 36.55 18.05 -0.13
C CYS A 193 36.18 19.31 0.63
N GLU A 194 36.52 20.45 0.05
CA GLU A 194 36.36 21.73 0.68
C GLU A 194 35.31 22.49 -0.10
N VAL A 195 34.26 22.92 0.58
CA VAL A 195 33.08 23.47 -0.10
C VAL A 195 32.84 24.91 0.30
N THR A 196 32.58 25.74 -0.69
CA THR A 196 32.18 27.11 -0.43
C THR A 196 30.89 27.39 -1.18
N HIS A 197 30.18 28.42 -0.71
CA HIS A 197 28.85 28.75 -1.20
C HIS A 197 28.46 30.08 -0.62
N GLN A 198 27.62 30.82 -1.35
CA GLN A 198 27.10 32.13 -0.94
C GLN A 198 26.64 32.16 0.52
N GLY A 199 26.06 31.07 0.98
CA GLY A 199 25.51 31.01 2.32
C GLY A 199 26.45 30.47 3.41
N LEU A 200 27.71 30.23 3.07
CA LEU A 200 28.72 29.80 4.01
C LEU A 200 29.73 30.92 4.24
N SER A 201 29.88 31.35 5.47
CA SER A 201 30.79 32.45 5.74
C SER A 201 32.25 31.98 5.82
N SER A 202 32.46 30.66 5.84
CA SER A 202 33.79 30.10 5.67
C SER A 202 33.68 28.68 5.14
N PRO A 203 34.77 28.14 4.59
CA PRO A 203 34.63 26.85 3.89
C PRO A 203 34.25 25.71 4.84
N VAL A 204 33.50 24.76 4.31
CA VAL A 204 33.21 23.53 5.02
C VAL A 204 34.08 22.45 4.42
N THR A 205 34.83 21.78 5.27
CA THR A 205 35.69 20.68 4.85
C THR A 205 35.21 19.37 5.46
N LYS A 206 34.95 18.38 4.63
CA LYS A 206 34.76 17.02 5.13
C LYS A 206 35.94 16.21 4.66
N SER A 207 36.47 15.34 5.51
CA SER A 207 37.65 14.58 5.16
C SER A 207 37.67 13.23 5.85
N PHE A 208 38.52 12.35 5.36
CA PHE A 208 38.80 11.08 6.02
C PHE A 208 40.27 10.70 5.82
N ASN A 209 40.78 9.86 6.73
CA ASN A 209 42.09 9.25 6.58
C ASN A 209 41.95 7.84 6.07
N ARG A 210 42.54 7.56 4.91
CA ARG A 210 42.44 6.23 4.33
C ARG A 210 42.86 5.23 5.41
N GLY A 211 41.98 4.28 5.76
CA GLY A 211 42.18 3.41 6.91
C GLY A 211 41.14 3.66 8.01
N VAL B 2 -6.11 7.17 -21.15
CA VAL B 2 -5.23 7.13 -22.31
C VAL B 2 -3.79 6.79 -21.89
N GLN B 3 -3.20 5.74 -22.47
CA GLN B 3 -1.78 5.41 -22.25
C GLN B 3 -1.09 5.17 -23.58
N LEU B 4 0.12 5.68 -23.69
CA LEU B 4 0.96 5.49 -24.84
C LEU B 4 2.28 4.90 -24.38
N GLN B 5 2.45 3.60 -24.63
CA GLN B 5 3.60 2.86 -24.12
C GLN B 5 4.59 2.68 -25.24
N GLN B 6 5.77 3.29 -25.12
CA GLN B 6 6.79 3.21 -26.15
C GLN B 6 7.81 2.12 -25.86
N SER B 7 8.51 1.68 -26.91
CA SER B 7 9.55 0.67 -26.72
C SER B 7 10.78 1.26 -26.02
N GLY B 8 11.67 0.40 -25.55
CA GLY B 8 12.79 0.79 -24.70
C GLY B 8 13.95 1.40 -25.44
N PRO B 9 14.94 1.91 -24.69
CA PRO B 9 16.14 2.54 -25.24
C PRO B 9 16.93 1.64 -26.19
N GLU B 10 17.54 2.25 -27.19
CA GLU B 10 18.20 1.55 -28.27
C GLU B 10 19.64 2.08 -28.41
N LEU B 11 20.52 1.20 -28.87
CA LEU B 11 21.84 1.55 -29.34
C LEU B 11 21.96 0.98 -30.76
N GLU B 12 22.42 1.78 -31.70
CA GLU B 12 22.56 1.36 -33.10
C GLU B 12 23.85 1.91 -33.67
N LYS B 13 24.43 1.19 -34.61
CA LYS B 13 25.62 1.66 -35.27
C LYS B 13 25.25 2.65 -36.37
N PRO B 14 26.18 3.55 -36.73
CA PRO B 14 25.93 4.45 -37.85
C PRO B 14 25.60 3.63 -39.08
N GLY B 15 24.63 4.07 -39.87
CA GLY B 15 24.31 3.42 -41.13
C GLY B 15 23.16 2.47 -40.96
N ALA B 16 22.91 2.07 -39.72
CA ALA B 16 21.85 1.11 -39.44
C ALA B 16 20.48 1.75 -39.35
N SER B 17 19.49 0.95 -39.00
CA SER B 17 18.13 1.47 -38.85
C SER B 17 17.52 0.93 -37.57
N VAL B 18 16.47 1.56 -37.09
CA VAL B 18 15.78 1.03 -35.92
C VAL B 18 14.29 1.31 -36.08
N LYS B 19 13.48 0.37 -35.60
CA LYS B 19 12.03 0.54 -35.60
C LYS B 19 11.59 0.74 -34.15
N ILE B 20 10.91 1.83 -33.86
CA ILE B 20 10.40 2.02 -32.51
C ILE B 20 8.90 2.01 -32.50
N SER B 21 8.33 1.60 -31.37
CA SER B 21 6.89 1.42 -31.33
C SER B 21 6.23 2.20 -30.22
N CYS B 22 4.94 2.43 -30.42
CA CYS B 22 4.06 3.13 -29.48
C CYS B 22 2.75 2.37 -29.38
N LYS B 23 2.55 1.65 -28.27
CA LYS B 23 1.29 0.92 -28.09
C LYS B 23 0.27 1.81 -27.38
N ALA B 24 -0.82 2.07 -28.07
CA ALA B 24 -1.86 2.94 -27.54
C ALA B 24 -2.99 2.13 -26.90
N SER B 25 -3.43 2.58 -25.74
CA SER B 25 -4.53 1.92 -25.06
C SER B 25 -5.43 2.94 -24.38
N GLY B 26 -6.61 2.49 -23.97
CA GLY B 26 -7.53 3.33 -23.22
C GLY B 26 -8.37 4.24 -24.10
N TYR B 27 -8.21 4.12 -25.40
CA TYR B 27 -9.04 4.89 -26.33
C TYR B 27 -9.06 4.25 -27.70
N SER B 28 -9.96 4.75 -28.55
CA SER B 28 -10.10 4.25 -29.92
C SER B 28 -9.02 4.77 -30.85
N PHE B 29 -8.09 3.88 -31.16
CA PHE B 29 -6.90 4.20 -31.92
C PHE B 29 -7.16 5.04 -33.18
N THR B 30 -8.20 4.66 -33.93
CA THR B 30 -8.42 5.26 -35.24
C THR B 30 -9.19 6.59 -35.18
N GLY B 31 -9.56 7.02 -33.98
CA GLY B 31 -10.28 8.28 -33.84
C GLY B 31 -9.37 9.50 -33.73
N TYR B 32 -8.06 9.28 -33.73
CA TYR B 32 -7.10 10.33 -33.44
C TYR B 32 -5.88 10.19 -34.31
N THR B 33 -5.04 11.21 -34.36
CA THR B 33 -3.78 11.12 -35.07
C THR B 33 -2.68 10.68 -34.15
N MET B 34 -1.61 10.15 -34.75
CA MET B 34 -0.42 9.82 -33.99
C MET B 34 0.73 10.64 -34.55
N ASN B 35 1.39 11.41 -33.69
CA ASN B 35 2.50 12.25 -34.09
C ASN B 35 3.78 11.75 -33.48
N TRP B 36 4.90 12.12 -34.09
CA TRP B 36 6.22 11.75 -33.56
C TRP B 36 7.07 13.02 -33.47
N VAL B 37 7.82 13.13 -32.37
CA VAL B 37 8.56 14.33 -32.04
C VAL B 37 9.94 13.87 -31.59
N LYS B 38 10.97 14.56 -32.04
CA LYS B 38 12.36 14.39 -31.63
C LYS B 38 12.79 15.45 -30.63
N GLN B 39 13.35 15.01 -29.50
CA GLN B 39 13.93 15.94 -28.56
C GLN B 39 15.41 15.66 -28.50
N SER B 40 16.20 16.66 -28.84
CA SER B 40 17.66 16.59 -28.82
C SER B 40 18.25 17.26 -27.60
N HIS B 41 19.24 16.59 -27.00
CA HIS B 41 19.98 17.13 -25.86
C HIS B 41 19.09 17.60 -24.73
N GLY B 42 17.95 16.93 -24.58
CA GLY B 42 17.01 17.24 -23.54
C GLY B 42 16.42 18.63 -23.65
N LYS B 43 16.42 19.20 -24.86
CA LYS B 43 16.00 20.59 -25.06
C LYS B 43 15.09 20.73 -26.28
N SER B 44 15.69 20.92 -27.46
CA SER B 44 14.89 21.32 -28.62
C SER B 44 13.95 20.22 -29.10
N LEU B 45 12.72 20.61 -29.40
CA LEU B 45 11.68 19.70 -29.88
C LEU B 45 11.43 19.96 -31.37
N GLU B 46 11.41 18.91 -32.16
CA GLU B 46 11.08 18.98 -33.57
C GLU B 46 10.00 17.98 -33.92
N TRP B 47 9.03 18.41 -34.71
CA TRP B 47 7.95 17.55 -35.15
C TRP B 47 8.41 16.76 -36.37
N ILE B 48 8.32 15.44 -36.30
CA ILE B 48 8.80 14.60 -37.40
C ILE B 48 7.71 14.42 -38.45
N GLY B 49 6.52 14.10 -37.99
CA GLY B 49 5.39 13.88 -38.89
C GLY B 49 4.25 13.22 -38.16
N LEU B 50 3.17 12.94 -38.86
CA LEU B 50 2.04 12.25 -38.28
C LEU B 50 1.43 11.23 -39.19
N ILE B 51 0.64 10.35 -38.60
CA ILE B 51 -0.04 9.34 -39.35
C ILE B 51 -1.50 9.33 -38.87
N THR B 52 -2.41 9.10 -39.79
CA THR B 52 -3.82 8.95 -39.43
C THR B 52 -4.11 7.46 -39.48
N PRO B 53 -4.23 6.81 -38.30
CA PRO B 53 -4.30 5.35 -38.27
C PRO B 53 -5.44 4.76 -39.08
N TYR B 54 -6.54 5.48 -39.25
CA TYR B 54 -7.70 4.90 -39.94
C TYR B 54 -7.35 4.43 -41.35
N ASN B 55 -6.43 5.12 -42.02
CA ASN B 55 -6.05 4.73 -43.38
C ASN B 55 -4.53 4.61 -43.59
N GLY B 56 -3.73 4.88 -42.56
CA GLY B 56 -2.30 4.72 -42.68
C GLY B 56 -1.59 5.84 -43.44
N ALA B 57 -2.32 6.85 -43.90
CA ALA B 57 -1.70 7.99 -44.57
C ALA B 57 -0.87 8.81 -43.61
N SER B 58 0.21 9.40 -44.10
CA SER B 58 1.12 10.14 -43.23
C SER B 58 1.57 11.44 -43.87
N SER B 59 1.96 12.39 -43.03
CA SER B 59 2.44 13.69 -43.49
C SER B 59 3.72 13.98 -42.75
N TYR B 60 4.75 14.45 -43.44
CA TYR B 60 6.09 14.59 -42.83
C TYR B 60 6.61 16.02 -42.88
N ASN B 61 7.37 16.36 -41.85
CA ASN B 61 8.29 17.47 -41.91
C ASN B 61 9.33 17.09 -42.97
N GLN B 62 9.53 17.93 -43.99
CA GLN B 62 10.37 17.54 -45.10
C GLN B 62 11.81 17.21 -44.63
N LYS B 63 12.23 17.82 -43.53
CA LYS B 63 13.54 17.56 -42.95
C LYS B 63 13.69 16.06 -42.60
N PHE B 64 12.58 15.38 -42.33
CA PHE B 64 12.63 13.99 -41.90
C PHE B 64 12.12 12.97 -42.94
N ARG B 65 11.79 13.42 -44.15
CA ARG B 65 11.35 12.51 -45.20
C ARG B 65 12.50 11.60 -45.50
N GLY B 66 12.24 10.31 -45.62
CA GLY B 66 13.36 9.43 -45.91
C GLY B 66 14.28 9.15 -44.73
N LYS B 67 14.29 9.97 -43.69
CA LYS B 67 14.88 9.57 -42.40
C LYS B 67 13.91 8.71 -41.60
N ALA B 68 12.64 9.08 -41.64
CA ALA B 68 11.61 8.44 -40.83
C ALA B 68 10.50 7.91 -41.72
N THR B 69 9.98 6.74 -41.35
CA THR B 69 8.84 6.15 -42.04
C THR B 69 7.82 5.74 -40.98
N LEU B 70 6.59 6.23 -41.12
CA LEU B 70 5.54 5.95 -40.15
C LEU B 70 4.57 4.90 -40.67
N THR B 71 4.23 3.95 -39.81
CA THR B 71 3.22 2.96 -40.10
C THR B 71 2.39 2.66 -38.85
N VAL B 72 1.33 1.87 -39.01
CA VAL B 72 0.55 1.43 -37.86
C VAL B 72 0.14 -0.01 -38.02
N ASP B 73 -0.10 -0.67 -36.90
CA ASP B 73 -0.70 -2.01 -36.89
C ASP B 73 -2.01 -1.84 -36.13
N LYS B 74 -3.11 -1.74 -36.87
CA LYS B 74 -4.41 -1.49 -36.26
C LYS B 74 -4.89 -2.62 -35.34
N SER B 75 -4.47 -3.85 -35.62
CA SER B 75 -4.85 -4.98 -34.77
C SER B 75 -4.44 -4.78 -33.33
N SER B 76 -3.22 -4.27 -33.14
CA SER B 76 -2.65 -4.16 -31.80
C SER B 76 -2.62 -2.71 -31.35
N SER B 77 -3.33 -1.87 -32.10
CA SER B 77 -3.32 -0.42 -31.88
C SER B 77 -1.93 0.09 -31.59
N THR B 78 -0.99 -0.25 -32.47
CA THR B 78 0.40 0.18 -32.30
C THR B 78 0.84 1.05 -33.48
N ALA B 79 1.55 2.13 -33.19
CA ALA B 79 2.17 2.96 -34.23
C ALA B 79 3.66 2.69 -34.21
N TYR B 80 4.25 2.71 -35.40
CA TYR B 80 5.68 2.48 -35.54
C TYR B 80 6.37 3.60 -36.31
N MET B 81 7.63 3.85 -35.97
CA MET B 81 8.47 4.75 -36.74
C MET B 81 9.79 4.03 -37.00
N ASP B 82 10.13 3.90 -38.29
CA ASP B 82 11.43 3.41 -38.67
C ASP B 82 12.36 4.59 -38.92
N LEU B 83 13.53 4.56 -38.28
CA LEU B 83 14.59 5.56 -38.53
C LEU B 83 15.70 4.86 -39.35
N LEU B 84 16.03 5.44 -40.49
CA LEU B 84 16.95 4.84 -41.45
C LEU B 84 18.30 5.58 -41.53
N SER B 85 19.31 4.87 -42.00
CA SER B 85 20.62 5.46 -42.23
C SER B 85 21.05 6.32 -41.04
N LEU B 86 21.07 5.71 -39.86
CA LEU B 86 21.36 6.46 -38.66
C LEU B 86 22.74 7.11 -38.65
N THR B 87 22.79 8.34 -38.12
CA THR B 87 24.03 9.06 -37.91
C THR B 87 24.00 9.58 -36.46
N SER B 88 25.13 10.12 -36.00
CA SER B 88 25.18 10.61 -34.63
C SER B 88 24.11 11.69 -34.41
N GLU B 89 23.73 12.41 -35.46
CA GLU B 89 22.79 13.53 -35.33
C GLU B 89 21.39 13.02 -34.98
N ASP B 90 21.19 11.72 -35.14
CA ASP B 90 19.90 11.09 -34.84
C ASP B 90 19.80 10.64 -33.37
N SER B 91 20.90 10.78 -32.62
CA SER B 91 20.88 10.43 -31.18
C SER B 91 19.98 11.40 -30.44
N ALA B 92 18.90 10.89 -29.88
CA ALA B 92 17.91 11.78 -29.30
C ALA B 92 16.88 10.95 -28.58
N VAL B 93 15.90 11.60 -27.98
CA VAL B 93 14.74 10.90 -27.43
C VAL B 93 13.56 11.13 -28.33
N TYR B 94 12.89 10.05 -28.70
CA TYR B 94 11.77 10.16 -29.66
C TYR B 94 10.47 9.88 -28.95
N PHE B 95 9.51 10.81 -29.07
CA PHE B 95 8.20 10.68 -28.43
C PHE B 95 7.11 10.44 -29.49
N CYS B 96 6.15 9.58 -29.17
CA CYS B 96 4.90 9.55 -29.91
CA CYS B 96 4.88 9.51 -29.88
C CYS B 96 3.90 10.41 -29.11
N ALA B 97 2.94 11.01 -29.79
CA ALA B 97 1.99 11.85 -29.08
C ALA B 97 0.67 11.86 -29.83
N ARG B 98 -0.41 11.73 -29.10
CA ARG B 98 -1.73 11.71 -29.71
C ARG B 98 -2.16 13.12 -30.07
N GLY B 99 -2.70 13.27 -31.27
CA GLY B 99 -3.32 14.53 -31.67
C GLY B 99 -4.75 14.26 -32.09
N GLY B 100 -5.46 15.32 -32.46
CA GLY B 100 -6.85 15.20 -32.85
C GLY B 100 -7.11 15.82 -34.19
N TYR B 101 -8.35 15.68 -34.66
CA TYR B 101 -8.75 16.32 -35.90
C TYR B 101 -9.43 17.66 -35.60
N ASP B 102 -9.27 18.15 -34.37
CA ASP B 102 -10.04 19.31 -33.90
C ASP B 102 -9.19 20.41 -33.26
N GLY B 103 -7.92 20.49 -33.66
CA GLY B 103 -7.01 21.50 -33.14
C GLY B 103 -6.82 21.45 -31.62
N ARG B 104 -6.52 20.29 -31.09
CA ARG B 104 -6.43 20.12 -29.66
C ARG B 104 -4.95 20.10 -29.23
N GLY B 105 -4.03 20.25 -30.18
CA GLY B 105 -2.61 20.02 -29.91
C GLY B 105 -2.31 18.55 -29.62
N PHE B 106 -1.20 18.30 -28.95
CA PHE B 106 -0.83 16.93 -28.59
C PHE B 106 -1.27 16.63 -27.16
N ASP B 107 -2.38 15.93 -26.99
CA ASP B 107 -3.00 15.89 -25.65
C ASP B 107 -2.45 14.83 -24.71
N TYR B 108 -1.83 13.80 -25.28
CA TYR B 108 -1.13 12.77 -24.50
C TYR B 108 0.16 12.38 -25.16
N TRP B 109 1.22 12.29 -24.38
CA TRP B 109 2.51 11.87 -24.92
C TRP B 109 2.98 10.52 -24.37
N GLY B 110 3.69 9.76 -25.20
CA GLY B 110 4.35 8.56 -24.74
C GLY B 110 5.52 8.86 -23.83
N SER B 111 6.06 7.78 -23.31
CA SER B 111 7.15 7.82 -22.33
C SER B 111 8.50 8.22 -22.93
N GLY B 112 8.63 8.17 -24.26
CA GLY B 112 9.88 8.52 -24.90
C GLY B 112 10.79 7.31 -25.13
N THR B 113 11.41 7.23 -26.30
CA THR B 113 12.39 6.18 -26.60
C THR B 113 13.75 6.83 -26.91
N PRO B 114 14.72 6.69 -26.01
CA PRO B 114 16.09 7.18 -26.30
C PRO B 114 16.74 6.30 -27.34
N VAL B 115 17.35 6.91 -28.33
CA VAL B 115 18.14 6.20 -29.32
C VAL B 115 19.51 6.83 -29.32
N THR B 116 20.54 6.01 -29.13
CA THR B 116 21.93 6.48 -29.25
C THR B 116 22.55 5.82 -30.46
N VAL B 117 23.22 6.59 -31.30
CA VAL B 117 23.87 6.07 -32.49
C VAL B 117 25.38 6.18 -32.27
N SER B 118 26.06 5.05 -32.30
CA SER B 118 27.48 5.00 -32.00
C SER B 118 28.06 3.70 -32.52
N SER B 119 29.32 3.71 -32.88
CA SER B 119 29.98 2.47 -33.26
C SER B 119 30.46 1.70 -32.02
N ALA B 120 30.36 2.31 -30.84
CA ALA B 120 30.77 1.63 -29.60
C ALA B 120 29.71 0.64 -29.11
N SER B 121 30.18 -0.43 -28.49
CA SER B 121 29.29 -1.48 -28.03
C SER B 121 28.66 -1.12 -26.68
N THR B 122 27.55 -1.76 -26.37
CA THR B 122 26.92 -1.55 -25.08
C THR B 122 27.74 -2.14 -23.95
N LYS B 123 27.60 -1.54 -22.78
CA LYS B 123 28.27 -2.04 -21.58
C LYS B 123 27.42 -1.75 -20.37
N GLY B 124 27.14 -2.78 -19.58
CA GLY B 124 26.36 -2.62 -18.38
C GLY B 124 27.21 -2.07 -17.26
N PRO B 125 26.57 -1.51 -16.25
CA PRO B 125 27.33 -0.78 -15.23
C PRO B 125 27.91 -1.67 -14.14
N SER B 126 29.00 -1.22 -13.56
CA SER B 126 29.46 -1.73 -12.27
C SER B 126 28.81 -0.88 -11.18
N VAL B 127 28.32 -1.51 -10.12
CA VAL B 127 27.64 -0.75 -9.08
C VAL B 127 28.38 -0.95 -7.78
N PHE B 128 28.76 0.16 -7.14
CA PHE B 128 29.54 0.11 -5.93
C PHE B 128 28.81 0.85 -4.82
N PRO B 129 29.01 0.43 -3.56
CA PRO B 129 28.26 1.11 -2.50
C PRO B 129 28.88 2.46 -2.14
N LEU B 130 28.03 3.42 -1.79
CA LEU B 130 28.48 4.61 -1.12
C LEU B 130 28.03 4.40 0.32
N ALA B 131 28.90 3.84 1.15
CA ALA B 131 28.46 3.31 2.44
C ALA B 131 28.27 4.41 3.46
N PRO B 132 27.21 4.32 4.27
CA PRO B 132 27.04 5.34 5.30
C PRO B 132 28.10 5.19 6.37
N SER B 133 28.60 6.31 6.85
CA SER B 133 29.59 6.29 7.91
C SER B 133 29.39 7.50 8.81
N SER B 134 30.27 7.67 9.78
CA SER B 134 30.25 8.87 10.60
C SER B 134 30.57 10.12 9.74
N LYS B 135 31.20 9.90 8.59
CA LYS B 135 31.58 11.02 7.72
C LYS B 135 30.46 11.32 6.70
N SER B 136 29.40 10.52 6.75
CA SER B 136 28.19 10.81 5.98
C SER B 136 26.98 10.89 6.93
N THR B 137 27.25 11.26 8.18
CA THR B 137 26.22 11.44 9.19
C THR B 137 26.24 12.86 9.73
N SER B 138 25.06 13.34 10.14
CA SER B 138 24.91 14.70 10.66
C SER B 138 23.58 14.82 11.39
N GLY B 139 23.65 15.12 12.69
CA GLY B 139 22.46 15.34 13.48
C GLY B 139 21.36 14.32 13.23
N GLY B 140 21.67 13.06 13.45
CA GLY B 140 20.68 11.99 13.31
C GLY B 140 20.27 11.67 11.88
N THR B 141 20.89 12.33 10.89
CA THR B 141 20.65 11.98 9.49
C THR B 141 21.90 11.34 8.89
N ALA B 142 21.72 10.28 8.11
CA ALA B 142 22.84 9.68 7.41
C ALA B 142 22.57 9.63 5.91
N ALA B 143 23.63 9.77 5.12
CA ALA B 143 23.51 9.64 3.67
C ALA B 143 24.21 8.36 3.23
N LEU B 144 23.62 7.69 2.25
CA LEU B 144 24.20 6.50 1.64
C LEU B 144 23.80 6.51 0.19
N GLY B 145 24.39 5.62 -0.61
CA GLY B 145 24.07 5.62 -2.02
C GLY B 145 24.74 4.47 -2.76
N CYS B 146 24.60 4.53 -4.08
CA CYS B 146 25.28 3.62 -4.99
CA CYS B 146 25.34 3.63 -4.93
C CYS B 146 25.93 4.43 -6.11
N LEU B 147 27.14 4.05 -6.48
CA LEU B 147 27.86 4.63 -7.57
C LEU B 147 27.71 3.69 -8.74
N VAL B 148 27.17 4.21 -9.83
CA VAL B 148 26.87 3.41 -11.00
C VAL B 148 27.87 3.82 -12.04
N LYS B 149 28.87 2.97 -12.25
CA LYS B 149 30.05 3.38 -12.99
C LYS B 149 30.21 2.64 -14.32
N ASP B 150 30.67 3.40 -15.34
CA ASP B 150 31.18 2.83 -16.59
C ASP B 150 30.17 2.03 -17.41
N TYR B 151 29.06 2.67 -17.77
CA TYR B 151 28.08 2.02 -18.65
C TYR B 151 27.93 2.80 -19.94
N PHE B 152 27.32 2.15 -20.94
CA PHE B 152 27.08 2.78 -22.24
C PHE B 152 26.01 2.00 -22.98
N PRO B 153 25.04 2.69 -23.61
CA PRO B 153 24.81 4.13 -23.66
C PRO B 153 23.85 4.52 -22.53
N GLU B 154 23.44 5.78 -22.50
CA GLU B 154 22.34 6.17 -21.66
C GLU B 154 21.08 5.46 -22.14
N PRO B 155 20.08 5.31 -21.26
CA PRO B 155 20.01 5.76 -19.88
C PRO B 155 20.09 4.60 -18.87
N VAL B 156 20.27 4.98 -17.62
CA VAL B 156 20.15 4.06 -16.49
C VAL B 156 19.06 4.64 -15.63
N THR B 157 18.20 3.79 -15.06
CA THR B 157 17.30 4.28 -14.02
C THR B 157 17.63 3.60 -12.69
N VAL B 158 17.37 4.32 -11.60
CA VAL B 158 17.66 3.79 -10.28
C VAL B 158 16.48 3.96 -9.36
N SER B 159 16.13 2.90 -8.62
CA SER B 159 15.16 3.02 -7.55
C SER B 159 15.78 2.45 -6.27
N TRP B 160 15.14 2.70 -5.14
CA TRP B 160 15.58 2.17 -3.86
C TRP B 160 14.51 1.26 -3.24
N ASN B 161 14.94 0.08 -2.80
CA ASN B 161 14.01 -0.86 -2.17
C ASN B 161 12.80 -1.09 -3.05
N SER B 162 13.06 -1.25 -4.35
CA SER B 162 12.02 -1.56 -5.33
C SER B 162 10.94 -0.50 -5.40
N GLY B 163 11.28 0.74 -5.10
CA GLY B 163 10.38 1.85 -5.26
C GLY B 163 9.67 2.22 -3.97
N ALA B 164 9.93 1.45 -2.91
CA ALA B 164 9.30 1.74 -1.63
C ALA B 164 9.99 2.86 -0.88
N LEU B 165 11.19 3.23 -1.31
CA LEU B 165 11.89 4.36 -0.70
C LEU B 165 12.08 5.44 -1.74
N THR B 166 11.41 6.57 -1.55
CA THR B 166 11.48 7.68 -2.51
C THR B 166 11.84 9.01 -1.85
N SER B 167 11.43 9.18 -0.58
CA SER B 167 11.69 10.41 0.11
C SER B 167 13.20 10.56 0.32
N GLY B 168 13.74 11.71 -0.08
CA GLY B 168 15.13 12.01 0.16
C GLY B 168 16.09 11.37 -0.83
N VAL B 169 15.57 10.76 -1.89
CA VAL B 169 16.43 10.20 -2.92
C VAL B 169 16.86 11.28 -3.91
N HIS B 170 18.13 11.33 -4.25
CA HIS B 170 18.60 12.16 -5.35
C HIS B 170 19.40 11.27 -6.26
N THR B 171 18.97 11.14 -7.50
CA THR B 171 19.73 10.43 -8.51
C THR B 171 20.25 11.48 -9.49
N PHE B 172 21.57 11.56 -9.61
CA PHE B 172 22.24 12.63 -10.35
C PHE B 172 22.25 12.31 -11.83
N PRO B 173 22.20 13.36 -12.67
CA PRO B 173 22.39 13.16 -14.12
C PRO B 173 23.75 12.53 -14.35
N ALA B 174 23.87 11.68 -15.36
CA ALA B 174 25.13 11.04 -15.64
C ALA B 174 26.14 12.05 -16.16
N VAL B 175 27.42 11.74 -15.96
CA VAL B 175 28.48 12.48 -16.62
C VAL B 175 29.15 11.55 -17.61
N LEU B 176 29.63 12.11 -18.70
CA LEU B 176 30.38 11.37 -19.69
C LEU B 176 31.84 11.44 -19.30
N GLN B 177 32.48 10.29 -19.12
CA GLN B 177 33.87 10.27 -18.68
C GLN B 177 34.80 10.34 -19.88
N SER B 178 36.09 10.56 -19.64
CA SER B 178 37.08 10.63 -20.70
C SER B 178 37.15 9.32 -21.47
N SER B 179 36.71 8.24 -20.84
CA SER B 179 36.74 6.91 -21.44
C SER B 179 35.65 6.70 -22.50
N GLY B 180 34.71 7.63 -22.57
CA GLY B 180 33.55 7.43 -23.43
C GLY B 180 32.40 6.69 -22.75
N LEU B 181 32.55 6.40 -21.46
CA LEU B 181 31.49 5.73 -20.71
C LEU B 181 30.85 6.70 -19.74
N TYR B 182 29.59 6.44 -19.37
CA TYR B 182 28.91 7.26 -18.40
C TYR B 182 29.05 6.72 -16.98
N SER B 183 28.82 7.61 -16.01
CA SER B 183 28.70 7.24 -14.61
C SER B 183 27.73 8.20 -13.94
N LEU B 184 27.03 7.69 -12.94
CA LEU B 184 26.18 8.52 -12.11
C LEU B 184 26.17 7.94 -10.71
N SER B 185 25.63 8.70 -9.76
CA SER B 185 25.37 8.17 -8.46
C SER B 185 23.98 8.47 -8.02
N SER B 186 23.49 7.64 -7.09
CA SER B 186 22.18 7.89 -6.50
C SER B 186 22.37 7.82 -5.02
N VAL B 187 21.84 8.80 -4.31
CA VAL B 187 22.01 8.86 -2.87
C VAL B 187 20.67 9.05 -2.19
N VAL B 188 20.63 8.77 -0.89
CA VAL B 188 19.41 8.96 -0.14
C VAL B 188 19.82 9.31 1.27
N THR B 189 19.06 10.19 1.92
CA THR B 189 19.31 10.49 3.32
C THR B 189 18.24 9.79 4.14
N VAL B 190 18.68 9.15 5.21
CA VAL B 190 17.78 8.34 6.03
C VAL B 190 18.12 8.57 7.50
N PRO B 191 17.22 8.19 8.40
CA PRO B 191 17.57 8.42 9.81
C PRO B 191 18.72 7.50 10.27
N SER B 192 19.72 8.08 10.91
CA SER B 192 20.88 7.32 11.40
C SER B 192 20.46 6.09 12.21
N SER B 193 19.42 6.22 13.00
CA SER B 193 18.98 5.13 13.86
C SER B 193 18.49 3.92 13.06
N SER B 194 18.19 4.11 11.78
CA SER B 194 17.63 3.03 10.99
C SER B 194 18.73 2.12 10.43
N LEU B 195 19.98 2.54 10.56
CA LEU B 195 21.06 1.88 9.83
C LEU B 195 21.27 0.45 10.28
N GLY B 196 21.05 0.18 11.55
CA GLY B 196 21.24 -1.17 12.05
C GLY B 196 20.10 -2.12 11.70
N THR B 197 18.94 -1.56 11.39
CA THR B 197 17.71 -2.35 11.29
C THR B 197 17.14 -2.40 9.88
N GLN B 198 17.23 -1.30 9.14
CA GLN B 198 16.57 -1.21 7.83
C GLN B 198 17.52 -1.59 6.70
N THR B 199 17.05 -2.43 5.81
CA THR B 199 17.84 -2.78 4.63
C THR B 199 17.67 -1.74 3.52
N TYR B 200 18.78 -1.37 2.90
CA TYR B 200 18.75 -0.43 1.77
C TYR B 200 19.40 -1.05 0.55
N ILE B 201 18.62 -1.18 -0.52
CA ILE B 201 19.08 -1.79 -1.75
C ILE B 201 18.81 -0.85 -2.90
N CYS B 202 19.84 -0.59 -3.70
CA CYS B 202 19.58 0.22 -4.89
C CYS B 202 19.38 -0.72 -6.04
N ASN B 203 18.39 -0.40 -6.89
CA ASN B 203 18.01 -1.23 -8.03
C ASN B 203 18.33 -0.45 -9.30
N VAL B 204 19.27 -0.96 -10.07
CA VAL B 204 19.81 -0.24 -11.20
C VAL B 204 19.42 -0.95 -12.48
N ASN B 205 18.71 -0.24 -13.36
CA ASN B 205 18.22 -0.81 -14.59
C ASN B 205 18.98 -0.23 -15.78
N HIS B 206 19.63 -1.08 -16.56
CA HIS B 206 20.26 -0.62 -17.79
C HIS B 206 19.76 -1.42 -18.98
N LYS B 207 18.63 -0.99 -19.52
CA LYS B 207 17.96 -1.72 -20.59
C LYS B 207 18.79 -1.95 -21.86
N PRO B 208 19.62 -0.98 -22.25
CA PRO B 208 20.40 -1.22 -23.48
C PRO B 208 21.31 -2.44 -23.38
N SER B 209 21.80 -2.79 -22.19
CA SER B 209 22.65 -3.97 -22.07
C SER B 209 21.87 -5.16 -21.50
N ASN B 210 20.55 -5.02 -21.38
CA ASN B 210 19.69 -6.09 -20.85
C ASN B 210 20.11 -6.49 -19.43
N THR B 211 20.52 -5.51 -18.63
CA THR B 211 21.06 -5.79 -17.33
C THR B 211 20.28 -5.08 -16.24
N LYS B 212 20.06 -5.77 -15.13
CA LYS B 212 19.59 -5.09 -13.92
C LYS B 212 20.47 -5.53 -12.76
N VAL B 213 20.87 -4.58 -11.92
CA VAL B 213 21.70 -4.90 -10.77
C VAL B 213 21.04 -4.41 -9.50
N ASP B 214 20.98 -5.27 -8.49
CA ASP B 214 20.54 -4.87 -7.14
C ASP B 214 21.79 -4.86 -6.26
N LYS B 215 21.99 -3.81 -5.49
CA LYS B 215 23.15 -3.74 -4.63
C LYS B 215 22.71 -3.35 -3.21
N LYS B 216 23.03 -4.18 -2.25
CA LYS B 216 22.68 -3.87 -0.85
C LYS B 216 23.79 -2.99 -0.33
N VAL B 217 23.42 -1.90 0.33
CA VAL B 217 24.39 -0.94 0.83
C VAL B 217 24.34 -0.94 2.35
N GLU B 218 25.46 -1.30 2.97
CA GLU B 218 25.54 -1.46 4.41
C GLU B 218 26.60 -0.54 4.99
N PRO B 219 26.46 -0.18 6.27
CA PRO B 219 27.43 0.65 6.98
C PRO B 219 28.81 0.06 6.91
N LYS B 220 29.83 0.91 6.98
CA LYS B 220 31.21 0.44 7.13
C LYS B 220 31.62 -0.46 5.98
N ASP C 1 -16.45 -35.33 34.10
CA ASP C 1 -15.59 -34.63 33.15
C ASP C 1 -14.19 -34.54 33.72
N ILE C 2 -13.20 -34.60 32.84
CA ILE C 2 -11.83 -34.33 33.26
C ILE C 2 -11.64 -32.85 33.53
N GLU C 3 -11.26 -32.51 34.75
CA GLU C 3 -10.99 -31.13 35.12
C GLU C 3 -9.50 -30.86 34.91
N LEU C 4 -9.22 -29.75 34.24
CA LEU C 4 -7.84 -29.33 33.98
C LEU C 4 -7.53 -28.06 34.78
N THR C 5 -6.58 -28.17 35.70
CA THR C 5 -6.21 -27.05 36.53
C THR C 5 -4.89 -26.51 36.07
N GLN C 6 -4.88 -25.24 35.69
CA GLN C 6 -3.67 -24.59 35.21
C GLN C 6 -3.02 -23.72 36.27
N SER C 7 -1.70 -23.81 36.37
CA SER C 7 -0.95 -23.07 37.35
C SER C 7 0.35 -22.60 36.74
N PRO C 8 0.81 -21.40 37.12
CA PRO C 8 0.08 -20.44 37.94
C PRO C 8 -1.08 -19.84 37.14
N ALA C 9 -2.05 -19.25 37.82
CA ALA C 9 -3.12 -18.54 37.10
C ALA C 9 -2.56 -17.32 36.35
N ILE C 10 -1.62 -16.62 36.99
CA ILE C 10 -1.00 -15.45 36.39
C ILE C 10 0.48 -15.47 36.66
N MET C 11 1.24 -15.19 35.63
CA MET C 11 2.67 -15.23 35.68
C MET C 11 3.17 -13.91 35.11
N SER C 12 4.24 -13.39 35.69
CA SER C 12 4.92 -12.21 35.18
C SER C 12 6.38 -12.55 34.95
N ALA C 13 6.88 -12.33 33.73
CA ALA C 13 8.24 -12.73 33.38
C ALA C 13 8.99 -11.63 32.65
N SER C 14 10.27 -11.46 32.97
CA SER C 14 11.13 -10.55 32.19
C SER C 14 11.57 -11.19 30.89
N PRO C 15 11.79 -10.38 29.85
CA PRO C 15 12.30 -10.96 28.61
C PRO C 15 13.59 -11.70 28.88
N GLY C 16 13.77 -12.86 28.26
CA GLY C 16 15.00 -13.62 28.44
C GLY C 16 14.92 -14.69 29.52
N GLU C 17 13.94 -14.60 30.43
CA GLU C 17 13.74 -15.60 31.47
C GLU C 17 13.08 -16.85 30.92
N LYS C 18 13.41 -17.99 31.52
CA LYS C 18 12.75 -19.25 31.22
C LYS C 18 11.57 -19.42 32.14
N VAL C 19 10.42 -19.76 31.58
CA VAL C 19 9.27 -20.02 32.42
C VAL C 19 8.47 -21.23 32.01
N THR C 20 7.84 -21.86 32.99
CA THR C 20 7.05 -23.05 32.72
C THR C 20 5.70 -22.95 33.41
N MET C 21 4.65 -23.26 32.66
CA MET C 21 3.31 -23.34 33.23
C MET C 21 2.83 -24.78 33.15
N THR C 22 1.90 -25.11 34.03
CA THR C 22 1.50 -26.51 34.21
C THR C 22 0.00 -26.70 34.06
N CYS C 23 -0.40 -27.85 33.52
CA CYS C 23 -1.80 -28.27 33.43
C CYS C 23 -1.90 -29.59 34.19
N SER C 24 -2.64 -29.59 35.30
CA SER C 24 -2.86 -30.80 36.07
C SER C 24 -4.28 -31.33 35.84
N ALA C 25 -4.40 -32.60 35.46
CA ALA C 25 -5.70 -33.20 35.14
C ALA C 25 -6.21 -34.08 36.30
N SER C 26 -7.51 -34.20 36.40
CA SER C 26 -8.15 -34.95 37.47
C SER C 26 -8.09 -36.45 37.23
N SER C 27 -7.72 -36.85 36.02
CA SER C 27 -7.32 -38.23 35.80
C SER C 27 -6.32 -38.25 34.66
N SER C 28 -5.78 -39.42 34.35
CA SER C 28 -4.71 -39.51 33.37
C SER C 28 -5.19 -39.12 31.98
N VAL C 29 -4.32 -38.44 31.25
CA VAL C 29 -4.59 -38.07 29.87
C VAL C 29 -3.31 -38.24 29.07
N SER C 30 -3.38 -38.04 27.75
CA SER C 30 -2.18 -38.05 26.90
C SER C 30 -2.36 -37.08 25.77
N TYR C 31 -1.23 -36.67 25.19
CA TYR C 31 -1.29 -35.85 23.99
C TYR C 31 -2.10 -34.58 24.24
N MET C 32 -1.73 -33.84 25.29
CA MET C 32 -2.38 -32.58 25.63
C MET C 32 -2.17 -31.52 24.53
N HIS C 33 -3.18 -30.69 24.28
CA HIS C 33 -3.04 -29.57 23.34
C HIS C 33 -3.02 -28.24 24.07
N TRP C 34 -2.42 -27.22 23.45
CA TRP C 34 -2.33 -25.90 24.05
C TRP C 34 -2.68 -24.83 23.04
N TYR C 35 -3.42 -23.82 23.47
CA TYR C 35 -3.84 -22.70 22.62
C TYR C 35 -3.36 -21.40 23.22
N GLN C 36 -2.94 -20.49 22.36
CA GLN C 36 -2.64 -19.12 22.77
C GLN C 36 -3.79 -18.19 22.39
N GLN C 37 -4.24 -17.35 23.31
CA GLN C 37 -5.24 -16.36 22.98
C GLN C 37 -4.83 -15.00 23.47
N LYS C 38 -4.68 -14.08 22.51
CA LYS C 38 -4.46 -12.67 22.83
C LYS C 38 -5.80 -11.94 23.00
N SER C 39 -5.81 -10.89 23.80
CA SER C 39 -7.04 -10.16 24.08
C SER C 39 -7.74 -9.73 22.80
N GLY C 40 -9.04 -9.98 22.72
CA GLY C 40 -9.83 -9.52 21.59
C GLY C 40 -9.64 -10.36 20.33
N THR C 41 -8.96 -11.50 20.44
CA THR C 41 -8.70 -12.36 19.28
C THR C 41 -9.16 -13.78 19.57
N SER C 42 -9.23 -14.60 18.52
CA SER C 42 -9.56 -16.02 18.66
C SER C 42 -8.34 -16.79 19.11
N PRO C 43 -8.55 -17.89 19.84
CA PRO C 43 -7.43 -18.76 20.19
C PRO C 43 -6.75 -19.29 18.94
N LYS C 44 -5.43 -19.51 19.01
CA LYS C 44 -4.67 -20.16 17.94
C LYS C 44 -4.04 -21.43 18.52
N ARG C 45 -4.10 -22.53 17.77
CA ARG C 45 -3.40 -23.76 18.16
C ARG C 45 -1.94 -23.43 18.30
N TRP C 46 -1.32 -23.85 19.40
CA TRP C 46 0.06 -23.49 19.70
C TRP C 46 0.95 -24.71 19.80
N ILE C 47 0.61 -25.60 20.72
CA ILE C 47 1.28 -26.91 20.80
C ILE C 47 0.21 -27.99 20.78
N TYR C 48 0.47 -29.08 20.06
CA TYR C 48 -0.51 -30.13 20.03
C TYR C 48 0.17 -31.49 20.15
N ASP C 49 -0.60 -32.50 20.56
CA ASP C 49 -0.03 -33.82 20.84
C ASP C 49 1.15 -33.71 21.78
N THR C 50 0.97 -32.92 22.83
CA THR C 50 1.93 -32.75 23.92
C THR C 50 3.11 -31.85 23.57
N SER C 51 3.75 -32.09 22.44
CA SER C 51 5.03 -31.43 22.19
C SER C 51 5.22 -30.91 20.76
N LYS C 52 4.22 -31.05 19.90
CA LYS C 52 4.41 -30.62 18.53
C LYS C 52 4.00 -29.17 18.39
N LEU C 53 4.83 -28.40 17.67
CA LEU C 53 4.54 -26.99 17.45
C LEU C 53 3.67 -26.79 16.23
N ALA C 54 2.68 -25.91 16.34
CA ALA C 54 1.88 -25.52 15.18
C ALA C 54 2.71 -24.63 14.26
N SER C 55 2.28 -24.51 13.01
CA SER C 55 3.03 -23.74 12.03
C SER C 55 3.13 -22.29 12.48
N GLY C 56 4.36 -21.76 12.49
CA GLY C 56 4.56 -20.36 12.79
C GLY C 56 4.82 -20.09 14.27
N VAL C 57 4.71 -21.12 15.09
CA VAL C 57 5.00 -20.98 16.51
C VAL C 57 6.53 -20.96 16.75
N PRO C 58 7.01 -19.96 17.49
CA PRO C 58 8.47 -19.85 17.66
C PRO C 58 9.06 -21.03 18.41
N GLY C 59 10.32 -21.35 18.09
CA GLY C 59 11.02 -22.49 18.65
C GLY C 59 11.35 -22.37 20.13
N ARG C 60 11.14 -21.19 20.74
CA ARG C 60 11.35 -21.03 22.18
C ARG C 60 10.23 -21.69 23.00
N PHE C 61 9.15 -22.07 22.34
CA PHE C 61 8.07 -22.81 22.99
C PHE C 61 8.31 -24.33 22.94
N SER C 62 7.94 -25.01 24.02
CA SER C 62 7.98 -26.47 24.04
C SER C 62 6.92 -27.01 24.99
N GLY C 63 6.56 -28.26 24.81
CA GLY C 63 5.60 -28.92 25.67
C GLY C 63 6.06 -30.31 26.02
N SER C 64 5.69 -30.77 27.21
CA SER C 64 6.04 -32.11 27.65
C SER C 64 5.02 -32.53 28.69
N GLY C 65 5.10 -33.78 29.10
CA GLY C 65 4.30 -34.25 30.21
C GLY C 65 4.00 -35.72 30.11
N SER C 66 3.35 -36.23 31.15
CA SER C 66 2.97 -37.64 31.24
C SER C 66 1.97 -37.79 32.37
N GLY C 67 1.27 -38.91 32.39
CA GLY C 67 0.32 -39.17 33.46
C GLY C 67 -0.76 -38.11 33.45
N ASN C 68 -0.87 -37.38 34.56
CA ASN C 68 -1.88 -36.35 34.69
C ASN C 68 -1.30 -34.94 34.67
N SER C 69 -0.03 -34.80 34.31
CA SER C 69 0.68 -33.53 34.46
C SER C 69 1.44 -33.13 33.20
N TYR C 70 0.98 -32.06 32.56
CA TYR C 70 1.56 -31.56 31.31
C TYR C 70 2.05 -30.14 31.47
N SER C 71 3.07 -29.77 30.71
CA SER C 71 3.62 -28.43 30.87
C SER C 71 3.92 -27.71 29.54
N LEU C 72 3.92 -26.38 29.61
CA LEU C 72 4.32 -25.56 28.46
C LEU C 72 5.42 -24.62 28.92
N THR C 73 6.53 -24.65 28.21
CA THR C 73 7.71 -23.89 28.62
C THR C 73 8.07 -22.89 27.53
N ILE C 74 8.43 -21.70 27.96
CA ILE C 74 9.03 -20.71 27.07
C ILE C 74 10.48 -20.57 27.49
N SER C 75 11.39 -20.93 26.61
CA SER C 75 12.81 -21.07 26.99
C SER C 75 13.41 -19.70 27.29
N SER C 76 12.87 -18.66 26.66
CA SER C 76 13.40 -17.32 26.80
C SER C 76 12.32 -16.35 26.33
N VAL C 77 11.61 -15.76 27.28
CA VAL C 77 10.40 -15.02 26.99
C VAL C 77 10.67 -13.76 26.19
N GLU C 78 9.74 -13.44 25.29
CA GLU C 78 9.81 -12.22 24.51
C GLU C 78 8.55 -11.40 24.79
N ALA C 79 8.63 -10.09 24.57
CA ALA C 79 7.50 -9.20 24.83
C ALA C 79 6.23 -9.67 24.11
N GLU C 80 6.38 -10.27 22.92
CA GLU C 80 5.21 -10.69 22.14
C GLU C 80 4.52 -11.95 22.72
N ASP C 81 5.08 -12.53 23.77
CA ASP C 81 4.49 -13.74 24.35
C ASP C 81 3.35 -13.50 25.34
N ASP C 82 3.03 -12.23 25.61
CA ASP C 82 1.91 -11.94 26.52
C ASP C 82 0.59 -12.39 25.91
N ALA C 83 -0.14 -13.18 26.66
CA ALA C 83 -1.33 -13.89 26.18
C ALA C 83 -1.85 -14.75 27.31
N THR C 84 -3.03 -15.32 27.11
CA THR C 84 -3.48 -16.39 27.98
C THR C 84 -3.32 -17.70 27.22
N TYR C 85 -2.78 -18.71 27.91
CA TYR C 85 -2.52 -20.03 27.32
C TYR C 85 -3.47 -21.04 27.97
N TYR C 86 -4.15 -21.80 27.13
CA TYR C 86 -5.11 -22.81 27.60
C TYR C 86 -4.68 -24.20 27.18
N CYS C 87 -4.75 -25.15 28.11
CA CYS C 87 -4.58 -26.55 27.73
C CYS C 87 -5.94 -27.16 27.40
N GLN C 88 -5.90 -28.29 26.71
CA GLN C 88 -7.11 -28.98 26.32
C GLN C 88 -6.83 -30.48 26.17
N GLN C 89 -7.72 -31.31 26.72
CA GLN C 89 -7.56 -32.77 26.62
C GLN C 89 -8.60 -33.38 25.71
N TRP C 90 -8.23 -34.48 25.08
CA TRP C 90 -9.16 -35.22 24.24
C TRP C 90 -9.07 -36.71 24.55
N SER C 91 -8.74 -37.04 25.79
CA SER C 91 -8.70 -38.43 26.21
C SER C 91 -10.07 -38.98 26.60
N LYS C 92 -10.93 -38.13 27.14
CA LYS C 92 -12.28 -38.58 27.50
C LYS C 92 -13.34 -37.59 27.09
N HIS C 93 -14.50 -38.11 26.72
CA HIS C 93 -15.66 -37.30 26.39
C HIS C 93 -16.26 -36.80 27.72
N PRO C 94 -16.59 -35.51 27.81
CA PRO C 94 -16.41 -34.48 26.78
C PRO C 94 -15.00 -33.87 26.80
N LEU C 95 -14.60 -33.30 25.67
CA LEU C 95 -13.37 -32.51 25.62
C LEU C 95 -13.49 -31.37 26.58
N THR C 96 -12.39 -31.00 27.22
CA THR C 96 -12.41 -29.95 28.22
C THR C 96 -11.14 -29.13 28.11
N PHE C 97 -11.22 -27.90 28.57
CA PHE C 97 -10.09 -26.97 28.54
C PHE C 97 -9.70 -26.60 29.96
N GLY C 98 -8.45 -26.19 30.13
CA GLY C 98 -8.01 -25.67 31.40
C GLY C 98 -8.51 -24.27 31.65
N SER C 99 -8.22 -23.77 32.85
CA SER C 99 -8.68 -22.49 33.31
C SER C 99 -7.81 -21.34 32.77
N GLY C 100 -6.72 -21.66 32.11
CA GLY C 100 -5.86 -20.63 31.54
C GLY C 100 -4.74 -20.14 32.44
N THR C 101 -3.59 -19.90 31.84
CA THR C 101 -2.51 -19.19 32.49
C THR C 101 -2.28 -17.91 31.73
N LYS C 102 -2.43 -16.78 32.41
CA LYS C 102 -2.17 -15.51 31.79
C LYS C 102 -0.71 -15.11 32.01
N VAL C 103 -0.01 -14.80 30.93
CA VAL C 103 1.40 -14.39 30.98
C VAL C 103 1.52 -12.87 30.71
N GLU C 104 2.05 -12.16 31.69
CA GLU C 104 2.37 -10.75 31.54
C GLU C 104 3.88 -10.58 31.41
N ILE C 105 4.31 -9.58 30.65
CA ILE C 105 5.74 -9.36 30.45
C ILE C 105 6.22 -8.22 31.33
N LYS C 106 7.26 -8.45 32.10
CA LYS C 106 7.86 -7.35 32.87
C LYS C 106 8.66 -6.42 32.00
N ARG C 107 8.74 -5.17 32.43
CA ARG C 107 9.62 -4.20 31.81
C ARG C 107 9.99 -3.16 32.85
N THR C 108 10.87 -2.24 32.49
CA THR C 108 11.25 -1.19 33.43
C THR C 108 10.06 -0.29 33.72
N VAL C 109 10.03 0.24 34.95
CA VAL C 109 8.95 1.14 35.35
C VAL C 109 8.86 2.33 34.40
N ALA C 110 7.62 2.69 34.05
CA ALA C 110 7.35 3.85 33.24
C ALA C 110 6.17 4.59 33.79
N ALA C 111 6.37 5.85 34.15
CA ALA C 111 5.30 6.68 34.69
C ALA C 111 4.39 7.09 33.54
N PRO C 112 3.11 7.30 33.82
CA PRO C 112 2.18 7.63 32.72
C PRO C 112 2.33 9.06 32.25
N SER C 113 2.10 9.28 30.95
CA SER C 113 1.82 10.62 30.45
C SER C 113 0.32 10.87 30.63
N VAL C 114 -0.04 12.03 31.13
CA VAL C 114 -1.45 12.30 31.44
C VAL C 114 -2.04 13.39 30.54
N PHE C 115 -3.23 13.12 30.00
CA PHE C 115 -3.94 14.02 29.09
C PHE C 115 -5.37 14.17 29.59
N ILE C 116 -5.94 15.37 29.48
CA ILE C 116 -7.32 15.57 29.87
C ILE C 116 -8.16 16.17 28.74
N PHE C 117 -9.40 15.72 28.64
CA PHE C 117 -10.32 16.16 27.60
C PHE C 117 -11.63 16.66 28.19
N PRO C 118 -11.94 17.94 27.99
CA PRO C 118 -13.27 18.43 28.37
C PRO C 118 -14.37 17.76 27.54
N PRO C 119 -15.61 17.80 28.03
CA PRO C 119 -16.73 17.31 27.21
C PRO C 119 -16.92 18.17 25.96
N SER C 120 -17.38 17.57 24.87
CA SER C 120 -17.70 18.33 23.67
C SER C 120 -18.98 19.12 23.92
N ASP C 121 -19.14 20.24 23.23
CA ASP C 121 -20.37 21.04 23.32
C ASP C 121 -21.53 20.22 22.80
N GLU C 122 -21.25 19.33 21.86
CA GLU C 122 -22.30 18.49 21.29
C GLU C 122 -22.91 17.57 22.37
N GLN C 123 -22.05 16.94 23.15
CA GLN C 123 -22.56 16.13 24.25
C GLN C 123 -23.34 16.96 25.27
N LEU C 124 -22.80 18.10 25.68
CA LEU C 124 -23.48 18.95 26.65
C LEU C 124 -24.90 19.25 26.20
N LYS C 125 -25.08 19.40 24.91
CA LYS C 125 -26.37 19.78 24.36
C LYS C 125 -27.41 18.75 24.80
N SER C 126 -26.98 17.52 24.98
CA SER C 126 -27.93 16.47 25.31
C SER C 126 -28.11 16.23 26.80
N GLY C 127 -27.47 17.03 27.64
CA GLY C 127 -27.76 16.97 29.07
C GLY C 127 -26.74 16.23 29.94
N THR C 128 -25.71 15.67 29.33
CA THR C 128 -24.66 14.98 30.08
C THR C 128 -23.28 15.48 29.72
N ALA C 129 -22.36 15.43 30.68
CA ALA C 129 -20.98 15.86 30.47
C ALA C 129 -20.02 14.73 30.87
N SER C 130 -19.22 14.27 29.92
CA SER C 130 -18.17 13.30 30.22
C SER C 130 -16.80 13.96 30.15
N VAL C 131 -16.07 13.98 31.26
CA VAL C 131 -14.69 14.49 31.26
C VAL C 131 -13.76 13.29 31.28
N VAL C 132 -12.80 13.25 30.37
CA VAL C 132 -11.95 12.08 30.24
C VAL C 132 -10.50 12.39 30.56
N CYS C 133 -9.92 11.55 31.43
CA CYS C 133 -8.50 11.62 31.76
C CYS C 133 -7.80 10.39 31.17
N LEU C 134 -6.70 10.61 30.47
CA LEU C 134 -5.99 9.52 29.80
C LEU C 134 -4.61 9.37 30.42
N LEU C 135 -4.31 8.17 30.93
CA LEU C 135 -2.96 7.82 31.39
C LEU C 135 -2.35 6.92 30.34
N ASN C 136 -1.30 7.39 29.69
CA ASN C 136 -0.78 6.65 28.54
C ASN C 136 0.59 5.97 28.77
N ASN C 137 0.68 4.70 28.38
CA ASN C 137 1.95 3.99 28.25
C ASN C 137 2.76 3.91 29.52
N PHE C 138 2.18 3.27 30.56
CA PHE C 138 2.84 3.16 31.85
C PHE C 138 3.00 1.70 32.25
N TYR C 139 3.85 1.46 33.24
CA TYR C 139 4.09 0.13 33.80
C TYR C 139 4.67 0.33 35.20
N PRO C 140 4.20 -0.44 36.19
CA PRO C 140 3.19 -1.50 36.07
C PRO C 140 1.78 -0.97 36.00
N ARG C 141 0.84 -1.91 35.94
CA ARG C 141 -0.58 -1.63 35.67
C ARG C 141 -1.26 -0.77 36.74
N GLU C 142 -0.85 -0.92 37.99
CA GLU C 142 -1.49 -0.20 39.09
C GLU C 142 -1.26 1.30 38.99
N ALA C 143 -2.33 2.07 39.08
CA ALA C 143 -2.26 3.54 39.06
C ALA C 143 -3.45 4.07 39.81
N LYS C 144 -3.33 5.30 40.28
CA LYS C 144 -4.41 5.91 41.05
C LYS C 144 -4.78 7.25 40.42
N VAL C 145 -6.07 7.42 40.07
CA VAL C 145 -6.62 8.69 39.57
C VAL C 145 -7.65 9.24 40.55
N GLN C 146 -7.50 10.53 40.93
CA GLN C 146 -8.54 11.23 41.70
C GLN C 146 -9.07 12.41 40.88
N TRP C 147 -10.36 12.66 40.93
CA TRP C 147 -10.93 13.82 40.27
C TRP C 147 -11.20 14.89 41.29
N LYS C 148 -10.84 16.12 40.95
CA LYS C 148 -11.22 17.27 41.77
C LYS C 148 -11.95 18.29 40.90
N VAL C 149 -13.08 18.80 41.40
CA VAL C 149 -13.85 19.85 40.71
C VAL C 149 -13.84 21.04 41.66
N ASP C 150 -13.26 22.15 41.21
CA ASP C 150 -13.07 23.30 42.09
C ASP C 150 -12.48 22.85 43.43
N ASN C 151 -11.52 21.95 43.32
CA ASN C 151 -10.78 21.41 44.47
C ASN C 151 -11.54 20.47 45.39
N ALA C 152 -12.80 20.18 45.07
CA ALA C 152 -13.57 19.20 45.85
C ALA C 152 -13.32 17.79 45.29
N LEU C 153 -12.91 16.88 46.16
CA LEU C 153 -12.66 15.51 45.74
C LEU C 153 -13.97 14.82 45.35
N GLN C 154 -13.99 14.19 44.18
CA GLN C 154 -15.16 13.49 43.66
C GLN C 154 -15.13 12.01 44.00
N SER C 155 -16.26 11.43 44.30
CA SER C 155 -16.35 9.98 44.46
C SER C 155 -17.70 9.49 43.96
N GLY C 156 -17.71 8.31 43.34
CA GLY C 156 -18.97 7.69 42.95
C GLY C 156 -19.42 8.10 41.56
N ASN C 157 -18.70 9.01 40.91
CA ASN C 157 -19.13 9.48 39.59
C ASN C 157 -18.10 9.32 38.49
N SER C 158 -17.16 8.39 38.68
CA SER C 158 -16.19 8.07 37.62
C SER C 158 -16.02 6.56 37.43
N GLN C 159 -15.60 6.17 36.23
CA GLN C 159 -15.34 4.77 35.91
C GLN C 159 -14.02 4.69 35.15
N GLU C 160 -13.29 3.59 35.34
CA GLU C 160 -11.99 3.46 34.69
C GLU C 160 -11.99 2.25 33.78
N SER C 161 -11.19 2.31 32.73
CA SER C 161 -10.94 1.14 31.89
C SER C 161 -9.41 1.05 31.62
N VAL C 162 -8.88 -0.16 31.53
CA VAL C 162 -7.44 -0.35 31.29
C VAL C 162 -7.25 -1.28 30.11
N THR C 163 -6.30 -0.96 29.25
CA THR C 163 -6.05 -1.77 28.08
C THR C 163 -5.30 -3.00 28.53
N GLU C 164 -5.23 -4.00 27.65
CA GLU C 164 -4.33 -5.11 27.93
C GLU C 164 -2.93 -4.63 27.62
N GLN C 165 -1.96 -5.45 27.98
CA GLN C 165 -0.60 -5.08 27.83
C GLN C 165 -0.29 -5.00 26.33
N ASP C 166 0.41 -3.93 25.95
CA ASP C 166 0.84 -3.76 24.57
C ASP C 166 1.91 -4.84 24.22
N SER C 167 1.72 -5.58 23.11
CA SER C 167 2.62 -6.66 22.72
C SER C 167 3.99 -6.17 22.24
N LYS C 168 4.11 -4.86 22.02
CA LYS C 168 5.37 -4.29 21.53
C LYS C 168 6.21 -3.62 22.61
N ASP C 169 5.66 -2.66 23.38
CA ASP C 169 6.42 -1.99 24.44
C ASP C 169 6.03 -2.42 25.88
N SER C 170 5.06 -3.32 25.98
CA SER C 170 4.68 -3.94 27.25
C SER C 170 4.11 -2.96 28.27
N THR C 171 3.61 -1.81 27.79
CA THR C 171 2.94 -0.88 28.72
C THR C 171 1.43 -1.05 28.71
N TYR C 172 0.80 -0.30 29.60
CA TYR C 172 -0.65 -0.25 29.76
C TYR C 172 -1.09 1.19 29.53
N SER C 173 -2.35 1.37 29.16
CA SER C 173 -2.97 2.69 29.23
C SER C 173 -4.28 2.60 29.95
N LEU C 174 -4.71 3.72 30.51
CA LEU C 174 -5.90 3.73 31.33
C LEU C 174 -6.72 5.01 31.08
N SER C 175 -8.03 4.86 31.09
CA SER C 175 -8.89 6.03 30.93
C SER C 175 -9.75 6.12 32.18
N SER C 176 -9.98 7.33 32.65
CA SER C 176 -10.93 7.55 33.72
C SER C 176 -11.93 8.58 33.22
N THR C 177 -13.21 8.26 33.36
CA THR C 177 -14.28 9.12 32.81
C THR C 177 -15.15 9.60 33.97
N LEU C 178 -15.18 10.91 34.17
CA LEU C 178 -16.06 11.54 35.15
C LEU C 178 -17.34 11.96 34.44
N THR C 179 -18.47 11.50 34.96
CA THR C 179 -19.76 11.82 34.34
C THR C 179 -20.59 12.73 35.25
N LEU C 180 -21.05 13.85 34.68
CA LEU C 180 -21.85 14.84 35.42
C LEU C 180 -23.04 15.20 34.56
N SER C 181 -24.09 15.76 35.17
CA SER C 181 -25.17 16.36 34.40
C SER C 181 -24.62 17.61 33.76
N LYS C 182 -25.21 17.98 32.62
CA LYS C 182 -24.85 19.25 32.02
C LYS C 182 -25.05 20.36 33.05
N ALA C 183 -26.18 20.39 33.75
CA ALA C 183 -26.44 21.48 34.72
C ALA C 183 -25.36 21.52 35.78
N ASP C 184 -24.98 20.34 36.22
CA ASP C 184 -24.04 20.25 37.31
C ASP C 184 -22.65 20.72 36.79
N TYR C 185 -22.28 20.31 35.58
CA TYR C 185 -21.00 20.68 34.96
C TYR C 185 -20.86 22.18 34.80
N GLU C 186 -21.94 22.84 34.41
CA GLU C 186 -21.90 24.27 34.13
C GLU C 186 -21.90 25.08 35.40
N LYS C 187 -22.18 24.42 36.51
CA LYS C 187 -22.13 25.09 37.81
C LYS C 187 -20.73 25.05 38.45
N HIS C 188 -19.72 24.55 37.74
CA HIS C 188 -18.36 24.57 38.31
C HIS C 188 -17.29 24.99 37.29
N LYS C 189 -16.09 25.31 37.75
CA LYS C 189 -15.09 25.96 36.92
C LYS C 189 -13.88 25.05 36.60
N VAL C 190 -13.12 24.69 37.61
CA VAL C 190 -11.86 23.97 37.41
C VAL C 190 -12.07 22.48 37.53
N TYR C 191 -11.73 21.76 36.47
CA TYR C 191 -11.80 20.30 36.44
C TYR C 191 -10.40 19.72 36.37
N ALA C 192 -10.05 18.86 37.31
CA ALA C 192 -8.68 18.35 37.41
C ALA C 192 -8.65 16.83 37.65
N CYS C 193 -7.78 16.12 36.94
CA CYS C 193 -7.47 14.74 37.34
C CYS C 193 -6.05 14.71 37.91
N GLU C 194 -5.92 14.02 39.04
CA GLU C 194 -4.67 13.95 39.77
C GLU C 194 -4.24 12.49 39.77
N VAL C 195 -3.04 12.25 39.28
CA VAL C 195 -2.57 10.89 39.03
C VAL C 195 -1.35 10.55 39.86
N THR C 196 -1.37 9.38 40.49
CA THR C 196 -0.20 8.89 41.18
C THR C 196 0.13 7.49 40.67
N HIS C 197 1.38 7.09 40.86
CA HIS C 197 1.87 5.83 40.31
C HIS C 197 3.25 5.56 40.92
N GLN C 198 3.62 4.29 40.99
CA GLN C 198 4.89 3.85 41.58
C GLN C 198 6.08 4.67 41.05
N GLY C 199 6.01 5.04 39.77
CA GLY C 199 7.12 5.74 39.14
C GLY C 199 7.04 7.25 39.18
N LEU C 200 6.07 7.81 39.88
CA LEU C 200 5.94 9.25 40.06
C LEU C 200 6.24 9.61 41.51
N SER C 201 7.21 10.48 41.71
CA SER C 201 7.58 10.86 43.08
C SER C 201 6.65 11.92 43.68
N SER C 202 5.79 12.50 42.85
CA SER C 202 4.68 13.30 43.35
C SER C 202 3.55 13.32 42.33
N PRO C 203 2.35 13.73 42.76
CA PRO C 203 1.22 13.55 41.84
C PRO C 203 1.35 14.42 40.59
N VAL C 204 0.84 13.90 39.49
CA VAL C 204 0.69 14.71 38.29
C VAL C 204 -0.76 15.16 38.18
N THR C 205 -0.96 16.46 38.02
CA THR C 205 -2.30 17.01 37.86
C THR C 205 -2.46 17.65 36.48
N LYS C 206 -3.49 17.27 35.75
CA LYS C 206 -3.85 17.97 34.53
C LYS C 206 -5.22 18.53 34.74
N SER C 207 -5.43 19.77 34.31
CA SER C 207 -6.68 20.45 34.61
C SER C 207 -7.02 21.41 33.52
N PHE C 208 -8.29 21.83 33.50
CA PHE C 208 -8.71 22.94 32.65
C PHE C 208 -9.78 23.76 33.35
N ASN C 209 -9.97 25.00 32.89
CA ASN C 209 -11.03 25.87 33.37
C ASN C 209 -12.12 25.89 32.34
N ARG C 210 -13.30 25.44 32.70
CA ARG C 210 -14.43 25.46 31.76
C ARG C 210 -14.52 26.85 31.12
N GLY C 211 -14.40 26.91 29.79
CA GLY C 211 -14.24 28.18 29.10
C GLY C 211 -12.89 28.32 28.40
N VAL D 2 -6.68 -21.58 4.68
CA VAL D 2 -7.86 -21.94 5.45
C VAL D 2 -8.48 -20.70 6.10
N GLN D 3 -9.80 -20.55 5.94
CA GLN D 3 -10.54 -19.46 6.58
C GLN D 3 -11.88 -19.95 7.07
N LEU D 4 -12.26 -19.49 8.26
CA LEU D 4 -13.50 -19.85 8.88
C LEU D 4 -14.21 -18.54 9.20
N GLN D 5 -15.19 -18.18 8.38
CA GLN D 5 -15.89 -16.91 8.51
C GLN D 5 -17.20 -17.09 9.24
N GLN D 6 -17.33 -16.52 10.44
CA GLN D 6 -18.55 -16.69 11.22
C GLN D 6 -19.49 -15.51 11.04
N SER D 7 -20.76 -15.73 11.35
CA SER D 7 -21.75 -14.67 11.26
C SER D 7 -21.56 -13.65 12.39
N GLY D 8 -22.20 -12.49 12.23
CA GLY D 8 -21.98 -11.36 13.12
C GLY D 8 -22.66 -11.46 14.49
N PRO D 9 -22.38 -10.46 15.36
CA PRO D 9 -22.92 -10.43 16.71
C PRO D 9 -24.45 -10.41 16.74
N GLU D 10 -25.03 -11.05 17.76
CA GLU D 10 -26.47 -11.22 17.86
C GLU D 10 -26.97 -10.70 19.21
N LEU D 11 -28.22 -10.22 19.20
CA LEU D 11 -28.96 -9.91 20.40
C LEU D 11 -30.26 -10.68 20.31
N GLU D 12 -30.64 -11.40 21.35
CA GLU D 12 -31.85 -12.21 21.34
C GLU D 12 -32.53 -12.11 22.67
N LYS D 13 -33.85 -12.22 22.68
CA LYS D 13 -34.60 -12.21 23.93
C LYS D 13 -34.56 -13.58 24.61
N PRO D 14 -34.71 -13.60 25.94
CA PRO D 14 -34.81 -14.89 26.63
C PRO D 14 -35.91 -15.72 26.01
N GLY D 15 -35.69 -17.02 25.85
CA GLY D 15 -36.74 -17.91 25.36
C GLY D 15 -36.64 -18.11 23.85
N ALA D 16 -35.95 -17.20 23.17
CA ALA D 16 -35.82 -17.27 21.71
C ALA D 16 -34.70 -18.23 21.31
N SER D 17 -34.42 -18.30 20.01
CA SER D 17 -33.34 -19.12 19.49
C SER D 17 -32.57 -18.32 18.47
N VAL D 18 -31.35 -18.75 18.18
CA VAL D 18 -30.56 -18.09 17.15
C VAL D 18 -29.76 -19.17 16.41
N LYS D 19 -29.57 -18.97 15.12
CA LYS D 19 -28.76 -19.86 14.32
C LYS D 19 -27.53 -19.06 13.90
N ILE D 20 -26.35 -19.59 14.20
CA ILE D 20 -25.14 -18.89 13.81
C ILE D 20 -24.40 -19.77 12.82
N SER D 21 -23.60 -19.13 11.96
CA SER D 21 -22.99 -19.89 10.88
C SER D 21 -21.48 -19.71 10.82
N CYS D 22 -20.85 -20.66 10.13
CA CYS D 22 -19.41 -20.67 9.91
C CYS D 22 -19.17 -21.11 8.49
N LYS D 23 -18.72 -20.20 7.63
CA LYS D 23 -18.45 -20.53 6.24
C LYS D 23 -16.98 -20.85 6.08
N ALA D 24 -16.72 -22.09 5.66
CA ALA D 24 -15.36 -22.59 5.55
C ALA D 24 -14.85 -22.46 4.12
N SER D 25 -13.61 -22.00 3.97
CA SER D 25 -13.00 -21.91 2.65
C SER D 25 -11.52 -22.23 2.72
N GLY D 26 -10.96 -22.53 1.56
CA GLY D 26 -9.53 -22.77 1.45
C GLY D 26 -9.16 -24.22 1.67
N TYR D 27 -10.16 -25.07 1.92
CA TYR D 27 -9.90 -26.51 2.09
C TYR D 27 -11.16 -27.33 1.82
N SER D 28 -10.98 -28.64 1.73
CA SER D 28 -12.09 -29.57 1.50
C SER D 28 -12.91 -29.82 2.76
N PHE D 29 -14.09 -29.20 2.78
CA PHE D 29 -14.98 -29.19 3.92
C PHE D 29 -15.18 -30.55 4.58
N THR D 30 -15.39 -31.57 3.76
CA THR D 30 -15.77 -32.88 4.28
C THR D 30 -14.59 -33.72 4.76
N GLY D 31 -13.38 -33.19 4.65
CA GLY D 31 -12.19 -33.94 5.04
C GLY D 31 -11.85 -33.74 6.51
N TYR D 32 -12.60 -32.90 7.19
CA TYR D 32 -12.28 -32.50 8.55
C TYR D 32 -13.56 -32.42 9.38
N THR D 33 -13.40 -32.26 10.68
CA THR D 33 -14.54 -32.08 11.55
C THR D 33 -14.74 -30.63 11.81
N MET D 34 -15.95 -30.26 12.19
CA MET D 34 -16.20 -28.90 12.61
C MET D 34 -16.67 -28.92 14.07
N ASN D 35 -16.01 -28.13 14.92
CA ASN D 35 -16.29 -28.11 16.35
C ASN D 35 -16.84 -26.79 16.75
N TRP D 36 -17.56 -26.75 17.86
CA TRP D 36 -18.07 -25.48 18.37
C TRP D 36 -17.67 -25.35 19.84
N VAL D 37 -17.24 -24.15 20.19
CA VAL D 37 -16.69 -23.88 21.50
C VAL D 37 -17.34 -22.60 22.04
N LYS D 38 -17.72 -22.62 23.32
CA LYS D 38 -18.27 -21.44 23.95
C LYS D 38 -17.23 -20.80 24.86
N GLN D 39 -17.02 -19.49 24.72
CA GLN D 39 -16.18 -18.77 25.65
C GLN D 39 -17.04 -17.78 26.46
N SER D 40 -17.05 -17.96 27.78
CA SER D 40 -17.82 -17.09 28.68
C SER D 40 -16.93 -16.06 29.34
N HIS D 41 -17.40 -14.82 29.35
CA HIS D 41 -16.72 -13.71 30.05
C HIS D 41 -15.28 -13.54 29.62
N GLY D 42 -15.01 -13.84 28.35
CA GLY D 42 -13.68 -13.74 27.80
C GLY D 42 -12.67 -14.62 28.48
N LYS D 43 -13.13 -15.70 29.12
CA LYS D 43 -12.25 -16.59 29.88
C LYS D 43 -12.50 -18.08 29.59
N SER D 44 -13.45 -18.68 30.30
CA SER D 44 -13.56 -20.13 30.30
C SER D 44 -14.02 -20.65 28.93
N LEU D 45 -13.38 -21.71 28.46
CA LEU D 45 -13.73 -22.36 27.21
C LEU D 45 -14.43 -23.69 27.48
N GLU D 46 -15.56 -23.93 26.81
CA GLU D 46 -16.24 -25.21 26.88
C GLU D 46 -16.50 -25.76 25.47
N TRP D 47 -16.21 -27.04 25.27
CA TRP D 47 -16.53 -27.69 24.01
C TRP D 47 -18.03 -28.06 23.98
N ILE D 48 -18.74 -27.56 22.97
CA ILE D 48 -20.16 -27.85 22.83
C ILE D 48 -20.41 -29.17 22.12
N GLY D 49 -19.67 -29.41 21.04
CA GLY D 49 -19.88 -30.62 20.27
C GLY D 49 -19.20 -30.51 18.92
N LEU D 50 -19.32 -31.55 18.11
CA LEU D 50 -18.78 -31.51 16.78
C LEU D 50 -19.68 -32.21 15.77
N ILE D 51 -19.45 -31.90 14.52
CA ILE D 51 -20.18 -32.53 13.43
C ILE D 51 -19.16 -32.99 12.41
N THR D 52 -19.42 -34.14 11.79
CA THR D 52 -18.60 -34.62 10.69
C THR D 52 -19.35 -34.31 9.41
N PRO D 53 -18.92 -33.27 8.68
CA PRO D 53 -19.70 -32.80 7.53
C PRO D 53 -20.02 -33.86 6.48
N TYR D 54 -19.18 -34.86 6.31
CA TYR D 54 -19.38 -35.85 5.24
C TYR D 54 -20.75 -36.55 5.36
N ASN D 55 -21.23 -36.76 6.58
CA ASN D 55 -22.52 -37.41 6.77
C ASN D 55 -23.50 -36.65 7.69
N GLY D 56 -23.05 -35.54 8.25
CA GLY D 56 -23.91 -34.72 9.10
C GLY D 56 -24.09 -35.24 10.52
N ALA D 57 -23.44 -36.35 10.87
CA ALA D 57 -23.54 -36.89 12.21
C ALA D 57 -22.86 -35.98 13.21
N SER D 58 -23.37 -35.92 14.43
CA SER D 58 -22.80 -35.02 15.44
C SER D 58 -22.67 -35.71 16.79
N SER D 59 -21.77 -35.16 17.60
CA SER D 59 -21.53 -35.66 18.95
C SER D 59 -21.50 -34.49 19.89
N TYR D 60 -22.21 -34.60 21.01
CA TYR D 60 -22.37 -33.44 21.89
C TYR D 60 -21.81 -33.66 23.29
N ASN D 61 -21.32 -32.58 23.88
CA ASN D 61 -21.16 -32.49 25.32
C ASN D 61 -22.55 -32.55 25.90
N GLN D 62 -22.84 -33.49 26.79
CA GLN D 62 -24.22 -33.70 27.25
C GLN D 62 -24.80 -32.42 27.90
N LYS D 63 -23.91 -31.57 28.42
CA LYS D 63 -24.34 -30.29 28.97
C LYS D 63 -25.10 -29.44 27.95
N PHE D 64 -24.77 -29.61 26.66
CA PHE D 64 -25.36 -28.78 25.62
C PHE D 64 -26.37 -29.52 24.71
N ARG D 65 -26.68 -30.77 25.03
CA ARG D 65 -27.69 -31.51 24.27
C ARG D 65 -29.02 -30.80 24.41
N GLY D 66 -29.72 -30.53 23.31
CA GLY D 66 -30.98 -29.82 23.40
C GLY D 66 -30.84 -28.31 23.59
N LYS D 67 -29.63 -27.85 23.94
CA LYS D 67 -29.32 -26.43 23.92
C LYS D 67 -28.78 -26.06 22.54
N ALA D 68 -27.97 -26.94 21.97
CA ALA D 68 -27.35 -26.68 20.67
C ALA D 68 -27.71 -27.78 19.68
N THR D 69 -27.92 -27.39 18.43
CA THR D 69 -28.15 -28.35 17.35
C THR D 69 -27.18 -28.03 16.22
N LEU D 70 -26.40 -29.02 15.80
CA LEU D 70 -25.41 -28.81 14.74
C LEU D 70 -25.87 -29.35 13.40
N THR D 71 -25.70 -28.54 12.35
CA THR D 71 -25.99 -29.01 11.00
C THR D 71 -24.94 -28.43 10.04
N VAL D 72 -24.95 -28.90 8.80
CA VAL D 72 -24.09 -28.36 7.76
C VAL D 72 -24.84 -28.22 6.45
N ASP D 73 -24.40 -27.27 5.62
CA ASP D 73 -24.86 -27.18 4.23
C ASP D 73 -23.62 -27.43 3.37
N LYS D 74 -23.51 -28.64 2.86
CA LYS D 74 -22.32 -29.03 2.09
C LYS D 74 -22.15 -28.23 0.79
N SER D 75 -23.24 -27.77 0.18
CA SER D 75 -23.17 -26.96 -1.04
C SER D 75 -22.30 -25.73 -0.85
N SER D 76 -22.48 -25.04 0.27
CA SER D 76 -21.83 -23.76 0.51
C SER D 76 -20.72 -23.92 1.54
N SER D 77 -20.38 -25.17 1.86
CA SER D 77 -19.40 -25.48 2.89
C SER D 77 -19.61 -24.63 4.13
N THR D 78 -20.83 -24.64 4.65
CA THR D 78 -21.15 -23.87 5.83
C THR D 78 -21.64 -24.80 6.96
N ALA D 79 -21.15 -24.56 8.17
CA ALA D 79 -21.65 -25.28 9.35
C ALA D 79 -22.53 -24.32 10.14
N TYR D 80 -23.58 -24.87 10.76
CA TYR D 80 -24.50 -24.07 11.53
C TYR D 80 -24.67 -24.61 12.93
N MET D 81 -24.93 -23.73 13.89
CA MET D 81 -25.32 -24.15 15.22
C MET D 81 -26.57 -23.34 15.61
N ASP D 82 -27.63 -24.05 15.95
CA ASP D 82 -28.82 -23.42 16.52
C ASP D 82 -28.72 -23.48 18.03
N LEU D 83 -28.88 -22.34 18.68
CA LEU D 83 -28.99 -22.30 20.13
C LEU D 83 -30.46 -22.03 20.49
N LEU D 84 -31.03 -22.92 21.29
CA LEU D 84 -32.46 -22.89 21.61
C LEU D 84 -32.76 -22.43 23.05
N SER D 85 -33.97 -21.92 23.27
CA SER D 85 -34.44 -21.53 24.59
C SER D 85 -33.41 -20.73 25.35
N LEU D 86 -33.00 -19.61 24.73
CA LEU D 86 -31.90 -18.83 25.26
C LEU D 86 -32.20 -18.25 26.65
N THR D 87 -31.17 -18.25 27.51
CA THR D 87 -31.22 -17.61 28.81
C THR D 87 -29.96 -16.74 28.93
N SER D 88 -29.86 -15.95 29.99
CA SER D 88 -28.72 -15.06 30.13
C SER D 88 -27.42 -15.86 30.21
N GLU D 89 -27.51 -17.11 30.69
CA GLU D 89 -26.33 -17.96 30.85
C GLU D 89 -25.72 -18.31 29.50
N ASP D 90 -26.49 -18.09 28.43
CA ASP D 90 -26.01 -18.37 27.08
C ASP D 90 -25.30 -17.18 26.45
N SER D 91 -25.26 -16.05 27.15
CA SER D 91 -24.54 -14.89 26.60
C SER D 91 -23.05 -15.20 26.63
N ALA D 92 -22.43 -15.16 25.46
CA ALA D 92 -21.05 -15.60 25.33
C ALA D 92 -20.58 -15.39 23.92
N VAL D 93 -19.32 -15.71 23.66
CA VAL D 93 -18.81 -15.73 22.29
C VAL D 93 -18.67 -17.17 21.84
N TYR D 94 -19.23 -17.49 20.68
CA TYR D 94 -19.20 -18.87 20.19
C TYR D 94 -18.24 -19.00 19.02
N PHE D 95 -17.32 -19.95 19.10
CA PHE D 95 -16.35 -20.15 18.03
C PHE D 95 -16.64 -21.45 17.29
N CYS D 96 -16.47 -21.43 15.96
CA CYS D 96 -16.30 -22.67 15.23
C CYS D 96 -14.79 -22.94 15.09
N ALA D 97 -14.42 -24.22 15.04
CA ALA D 97 -13.01 -24.58 14.90
C ALA D 97 -12.87 -25.89 14.17
N ARG D 98 -11.96 -25.93 13.21
CA ARG D 98 -11.74 -27.13 12.45
C ARG D 98 -10.94 -28.13 13.27
N GLY D 99 -11.33 -29.40 13.21
CA GLY D 99 -10.57 -30.49 13.80
C GLY D 99 -10.28 -31.54 12.75
N GLY D 100 -9.57 -32.60 13.13
CA GLY D 100 -9.23 -33.64 12.19
C GLY D 100 -9.59 -35.02 12.72
N TYR D 101 -9.38 -36.04 11.88
CA TYR D 101 -9.61 -37.40 12.30
C TYR D 101 -8.30 -38.04 12.78
N ASP D 102 -7.30 -37.20 13.05
CA ASP D 102 -5.94 -37.71 13.31
C ASP D 102 -5.30 -37.10 14.57
N GLY D 103 -6.14 -36.61 15.49
CA GLY D 103 -5.65 -36.11 16.77
C GLY D 103 -4.78 -34.88 16.62
N ARG D 104 -5.26 -33.91 15.86
CA ARG D 104 -4.48 -32.71 15.57
C ARG D 104 -4.95 -31.54 16.44
N GLY D 105 -5.95 -31.77 17.29
CA GLY D 105 -6.58 -30.67 18.01
C GLY D 105 -7.35 -29.75 17.07
N PHE D 106 -7.62 -28.52 17.51
CA PHE D 106 -8.37 -27.57 16.71
C PHE D 106 -7.39 -26.64 15.98
N ASP D 107 -7.11 -26.93 14.71
CA ASP D 107 -5.98 -26.28 14.05
C ASP D 107 -6.30 -24.92 13.46
N TYR D 108 -7.57 -24.63 13.22
CA TYR D 108 -7.99 -23.28 12.79
C TYR D 108 -9.29 -22.91 13.45
N TRP D 109 -9.37 -21.67 13.93
CA TRP D 109 -10.58 -21.18 14.59
C TRP D 109 -11.23 -20.02 13.83
N GLY D 110 -12.55 -19.96 13.91
CA GLY D 110 -13.27 -18.85 13.32
C GLY D 110 -13.13 -17.59 14.15
N SER D 111 -13.72 -16.52 13.65
CA SER D 111 -13.59 -15.20 14.23
C SER D 111 -14.38 -15.02 15.52
N GLY D 112 -15.36 -15.88 15.74
CA GLY D 112 -16.16 -15.78 16.95
C GLY D 112 -17.46 -15.04 16.71
N THR D 113 -18.54 -15.52 17.30
CA THR D 113 -19.83 -14.86 17.19
C THR D 113 -20.33 -14.54 18.60
N PRO D 114 -20.34 -13.24 18.97
CA PRO D 114 -20.88 -12.87 20.28
C PRO D 114 -22.40 -12.95 20.23
N VAL D 115 -22.97 -13.52 21.27
CA VAL D 115 -24.40 -13.59 21.41
C VAL D 115 -24.76 -13.03 22.78
N THR D 116 -25.64 -12.04 22.79
CA THR D 116 -26.11 -11.47 24.05
C THR D 116 -27.60 -11.78 24.19
N VAL D 117 -27.99 -12.29 25.36
CA VAL D 117 -29.38 -12.63 25.62
C VAL D 117 -29.93 -11.66 26.64
N SER D 118 -30.94 -10.89 26.22
CA SER D 118 -31.47 -9.82 27.06
C SER D 118 -32.84 -9.44 26.54
N SER D 119 -33.71 -8.98 27.43
CA SER D 119 -34.98 -8.44 27.01
C SER D 119 -34.86 -6.98 26.54
N ALA D 120 -33.68 -6.39 26.72
CA ALA D 120 -33.47 -4.98 26.33
C ALA D 120 -33.23 -4.86 24.83
N SER D 121 -33.73 -3.78 24.25
CA SER D 121 -33.58 -3.54 22.81
C SER D 121 -32.20 -3.02 22.43
N THR D 122 -31.82 -3.19 21.17
CA THR D 122 -30.52 -2.73 20.72
C THR D 122 -30.50 -1.21 20.67
N LYS D 123 -29.31 -0.63 20.79
CA LYS D 123 -29.17 0.82 20.69
C LYS D 123 -27.81 1.15 20.13
N GLY D 124 -27.77 1.92 19.04
CA GLY D 124 -26.52 2.32 18.45
C GLY D 124 -25.86 3.42 19.27
N PRO D 125 -24.55 3.58 19.14
CA PRO D 125 -23.83 4.54 19.95
C PRO D 125 -23.96 5.98 19.50
N SER D 126 -23.82 6.90 20.44
CA SER D 126 -23.50 8.29 20.13
C SER D 126 -21.97 8.40 20.14
N VAL D 127 -21.39 9.15 19.21
CA VAL D 127 -19.94 9.27 19.12
C VAL D 127 -19.55 10.74 19.23
N PHE D 128 -18.71 11.04 20.20
CA PHE D 128 -18.30 12.40 20.51
C PHE D 128 -16.80 12.53 20.38
N PRO D 129 -16.34 13.72 19.96
CA PRO D 129 -14.89 13.86 19.81
C PRO D 129 -14.19 14.00 21.15
N LEU D 130 -12.99 13.45 21.25
CA LEU D 130 -12.08 13.81 22.32
C LEU D 130 -11.03 14.68 21.64
N ALA D 131 -11.24 15.98 21.66
CA ALA D 131 -10.48 16.87 20.78
C ALA D 131 -9.09 17.12 21.31
N PRO D 132 -8.10 17.14 20.41
CA PRO D 132 -6.77 17.47 20.89
C PRO D 132 -6.68 18.95 21.26
N SER D 133 -5.96 19.23 22.33
CA SER D 133 -5.76 20.59 22.79
C SER D 133 -4.38 20.72 23.41
N SER D 134 -4.08 21.89 23.96
CA SER D 134 -2.83 22.06 24.71
C SER D 134 -2.83 21.17 25.98
N LYS D 135 -4.01 20.75 26.40
CA LYS D 135 -4.15 19.94 27.61
C LYS D 135 -4.09 18.44 27.30
N SER D 136 -3.97 18.14 26.00
CA SER D 136 -3.70 16.78 25.56
C SER D 136 -2.45 16.77 24.66
N THR D 137 -1.56 17.72 24.91
CA THR D 137 -0.30 17.82 24.20
C THR D 137 0.88 17.75 25.17
N SER D 138 2.00 17.20 24.69
CA SER D 138 3.19 17.03 25.51
C SER D 138 4.39 16.77 24.62
N GLY D 139 5.37 17.68 24.66
CA GLY D 139 6.61 17.49 23.92
C GLY D 139 6.40 17.02 22.49
N GLY D 140 5.63 17.80 21.72
CA GLY D 140 5.41 17.50 20.31
C GLY D 140 4.52 16.30 20.03
N THR D 141 3.96 15.69 21.07
CA THR D 141 2.96 14.62 20.91
C THR D 141 1.59 15.11 21.35
N ALA D 142 0.56 14.80 20.57
CA ALA D 142 -0.79 15.12 20.98
C ALA D 142 -1.64 13.85 21.03
N ALA D 143 -2.60 13.83 21.94
CA ALA D 143 -3.57 12.73 22.00
C ALA D 143 -4.94 13.26 21.57
N LEU D 144 -5.67 12.41 20.86
CA LEU D 144 -7.05 12.73 20.49
C LEU D 144 -7.81 11.41 20.47
N GLY D 145 -9.13 11.47 20.35
CA GLY D 145 -9.90 10.25 20.32
C GLY D 145 -11.36 10.47 20.10
N CYS D 146 -12.11 9.40 20.29
CA CYS D 146 -13.57 9.40 20.20
CA CYS D 146 -13.56 9.49 20.27
C CYS D 146 -14.14 8.66 21.41
N LEU D 147 -15.21 9.20 21.96
CA LEU D 147 -15.93 8.63 23.07
C LEU D 147 -17.17 8.02 22.45
N VAL D 148 -17.30 6.70 22.61
CA VAL D 148 -18.38 5.96 22.01
C VAL D 148 -19.33 5.61 23.13
N LYS D 149 -20.46 6.33 23.18
CA LYS D 149 -21.29 6.31 24.38
C LYS D 149 -22.69 5.71 24.18
N ASP D 150 -23.12 4.93 25.18
CA ASP D 150 -24.52 4.53 25.33
C ASP D 150 -25.03 3.60 24.24
N TYR D 151 -24.34 2.47 24.06
CA TYR D 151 -24.79 1.46 23.10
C TYR D 151 -25.13 0.16 23.79
N PHE D 152 -25.85 -0.72 23.09
CA PHE D 152 -26.22 -2.02 23.60
C PHE D 152 -26.65 -2.91 22.43
N PRO D 153 -26.22 -4.18 22.41
CA PRO D 153 -25.27 -4.83 23.31
C PRO D 153 -23.85 -4.64 22.78
N GLU D 154 -22.89 -5.33 23.40
CA GLU D 154 -21.55 -5.47 22.83
C GLU D 154 -21.65 -6.31 21.56
N PRO D 155 -20.67 -6.18 20.66
CA PRO D 155 -19.48 -5.34 20.72
C PRO D 155 -19.56 -4.13 19.77
N VAL D 156 -18.64 -3.21 19.98
CA VAL D 156 -18.34 -2.16 19.05
C VAL D 156 -16.90 -2.36 18.59
N THR D 157 -16.60 -2.14 17.32
CA THR D 157 -15.20 -2.09 16.90
C THR D 157 -14.87 -0.68 16.40
N VAL D 158 -13.62 -0.28 16.57
CA VAL D 158 -13.20 1.06 16.17
C VAL D 158 -11.93 0.98 15.35
N SER D 159 -11.90 1.69 14.23
CA SER D 159 -10.65 1.88 13.49
C SER D 159 -10.44 3.37 13.30
N TRP D 160 -9.24 3.74 12.88
CA TRP D 160 -8.93 5.14 12.57
C TRP D 160 -8.54 5.29 11.11
N ASN D 161 -9.11 6.28 10.43
CA ASN D 161 -8.80 6.52 9.03
C ASN D 161 -8.92 5.24 8.23
N SER D 162 -10.00 4.51 8.49
CA SER D 162 -10.35 3.32 7.72
C SER D 162 -9.26 2.28 7.81
N GLY D 163 -8.52 2.27 8.91
CA GLY D 163 -7.52 1.25 9.16
C GLY D 163 -6.12 1.68 8.76
N ALA D 164 -5.99 2.88 8.19
CA ALA D 164 -4.67 3.37 7.77
C ALA D 164 -3.85 3.94 8.94
N LEU D 165 -4.50 4.18 10.06
CA LEU D 165 -3.82 4.65 11.24
C LEU D 165 -3.96 3.59 12.32
N THR D 166 -2.85 2.96 12.69
CA THR D 166 -2.86 1.92 13.73
C THR D 166 -1.84 2.15 14.83
N SER D 167 -0.73 2.80 14.50
CA SER D 167 0.31 3.03 15.46
C SER D 167 -0.17 4.02 16.50
N GLY D 168 -0.02 3.67 17.77
CA GLY D 168 -0.39 4.55 18.86
C GLY D 168 -1.87 4.54 19.19
N VAL D 169 -2.64 3.65 18.58
CA VAL D 169 -4.08 3.60 18.87
C VAL D 169 -4.32 2.73 20.12
N HIS D 170 -5.14 3.21 21.05
CA HIS D 170 -5.59 2.40 22.16
C HIS D 170 -7.11 2.46 22.20
N THR D 171 -7.75 1.33 22.02
CA THR D 171 -9.20 1.25 22.16
C THR D 171 -9.50 0.50 23.44
N PHE D 172 -10.16 1.17 24.38
CA PHE D 172 -10.39 0.61 25.71
C PHE D 172 -11.54 -0.38 25.74
N PRO D 173 -11.42 -1.41 26.60
CA PRO D 173 -12.55 -2.30 26.84
C PRO D 173 -13.74 -1.48 27.30
N ALA D 174 -14.95 -1.86 26.88
CA ALA D 174 -16.14 -1.15 27.27
C ALA D 174 -16.40 -1.27 28.77
N VAL D 175 -17.07 -0.27 29.34
CA VAL D 175 -17.60 -0.38 30.70
C VAL D 175 -19.11 -0.39 30.62
N LEU D 176 -19.72 -1.10 31.54
CA LEU D 176 -21.16 -1.17 31.65
C LEU D 176 -21.57 -0.07 32.60
N GLN D 177 -22.45 0.81 32.15
CA GLN D 177 -22.87 1.94 32.97
C GLN D 177 -24.06 1.58 33.83
N SER D 178 -24.38 2.44 34.80
CA SER D 178 -25.53 2.20 35.67
C SER D 178 -26.83 2.13 34.87
N SER D 179 -26.82 2.69 33.68
CA SER D 179 -28.01 2.71 32.83
C SER D 179 -28.29 1.37 32.13
N GLY D 180 -27.36 0.43 32.22
CA GLY D 180 -27.44 -0.79 31.44
C GLY D 180 -26.85 -0.68 30.03
N LEU D 181 -26.26 0.47 29.71
CA LEU D 181 -25.67 0.65 28.39
C LEU D 181 -24.14 0.68 28.49
N TYR D 182 -23.46 0.35 27.41
CA TYR D 182 -21.99 0.33 27.41
C TYR D 182 -21.42 1.65 26.87
N SER D 183 -20.19 1.96 27.27
CA SER D 183 -19.43 3.03 26.64
C SER D 183 -17.96 2.64 26.59
N LEU D 184 -17.27 3.16 25.59
CA LEU D 184 -15.83 3.01 25.52
C LEU D 184 -15.21 4.23 24.87
N SER D 185 -13.91 4.36 24.95
CA SER D 185 -13.26 5.37 24.16
C SER D 185 -12.12 4.76 23.39
N SER D 186 -11.73 5.43 22.31
CA SER D 186 -10.57 5.01 21.55
C SER D 186 -9.74 6.27 21.37
N VAL D 187 -8.44 6.17 21.65
CA VAL D 187 -7.56 7.31 21.57
C VAL D 187 -6.37 6.97 20.72
N VAL D 188 -5.70 8.01 20.24
CA VAL D 188 -4.47 7.81 19.47
C VAL D 188 -3.54 8.97 19.77
N THR D 189 -2.25 8.70 19.78
CA THR D 189 -1.28 9.77 19.94
C THR D 189 -0.61 10.00 18.60
N VAL D 190 -0.48 11.27 18.24
CA VAL D 190 0.03 11.65 16.93
C VAL D 190 0.95 12.85 17.09
N PRO D 191 1.75 13.15 16.07
CA PRO D 191 2.61 14.33 16.23
C PRO D 191 1.81 15.63 16.22
N SER D 192 2.09 16.51 17.19
CA SER D 192 1.40 17.79 17.32
C SER D 192 1.38 18.57 16.01
N SER D 193 2.49 18.51 15.28
CA SER D 193 2.63 19.28 14.05
C SER D 193 1.66 18.82 12.97
N SER D 194 1.07 17.64 13.13
CA SER D 194 0.21 17.11 12.09
C SER D 194 -1.23 17.59 12.24
N LEU D 195 -1.53 18.25 13.35
CA LEU D 195 -2.91 18.59 13.68
C LEU D 195 -3.56 19.53 12.68
N GLY D 196 -2.78 20.46 12.13
CA GLY D 196 -3.33 21.41 11.17
C GLY D 196 -3.55 20.83 9.79
N THR D 197 -2.86 19.73 9.49
CA THR D 197 -2.78 19.22 8.13
C THR D 197 -3.41 17.85 7.94
N GLN D 198 -3.26 16.96 8.91
CA GLN D 198 -3.75 15.60 8.77
C GLN D 198 -5.17 15.43 9.30
N THR D 199 -6.01 14.77 8.52
CA THR D 199 -7.37 14.47 8.96
C THR D 199 -7.42 13.21 9.82
N TYR D 200 -8.16 13.25 10.93
CA TYR D 200 -8.31 12.08 11.78
C TYR D 200 -9.77 11.74 11.96
N ILE D 201 -10.15 10.55 11.50
CA ILE D 201 -11.53 10.10 11.56
C ILE D 201 -11.63 8.75 12.28
N CYS D 202 -12.49 8.65 13.28
CA CYS D 202 -12.74 7.35 13.91
C CYS D 202 -13.92 6.68 13.27
N ASN D 203 -13.76 5.40 12.95
CA ASN D 203 -14.80 4.60 12.34
C ASN D 203 -15.33 3.61 13.35
N VAL D 204 -16.60 3.75 13.68
CA VAL D 204 -17.19 2.98 14.76
C VAL D 204 -18.25 2.09 14.18
N ASN D 205 -18.08 0.78 14.37
CA ASN D 205 -19.01 -0.19 13.85
C ASN D 205 -19.78 -0.83 14.99
N HIS D 206 -21.11 -0.78 14.89
CA HIS D 206 -21.96 -1.47 15.84
C HIS D 206 -22.95 -2.36 15.09
N LYS D 207 -22.50 -3.57 14.76
CA LYS D 207 -23.29 -4.48 13.96
C LYS D 207 -24.66 -4.84 14.56
N PRO D 208 -24.74 -4.98 15.89
CA PRO D 208 -26.06 -5.37 16.42
C PRO D 208 -27.16 -4.36 16.12
N SER D 209 -26.84 -3.08 15.99
CA SER D 209 -27.86 -2.09 15.64
C SER D 209 -27.78 -1.68 14.17
N ASN D 210 -26.99 -2.42 13.38
CA ASN D 210 -26.84 -2.15 11.95
C ASN D 210 -26.36 -0.70 11.69
N THR D 211 -25.50 -0.22 12.56
CA THR D 211 -25.03 1.15 12.50
C THR D 211 -23.54 1.24 12.35
N LYS D 212 -23.10 2.16 11.49
CA LYS D 212 -21.70 2.53 11.45
C LYS D 212 -21.61 4.06 11.50
N VAL D 213 -20.69 4.57 12.31
CA VAL D 213 -20.53 6.03 12.45
C VAL D 213 -19.08 6.43 12.16
N ASP D 214 -18.89 7.42 11.30
CA ASP D 214 -17.57 8.04 11.13
C ASP D 214 -17.61 9.42 11.80
N LYS D 215 -16.61 9.73 12.60
CA LYS D 215 -16.54 11.02 13.26
C LYS D 215 -15.17 11.64 12.99
N LYS D 216 -15.16 12.82 12.37
CA LYS D 216 -13.89 13.52 12.18
C LYS D 216 -13.59 14.26 13.48
N VAL D 217 -12.36 14.17 13.94
CA VAL D 217 -11.98 14.78 15.21
C VAL D 217 -10.97 15.90 14.94
N GLU D 218 -11.32 17.12 15.34
CA GLU D 218 -10.52 18.30 15.04
C GLU D 218 -10.14 19.02 16.31
N PRO D 219 -9.01 19.76 16.28
CA PRO D 219 -8.55 20.57 17.41
C PRO D 219 -9.59 21.56 17.88
N LYS D 220 -9.50 21.99 19.13
CA LYS D 220 -10.39 23.03 19.63
C LYS D 220 -11.83 22.54 19.60
N ASP E 1 -31.56 51.36 -5.79
CA ASP E 1 -31.30 50.10 -6.48
C ASP E 1 -32.41 49.85 -7.46
N ILE E 2 -32.09 49.23 -8.59
CA ILE E 2 -33.12 48.83 -9.53
C ILE E 2 -33.87 47.63 -8.97
N GLU E 3 -35.16 47.79 -8.80
CA GLU E 3 -36.01 46.71 -8.34
C GLU E 3 -36.59 45.97 -9.55
N LEU E 4 -36.53 44.66 -9.50
CA LEU E 4 -37.04 43.82 -10.59
C LEU E 4 -38.22 43.00 -10.09
N THR E 5 -39.37 43.25 -10.67
CA THR E 5 -40.58 42.56 -10.27
C THR E 5 -40.91 41.49 -11.30
N GLN E 6 -41.00 40.24 -10.87
CA GLN E 6 -41.26 39.14 -11.80
C GLN E 6 -42.72 38.69 -11.69
N SER E 7 -43.33 38.45 -12.83
CA SER E 7 -44.73 38.02 -12.84
C SER E 7 -44.93 36.96 -13.92
N PRO E 8 -45.83 35.99 -13.67
CA PRO E 8 -46.48 35.76 -12.39
C PRO E 8 -45.48 35.20 -11.40
N ALA E 9 -45.78 35.30 -10.09
CA ALA E 9 -44.91 34.72 -9.07
C ALA E 9 -44.88 33.21 -9.24
N ILE E 10 -46.05 32.62 -9.52
CA ILE E 10 -46.17 31.18 -9.69
C ILE E 10 -47.01 30.89 -10.92
N MET E 11 -46.52 30.00 -11.74
CA MET E 11 -47.18 29.62 -12.96
C MET E 11 -47.32 28.08 -13.01
N SER E 12 -48.46 27.61 -13.47
CA SER E 12 -48.68 26.17 -13.66
C SER E 12 -48.98 25.95 -15.14
N ALA E 13 -48.21 25.09 -15.79
CA ALA E 13 -48.40 24.85 -17.23
C ALA E 13 -48.40 23.37 -17.59
N SER E 14 -49.27 23.00 -18.51
CA SER E 14 -49.30 21.65 -19.07
C SER E 14 -48.18 21.48 -20.09
N PRO E 15 -47.68 20.27 -20.22
CA PRO E 15 -46.67 20.05 -21.26
C PRO E 15 -47.23 20.37 -22.62
N GLY E 16 -46.45 21.04 -23.46
CA GLY E 16 -46.90 21.44 -24.78
C GLY E 16 -47.42 22.87 -24.89
N GLU E 17 -47.73 23.51 -23.77
CA GLU E 17 -48.21 24.89 -23.79
C GLU E 17 -47.07 25.85 -24.11
N LYS E 18 -47.41 27.01 -24.68
CA LYS E 18 -46.46 28.10 -24.80
C LYS E 18 -46.76 29.12 -23.69
N VAL E 19 -45.76 29.48 -22.87
CA VAL E 19 -45.95 30.36 -21.72
C VAL E 19 -44.89 31.46 -21.72
N THR E 20 -45.22 32.63 -21.16
CA THR E 20 -44.26 33.73 -21.06
C THR E 20 -44.28 34.35 -19.66
N MET E 21 -43.10 34.58 -19.10
CA MET E 21 -42.99 35.21 -17.79
C MET E 21 -42.30 36.54 -18.02
N THR E 22 -42.53 37.49 -17.12
CA THR E 22 -42.09 38.84 -17.32
C THR E 22 -41.24 39.35 -16.18
N CYS E 23 -40.27 40.19 -16.54
CA CYS E 23 -39.47 40.95 -15.59
C CYS E 23 -39.72 42.43 -15.85
N SER E 24 -40.19 43.15 -14.83
CA SER E 24 -40.44 44.58 -14.92
C SER E 24 -39.50 45.32 -13.99
N ALA E 25 -38.72 46.24 -14.55
CA ALA E 25 -37.71 46.99 -13.78
C ALA E 25 -38.21 48.37 -13.38
N SER E 26 -37.70 48.89 -12.25
CA SER E 26 -38.14 50.19 -11.75
C SER E 26 -37.50 51.33 -12.54
N SER E 27 -36.55 51.04 -13.41
CA SER E 27 -36.07 52.02 -14.38
C SER E 27 -35.55 51.25 -15.57
N SER E 28 -35.12 51.94 -16.62
CA SER E 28 -34.74 51.26 -17.84
C SER E 28 -33.47 50.42 -17.65
N VAL E 29 -33.43 49.29 -18.33
CA VAL E 29 -32.26 48.43 -18.30
C VAL E 29 -32.10 47.85 -19.69
N SER E 30 -31.02 47.10 -19.93
CA SER E 30 -30.82 46.39 -21.20
C SER E 30 -30.07 45.09 -20.94
N TYR E 31 -30.16 44.18 -21.90
CA TYR E 31 -29.39 42.97 -21.85
C TYR E 31 -29.63 42.23 -20.54
N MET E 32 -30.90 41.96 -20.23
CA MET E 32 -31.28 41.24 -19.00
C MET E 32 -30.74 39.79 -19.02
N HIS E 33 -30.33 39.30 -17.86
CA HIS E 33 -29.96 37.88 -17.74
C HIS E 33 -31.03 37.07 -17.00
N TRP E 34 -31.06 35.76 -17.25
CA TRP E 34 -32.02 34.87 -16.60
C TRP E 34 -31.31 33.60 -16.14
N TYR E 35 -31.64 33.19 -14.91
CA TYR E 35 -31.09 31.98 -14.28
C TYR E 35 -32.20 30.98 -13.95
N GLN E 36 -31.91 29.71 -14.15
CA GLN E 36 -32.79 28.65 -13.71
C GLN E 36 -32.23 28.03 -12.44
N GLN E 37 -33.10 27.84 -11.45
CA GLN E 37 -32.70 27.14 -10.25
C GLN E 37 -33.74 26.12 -9.91
N LYS E 38 -33.33 24.87 -9.80
CA LYS E 38 -34.17 23.81 -9.27
C LYS E 38 -33.92 23.62 -7.78
N SER E 39 -34.89 23.06 -7.09
CA SER E 39 -34.75 22.89 -5.65
C SER E 39 -33.46 22.13 -5.24
N GLY E 40 -32.77 22.65 -4.22
CA GLY E 40 -31.55 22.03 -3.73
C GLY E 40 -30.33 22.10 -4.63
N THR E 41 -30.37 22.92 -5.69
CA THR E 41 -29.26 23.07 -6.61
C THR E 41 -28.89 24.53 -6.76
N SER E 42 -27.71 24.78 -7.32
CA SER E 42 -27.27 26.13 -7.62
C SER E 42 -27.96 26.64 -8.86
N PRO E 43 -28.16 27.96 -8.94
CA PRO E 43 -28.68 28.54 -10.18
C PRO E 43 -27.76 28.23 -11.35
N LYS E 44 -28.35 28.21 -12.54
CA LYS E 44 -27.63 28.01 -13.79
C LYS E 44 -27.97 29.18 -14.74
N ARG E 45 -26.96 29.76 -15.35
CA ARG E 45 -27.19 30.76 -16.39
C ARG E 45 -28.03 30.10 -17.45
N TRP E 46 -29.08 30.78 -17.89
CA TRP E 46 -30.05 30.22 -18.82
C TRP E 46 -30.13 31.06 -20.10
N ILE E 47 -30.49 32.33 -19.95
CA ILE E 47 -30.50 33.26 -21.07
C ILE E 47 -29.72 34.46 -20.62
N TYR E 48 -28.88 35.00 -21.49
CA TYR E 48 -28.09 36.17 -21.11
C TYR E 48 -28.11 37.18 -22.24
N ASP E 49 -27.84 38.44 -21.90
CA ASP E 49 -27.90 39.54 -22.86
C ASP E 49 -29.23 39.53 -23.59
N THR E 50 -30.30 39.39 -22.81
CA THR E 50 -31.69 39.42 -23.26
C THR E 50 -32.17 38.16 -23.98
N SER E 51 -31.39 37.66 -24.93
CA SER E 51 -31.91 36.63 -25.82
C SER E 51 -30.89 35.51 -26.18
N LYS E 52 -29.68 35.57 -25.63
CA LYS E 52 -28.66 34.55 -25.89
C LYS E 52 -28.83 33.33 -24.99
N LEU E 53 -28.86 32.13 -25.57
CA LEU E 53 -29.02 30.90 -24.76
C LEU E 53 -27.67 30.40 -24.28
N ALA E 54 -27.60 30.04 -23.01
CA ALA E 54 -26.39 29.40 -22.50
C ALA E 54 -26.24 28.00 -23.10
N SER E 55 -25.03 27.45 -23.05
CA SER E 55 -24.75 26.15 -23.63
C SER E 55 -25.60 25.06 -22.96
N GLY E 56 -26.27 24.24 -23.78
CA GLY E 56 -27.07 23.17 -23.23
C GLY E 56 -28.53 23.55 -22.97
N VAL E 57 -28.86 24.83 -23.06
CA VAL E 57 -30.25 25.26 -22.86
C VAL E 57 -31.09 24.91 -24.10
N PRO E 58 -32.23 24.22 -23.88
CA PRO E 58 -33.04 23.80 -25.03
C PRO E 58 -33.59 24.99 -25.84
N GLY E 59 -33.70 24.78 -27.15
CA GLY E 59 -34.16 25.81 -28.06
C GLY E 59 -35.59 26.28 -27.89
N ARG E 60 -36.36 25.62 -27.04
CA ARG E 60 -37.72 26.07 -26.83
C ARG E 60 -37.76 27.29 -25.88
N PHE E 61 -36.61 27.63 -25.31
CA PHE E 61 -36.51 28.82 -24.48
C PHE E 61 -36.07 30.00 -25.34
N SER E 62 -36.64 31.18 -25.07
CA SER E 62 -36.26 32.42 -25.75
C SER E 62 -36.47 33.60 -24.81
N GLY E 63 -35.78 34.71 -25.12
CA GLY E 63 -35.84 35.91 -24.29
C GLY E 63 -35.97 37.11 -25.20
N SER E 64 -36.69 38.13 -24.73
CA SER E 64 -36.83 39.37 -25.48
C SER E 64 -37.14 40.49 -24.51
N GLY E 65 -37.12 41.72 -24.99
CA GLY E 65 -37.59 42.83 -24.20
C GLY E 65 -36.99 44.14 -24.62
N SER E 66 -37.43 45.22 -24.00
CA SER E 66 -36.89 46.54 -24.23
C SER E 66 -37.39 47.46 -23.12
N GLY E 67 -36.77 48.62 -23.00
CA GLY E 67 -37.18 49.58 -22.00
C GLY E 67 -37.00 48.98 -20.63
N ASN E 68 -38.10 48.89 -19.89
CA ASN E 68 -38.06 48.38 -18.53
C ASN E 68 -38.71 46.99 -18.42
N SER E 69 -38.98 46.36 -19.55
CA SER E 69 -39.80 45.15 -19.53
C SER E 69 -39.17 44.02 -20.39
N TYR E 70 -38.83 42.93 -19.74
CA TYR E 70 -38.14 41.81 -20.37
C TYR E 70 -38.91 40.53 -20.12
N SER E 71 -38.78 39.58 -21.04
CA SER E 71 -39.56 38.38 -20.91
C SER E 71 -38.77 37.12 -21.28
N LEU E 72 -39.25 35.99 -20.77
CA LEU E 72 -38.67 34.70 -21.09
C LEU E 72 -39.84 33.83 -21.50
N THR E 73 -39.71 33.17 -22.63
CA THR E 73 -40.80 32.39 -23.16
C THR E 73 -40.38 30.93 -23.35
N ILE E 74 -41.28 30.01 -23.02
CA ILE E 74 -41.04 28.58 -23.27
C ILE E 74 -42.05 28.20 -24.33
N SER E 75 -41.57 27.84 -25.51
CA SER E 75 -42.48 27.73 -26.63
C SER E 75 -43.38 26.52 -26.51
N SER E 76 -42.89 25.51 -25.80
CA SER E 76 -43.66 24.29 -25.56
C SER E 76 -43.09 23.62 -24.31
N VAL E 77 -43.78 23.80 -23.19
CA VAL E 77 -43.25 23.33 -21.92
C VAL E 77 -43.04 21.82 -21.88
N GLU E 78 -41.95 21.41 -21.25
CA GLU E 78 -41.73 20.01 -20.90
C GLU E 78 -41.65 19.80 -19.40
N ALA E 79 -41.90 18.58 -18.94
CA ALA E 79 -41.90 18.26 -17.53
C ALA E 79 -40.61 18.70 -16.84
N GLU E 80 -39.49 18.66 -17.55
CA GLU E 80 -38.20 19.00 -16.94
C GLU E 80 -37.98 20.50 -16.76
N ASP E 81 -38.95 21.32 -17.16
CA ASP E 81 -38.81 22.77 -17.05
C ASP E 81 -39.23 23.32 -15.69
N ASP E 82 -39.70 22.46 -14.77
CA ASP E 82 -40.10 22.93 -13.44
C ASP E 82 -38.89 23.44 -12.71
N ALA E 83 -38.98 24.68 -12.25
CA ALA E 83 -37.86 25.37 -11.64
C ALA E 83 -38.32 26.78 -11.24
N THR E 84 -37.46 27.52 -10.56
CA THR E 84 -37.71 28.91 -10.39
C THR E 84 -36.75 29.66 -11.29
N TYR E 85 -37.27 30.64 -12.01
CA TYR E 85 -36.46 31.42 -12.93
C TYR E 85 -36.29 32.82 -12.38
N TYR E 86 -35.05 33.30 -12.34
CA TYR E 86 -34.76 34.64 -11.83
C TYR E 86 -34.14 35.53 -12.91
N CYS E 87 -34.60 36.78 -13.01
CA CYS E 87 -34.00 37.72 -13.92
C CYS E 87 -32.95 38.50 -13.13
N GLN E 88 -32.02 39.15 -13.83
CA GLN E 88 -30.93 39.88 -13.19
C GLN E 88 -30.47 41.01 -14.13
N GLN E 89 -30.29 42.21 -13.56
CA GLN E 89 -29.85 43.37 -14.34
C GLN E 89 -28.43 43.74 -13.96
N TRP E 90 -27.71 44.28 -14.94
CA TRP E 90 -26.36 44.78 -14.73
C TRP E 90 -26.22 46.18 -15.35
N SER E 91 -27.31 46.92 -15.44
CA SER E 91 -27.29 48.28 -16.00
C SER E 91 -26.86 49.30 -14.95
N LYS E 92 -27.25 49.07 -13.69
CA LYS E 92 -26.84 49.96 -12.60
C LYS E 92 -26.32 49.20 -11.39
N HIS E 93 -25.39 49.84 -10.69
CA HIS E 93 -24.86 49.27 -9.48
C HIS E 93 -25.79 49.67 -8.34
N PRO E 94 -26.11 48.73 -7.48
CA PRO E 94 -25.60 47.35 -7.49
C PRO E 94 -26.42 46.43 -8.35
N LEU E 95 -25.81 45.32 -8.76
CA LEU E 95 -26.53 44.30 -9.53
C LEU E 95 -27.68 43.80 -8.65
N THR E 96 -28.81 43.51 -9.28
CA THR E 96 -29.96 43.06 -8.53
C THR E 96 -30.67 41.97 -9.30
N PHE E 97 -31.44 41.17 -8.57
CA PHE E 97 -32.14 40.02 -9.14
C PHE E 97 -33.62 40.23 -8.94
N GLY E 98 -34.41 39.60 -9.78
CA GLY E 98 -35.84 39.58 -9.58
C GLY E 98 -36.27 38.63 -8.45
N SER E 99 -37.55 38.67 -8.15
CA SER E 99 -38.15 37.92 -7.07
C SER E 99 -38.44 36.48 -7.47
N GLY E 100 -38.29 36.16 -8.75
CA GLY E 100 -38.45 34.79 -9.20
C GLY E 100 -39.84 34.44 -9.71
N THR E 101 -39.87 33.66 -10.78
CA THR E 101 -41.13 33.06 -11.24
C THR E 101 -40.99 31.56 -11.11
N LYS E 102 -41.89 30.94 -10.36
CA LYS E 102 -41.80 29.52 -10.17
C LYS E 102 -42.71 28.81 -11.16
N VAL E 103 -42.15 27.90 -11.93
CA VAL E 103 -42.92 27.14 -12.87
C VAL E 103 -43.20 25.72 -12.39
N GLU E 104 -44.49 25.40 -12.26
CA GLU E 104 -44.93 24.05 -11.88
C GLU E 104 -45.52 23.38 -13.11
N ILE E 105 -45.30 22.09 -13.26
CA ILE E 105 -45.85 21.37 -14.39
C ILE E 105 -47.18 20.71 -14.06
N LYS E 106 -48.17 20.95 -14.92
CA LYS E 106 -49.49 20.33 -14.77
C LYS E 106 -49.48 18.88 -15.29
N ARG E 107 -50.11 17.97 -14.55
CA ARG E 107 -50.30 16.59 -15.04
C ARG E 107 -51.68 16.10 -14.62
N THR E 108 -52.03 14.89 -15.05
CA THR E 108 -53.30 14.31 -14.63
C THR E 108 -53.29 14.07 -13.13
N VAL E 109 -54.47 14.12 -12.53
CA VAL E 109 -54.60 13.86 -11.10
C VAL E 109 -54.14 12.44 -10.77
N ALA E 110 -53.47 12.32 -9.64
CA ALA E 110 -52.97 11.04 -9.17
C ALA E 110 -53.14 11.01 -7.67
N ALA E 111 -53.95 10.06 -7.20
CA ALA E 111 -54.13 9.89 -5.77
C ALA E 111 -52.88 9.27 -5.17
N PRO E 112 -52.59 9.59 -3.90
CA PRO E 112 -51.37 9.05 -3.26
C PRO E 112 -51.48 7.57 -2.90
N SER E 113 -50.35 6.86 -2.98
CA SER E 113 -50.19 5.58 -2.29
C SER E 113 -49.78 5.89 -0.86
N VAL E 114 -50.39 5.23 0.12
CA VAL E 114 -50.13 5.55 1.51
C VAL E 114 -49.45 4.37 2.22
N PHE E 115 -48.37 4.65 2.94
CA PHE E 115 -47.63 3.64 3.69
C PHE E 115 -47.50 4.16 5.11
N ILE E 116 -47.39 3.26 6.08
CA ILE E 116 -47.18 3.72 7.46
C ILE E 116 -46.05 2.92 8.13
N PHE E 117 -45.31 3.59 9.01
CA PHE E 117 -44.12 3.00 9.65
C PHE E 117 -44.19 3.23 11.16
N PRO E 118 -44.28 2.14 11.93
CA PRO E 118 -44.16 2.27 13.39
C PRO E 118 -42.77 2.75 13.79
N PRO E 119 -42.63 3.30 15.00
CA PRO E 119 -41.31 3.69 15.49
C PRO E 119 -40.43 2.46 15.65
N SER E 120 -39.11 2.62 15.50
CA SER E 120 -38.19 1.54 15.79
C SER E 120 -38.11 1.30 17.30
N ASP E 121 -37.79 0.07 17.70
CA ASP E 121 -37.53 -0.20 19.12
C ASP E 121 -36.33 0.60 19.60
N GLU E 122 -35.34 0.79 18.74
CA GLU E 122 -34.19 1.59 19.12
C GLU E 122 -34.63 2.99 19.58
N GLN E 123 -35.48 3.66 18.80
CA GLN E 123 -35.90 5.00 19.18
C GLN E 123 -36.65 4.99 20.49
N LEU E 124 -37.55 4.03 20.64
CA LEU E 124 -38.36 3.96 21.84
C LEU E 124 -37.50 3.91 23.07
N LYS E 125 -36.43 3.14 23.00
CA LYS E 125 -35.49 3.02 24.10
C LYS E 125 -35.12 4.39 24.65
N SER E 126 -34.94 5.38 23.77
CA SER E 126 -34.50 6.71 24.19
C SER E 126 -35.63 7.62 24.71
N GLY E 127 -36.86 7.13 24.73
CA GLY E 127 -37.97 7.88 25.32
C GLY E 127 -38.93 8.59 24.37
N THR E 128 -38.71 8.50 23.06
CA THR E 128 -39.58 9.16 22.09
C THR E 128 -40.02 8.15 21.04
N ALA E 129 -41.22 8.36 20.50
CA ALA E 129 -41.74 7.54 19.41
C ALA E 129 -42.19 8.41 18.24
N SER E 130 -41.63 8.15 17.06
CA SER E 130 -42.04 8.83 15.83
C SER E 130 -42.77 7.83 14.95
N VAL E 131 -44.04 8.10 14.65
CA VAL E 131 -44.78 7.28 13.71
C VAL E 131 -44.84 8.05 12.39
N VAL E 132 -44.54 7.39 11.28
CA VAL E 132 -44.39 8.08 9.99
C VAL E 132 -45.38 7.58 8.96
N CYS E 133 -46.07 8.52 8.32
CA CYS E 133 -47.06 8.23 7.29
C CYS E 133 -46.48 8.80 6.00
N LEU E 134 -46.40 7.97 4.96
CA LEU E 134 -45.87 8.40 3.68
C LEU E 134 -46.96 8.42 2.62
N LEU E 135 -47.15 9.58 1.97
CA LEU E 135 -48.02 9.71 0.81
C LEU E 135 -47.14 9.80 -0.41
N ASN E 136 -47.22 8.85 -1.32
CA ASN E 136 -46.24 8.80 -2.40
C ASN E 136 -46.84 9.09 -3.77
N ASN E 137 -46.14 9.95 -4.53
CA ASN E 137 -46.42 10.15 -5.96
C ASN E 137 -47.85 10.57 -6.28
N PHE E 138 -48.26 11.72 -5.74
CA PHE E 138 -49.60 12.24 -6.01
C PHE E 138 -49.56 13.64 -6.64
N TYR E 139 -50.73 14.06 -7.14
CA TYR E 139 -50.88 15.36 -7.73
C TYR E 139 -52.37 15.66 -7.76
N PRO E 140 -52.75 16.88 -7.43
CA PRO E 140 -51.87 18.00 -7.09
C PRO E 140 -51.32 17.91 -5.67
N ARG E 141 -50.59 18.96 -5.32
CA ARG E 141 -49.79 19.00 -4.10
C ARG E 141 -50.60 19.02 -2.80
N GLU E 142 -51.82 19.58 -2.85
CA GLU E 142 -52.65 19.65 -1.65
C GLU E 142 -53.13 18.26 -1.25
N ALA E 143 -53.02 17.95 0.05
CA ALA E 143 -53.47 16.68 0.61
C ALA E 143 -53.65 16.91 2.09
N LYS E 144 -54.36 16.04 2.76
CA LYS E 144 -54.63 16.25 4.16
C LYS E 144 -54.45 14.90 4.85
N VAL E 145 -53.79 14.94 5.99
CA VAL E 145 -53.51 13.76 6.77
C VAL E 145 -54.04 13.97 8.17
N GLN E 146 -54.82 13.04 8.69
CA GLN E 146 -55.27 13.08 10.09
C GLN E 146 -54.73 11.86 10.80
N TRP E 147 -54.27 12.05 12.03
CA TRP E 147 -53.76 10.93 12.82
C TRP E 147 -54.80 10.52 13.85
N LYS E 148 -54.98 9.23 14.01
CA LYS E 148 -55.84 8.74 15.06
C LYS E 148 -55.15 7.66 15.85
N VAL E 149 -55.26 7.79 17.17
CA VAL E 149 -54.70 6.83 18.09
C VAL E 149 -55.84 6.23 18.89
N ASP E 150 -56.07 4.93 18.73
CA ASP E 150 -57.25 4.28 19.28
C ASP E 150 -58.49 5.11 18.99
N ASN E 151 -58.57 5.58 17.75
CA ASN E 151 -59.72 6.31 17.22
C ASN E 151 -59.88 7.74 17.72
N ALA E 152 -58.93 8.21 18.53
CA ALA E 152 -58.96 9.58 18.99
C ALA E 152 -58.15 10.46 18.06
N LEU E 153 -58.79 11.50 17.53
CA LEU E 153 -58.14 12.42 16.61
C LEU E 153 -57.02 13.18 17.32
N GLN E 154 -55.84 13.18 16.70
CA GLN E 154 -54.68 13.87 17.24
C GLN E 154 -54.56 15.28 16.66
N SER E 155 -54.18 16.24 17.50
CA SER E 155 -53.83 17.56 16.98
C SER E 155 -52.65 18.12 17.78
N GLY E 156 -51.75 18.81 17.09
CA GLY E 156 -50.68 19.51 17.77
C GLY E 156 -49.41 18.70 17.92
N ASN E 157 -49.41 17.44 17.50
CA ASN E 157 -48.25 16.60 17.70
C ASN E 157 -47.73 15.96 16.43
N SER E 158 -48.05 16.55 15.28
CA SER E 158 -47.50 16.07 14.01
C SER E 158 -46.93 17.21 13.18
N GLN E 159 -46.04 16.87 12.26
CA GLN E 159 -45.46 17.83 11.33
C GLN E 159 -45.37 17.16 9.97
N GLU E 160 -45.52 17.95 8.92
CA GLU E 160 -45.52 17.41 7.55
C GLU E 160 -44.38 18.05 6.77
N SER E 161 -43.89 17.34 5.75
CA SER E 161 -42.93 17.88 4.81
C SER E 161 -43.27 17.38 3.41
N VAL E 162 -43.15 18.26 2.40
CA VAL E 162 -43.49 17.86 1.03
C VAL E 162 -42.31 18.04 0.11
N THR E 163 -42.10 17.10 -0.80
CA THR E 163 -40.99 17.24 -1.71
C THR E 163 -41.36 18.27 -2.77
N GLU E 164 -40.37 18.68 -3.54
CA GLU E 164 -40.65 19.50 -4.69
C GLU E 164 -41.12 18.56 -5.77
N GLN E 165 -41.59 19.15 -6.85
CA GLN E 165 -42.14 18.38 -7.94
C GLN E 165 -41.04 17.55 -8.57
N ASP E 166 -41.37 16.30 -8.83
CA ASP E 166 -40.45 15.40 -9.49
C ASP E 166 -40.30 15.83 -10.97
N SER E 167 -39.07 16.06 -11.43
CA SER E 167 -38.80 16.52 -12.80
C SER E 167 -39.14 15.48 -13.89
N LYS E 168 -39.44 14.24 -13.48
CA LYS E 168 -39.78 13.17 -14.43
C LYS E 168 -41.28 12.87 -14.54
N ASP E 169 -41.93 12.53 -13.43
CA ASP E 169 -43.37 12.25 -13.47
C ASP E 169 -44.27 13.38 -12.91
N SER E 170 -43.64 14.43 -12.42
CA SER E 170 -44.36 15.66 -12.03
C SER E 170 -45.26 15.48 -10.83
N THR E 171 -44.97 14.47 -10.01
CA THR E 171 -45.75 14.26 -8.80
C THR E 171 -45.03 14.80 -7.60
N TYR E 172 -45.76 14.77 -6.47
CA TYR E 172 -45.23 15.17 -5.18
C TYR E 172 -45.28 13.98 -4.23
N SER E 173 -44.45 13.99 -3.18
CA SER E 173 -44.62 13.09 -2.06
C SER E 173 -44.66 13.87 -0.77
N LEU E 174 -45.24 13.27 0.26
CA LEU E 174 -45.43 13.96 1.52
C LEU E 174 -45.21 12.98 2.68
N SER E 175 -44.58 13.46 3.74
CA SER E 175 -44.45 12.68 4.95
C SER E 175 -45.14 13.41 6.08
N SER E 176 -45.79 12.65 6.95
CA SER E 176 -46.35 13.23 8.16
C SER E 176 -45.76 12.42 9.30
N THR E 177 -45.25 13.10 10.31
CA THR E 177 -44.62 12.44 11.44
C THR E 177 -45.35 12.80 12.70
N LEU E 178 -45.87 11.79 13.39
CA LEU E 178 -46.52 11.94 14.69
C LEU E 178 -45.49 11.62 15.77
N THR E 179 -45.32 12.53 16.71
CA THR E 179 -44.32 12.34 17.75
C THR E 179 -44.98 12.25 19.13
N LEU E 180 -44.68 11.17 19.84
CA LEU E 180 -45.23 10.89 21.15
C LEU E 180 -44.11 10.50 22.08
N SER E 181 -44.34 10.60 23.38
CA SER E 181 -43.41 10.05 24.35
C SER E 181 -43.51 8.54 24.29
N LYS E 182 -42.43 7.84 24.70
CA LYS E 182 -42.49 6.39 24.82
C LYS E 182 -43.68 5.99 25.68
N ALA E 183 -43.80 6.69 26.80
CA ALA E 183 -44.81 6.32 27.76
C ALA E 183 -46.20 6.43 27.13
N ASP E 184 -46.46 7.49 26.38
CA ASP E 184 -47.76 7.65 25.74
C ASP E 184 -47.95 6.63 24.62
N TYR E 185 -46.88 6.37 23.88
CA TYR E 185 -46.99 5.46 22.77
C TYR E 185 -47.36 4.08 23.27
N GLU E 186 -46.80 3.70 24.42
CA GLU E 186 -47.02 2.36 24.93
C GLU E 186 -48.39 2.24 25.63
N LYS E 187 -49.10 3.35 25.80
CA LYS E 187 -50.44 3.33 26.41
C LYS E 187 -51.55 2.94 25.42
N HIS E 188 -51.27 2.96 24.13
CA HIS E 188 -52.31 2.81 23.12
C HIS E 188 -52.01 1.69 22.12
N LYS E 189 -53.05 1.22 21.43
CA LYS E 189 -52.91 0.04 20.60
C LYS E 189 -52.92 0.35 19.09
N VAL E 190 -53.93 1.09 18.63
CA VAL E 190 -54.10 1.30 17.20
C VAL E 190 -53.62 2.67 16.75
N TYR E 191 -52.70 2.67 15.80
CA TYR E 191 -52.17 3.91 15.23
C TYR E 191 -52.58 3.96 13.77
N ALA E 192 -53.25 5.05 13.37
CA ALA E 192 -53.76 5.17 12.00
C ALA E 192 -53.51 6.56 11.44
N CYS E 193 -53.08 6.63 10.19
CA CYS E 193 -53.13 7.91 9.47
C CYS E 193 -54.21 7.81 8.41
N GLU E 194 -55.05 8.83 8.34
CA GLU E 194 -56.21 8.86 7.44
C GLU E 194 -55.97 9.97 6.41
N VAL E 195 -55.98 9.60 5.13
CA VAL E 195 -55.52 10.50 4.07
C VAL E 195 -56.66 10.84 3.14
N THR E 196 -56.79 12.12 2.82
CA THR E 196 -57.77 12.56 1.81
C THR E 196 -57.08 13.43 0.79
N HIS E 197 -57.68 13.55 -0.38
CA HIS E 197 -57.02 14.19 -1.52
C HIS E 197 -58.06 14.29 -2.62
N GLN E 198 -57.89 15.31 -3.45
CA GLN E 198 -58.80 15.57 -4.58
C GLN E 198 -59.12 14.34 -5.40
N GLY E 199 -58.16 13.42 -5.54
CA GLY E 199 -58.36 12.25 -6.38
C GLY E 199 -58.84 11.00 -5.64
N LEU E 200 -59.13 11.15 -4.35
CA LEU E 200 -59.67 10.04 -3.56
C LEU E 200 -61.14 10.27 -3.25
N SER E 201 -62.01 9.37 -3.69
CA SER E 201 -63.45 9.54 -3.47
C SER E 201 -63.83 9.23 -2.03
N SER E 202 -62.93 8.62 -1.27
CA SER E 202 -63.13 8.41 0.16
C SER E 202 -61.77 8.30 0.82
N PRO E 203 -61.71 8.50 2.14
CA PRO E 203 -60.39 8.51 2.79
C PRO E 203 -59.69 7.15 2.73
N VAL E 204 -58.37 7.19 2.69
CA VAL E 204 -57.54 6.00 2.74
C VAL E 204 -56.94 5.99 4.13
N THR E 205 -57.12 4.89 4.83
CA THR E 205 -56.55 4.72 6.16
C THR E 205 -55.54 3.59 6.18
N LYS E 206 -54.33 3.88 6.65
CA LYS E 206 -53.34 2.84 6.87
C LYS E 206 -53.07 2.86 8.38
N SER E 207 -53.07 1.69 8.98
CA SER E 207 -52.96 1.58 10.43
C SER E 207 -52.18 0.34 10.81
N PHE E 208 -51.73 0.29 12.06
CA PHE E 208 -51.16 -0.92 12.65
C PHE E 208 -51.52 -1.00 14.13
N ASN E 209 -51.45 -2.20 14.70
CA ASN E 209 -51.61 -2.38 16.14
C ASN E 209 -50.26 -2.57 16.78
N ARG E 210 -49.89 -1.69 17.70
CA ARG E 210 -48.61 -1.80 18.39
C ARG E 210 -48.46 -3.24 18.89
N GLY E 211 -47.39 -3.92 18.44
CA GLY E 211 -47.24 -5.35 18.68
C GLY E 211 -47.30 -6.17 17.39
N VAL F 2 -15.32 23.81 -16.16
CA VAL F 2 -15.24 24.80 -15.10
C VAL F 2 -15.87 24.26 -13.86
N GLN F 3 -15.16 24.37 -12.73
CA GLN F 3 -15.74 23.96 -11.46
C GLN F 3 -15.43 24.97 -10.39
N LEU F 4 -16.43 25.24 -9.57
CA LEU F 4 -16.32 26.17 -8.46
C LEU F 4 -16.69 25.39 -7.19
N GLN F 5 -15.69 25.01 -6.41
CA GLN F 5 -15.93 24.14 -5.25
C GLN F 5 -15.91 24.97 -3.98
N GLN F 6 -17.03 25.05 -3.30
CA GLN F 6 -17.13 25.90 -2.12
C GLN F 6 -16.90 25.11 -0.84
N SER F 7 -16.59 25.81 0.25
CA SER F 7 -16.37 25.16 1.53
C SER F 7 -17.70 24.70 2.16
N GLY F 8 -17.61 23.82 3.15
CA GLY F 8 -18.76 23.14 3.70
C GLY F 8 -19.60 24.01 4.63
N PRO F 9 -20.77 23.50 5.04
CA PRO F 9 -21.70 24.23 5.88
C PRO F 9 -21.08 24.65 7.21
N GLU F 10 -21.54 25.77 7.75
CA GLU F 10 -20.95 26.38 8.91
C GLU F 10 -22.03 26.68 9.93
N LEU F 11 -21.62 26.68 11.20
CA LEU F 11 -22.43 27.13 12.31
C LEU F 11 -21.56 28.14 13.07
N GLU F 12 -22.10 29.33 13.35
CA GLU F 12 -21.33 30.34 14.07
C GLU F 12 -22.19 31.05 15.09
N LYS F 13 -21.58 31.49 16.18
CA LYS F 13 -22.30 32.25 17.19
C LYS F 13 -22.52 33.70 16.76
N PRO F 14 -23.62 34.33 17.21
CA PRO F 14 -23.80 35.77 16.95
C PRO F 14 -22.55 36.54 17.36
N GLY F 15 -22.14 37.51 16.55
CA GLY F 15 -20.99 38.34 16.89
C GLY F 15 -19.69 37.83 16.32
N ALA F 16 -19.66 36.54 15.97
CA ALA F 16 -18.45 35.94 15.43
C ALA F 16 -18.30 36.26 13.94
N SER F 17 -17.31 35.64 13.32
CA SER F 17 -17.09 35.79 11.87
C SER F 17 -16.82 34.44 11.26
N VAL F 18 -16.91 34.34 9.94
CA VAL F 18 -16.57 33.11 9.27
C VAL F 18 -16.01 33.45 7.91
N LYS F 19 -15.06 32.64 7.45
CA LYS F 19 -14.42 32.83 6.18
C LYS F 19 -14.83 31.65 5.31
N ILE F 20 -15.49 31.92 4.19
CA ILE F 20 -15.84 30.83 3.30
C ILE F 20 -15.04 30.92 2.04
N SER F 21 -14.88 29.80 1.36
CA SER F 21 -13.98 29.77 0.21
C SER F 21 -14.62 29.15 -0.98
N CYS F 22 -14.02 29.43 -2.13
CA CYS F 22 -14.53 28.97 -3.40
C CYS F 22 -13.31 28.67 -4.27
N LYS F 23 -13.00 27.38 -4.47
CA LYS F 23 -11.80 27.02 -5.22
C LYS F 23 -12.21 26.85 -6.67
N ALA F 24 -11.59 27.61 -7.55
CA ALA F 24 -11.92 27.60 -8.96
C ALA F 24 -10.97 26.71 -9.73
N SER F 25 -11.51 25.89 -10.62
CA SER F 25 -10.64 25.06 -11.48
C SER F 25 -11.20 24.93 -12.89
N GLY F 26 -10.33 24.51 -13.82
CA GLY F 26 -10.75 24.26 -15.18
C GLY F 26 -10.67 25.51 -16.05
N TYR F 27 -10.21 26.63 -15.51
CA TYR F 27 -10.08 27.86 -16.29
C TYR F 27 -9.09 28.81 -15.64
N SER F 28 -8.67 29.82 -16.40
CA SER F 28 -7.74 30.83 -15.91
C SER F 28 -8.43 31.82 -14.96
N PHE F 29 -8.16 31.64 -13.69
CA PHE F 29 -8.73 32.43 -12.60
C PHE F 29 -8.78 33.94 -12.85
N THR F 30 -7.67 34.50 -13.29
CA THR F 30 -7.57 35.95 -13.39
C THR F 30 -8.22 36.53 -14.65
N GLY F 31 -8.73 35.67 -15.53
CA GLY F 31 -9.41 36.13 -16.73
C GLY F 31 -10.88 36.48 -16.53
N TYR F 32 -11.39 36.31 -15.31
CA TYR F 32 -12.81 36.44 -15.02
C TYR F 32 -13.01 37.12 -13.67
N THR F 33 -14.24 37.49 -13.37
CA THR F 33 -14.53 38.06 -12.05
C THR F 33 -15.11 36.95 -11.17
N MET F 34 -15.07 37.17 -9.88
CA MET F 34 -15.71 36.29 -8.91
C MET F 34 -16.73 37.08 -8.11
N ASN F 35 -17.98 36.62 -8.15
CA ASN F 35 -19.09 37.31 -7.51
C ASN F 35 -19.59 36.47 -6.36
N TRP F 36 -20.18 37.12 -5.36
CA TRP F 36 -20.80 36.41 -4.26
C TRP F 36 -22.27 36.83 -4.14
N VAL F 37 -23.13 35.86 -3.90
CA VAL F 37 -24.58 36.06 -3.89
C VAL F 37 -25.15 35.38 -2.65
N LYS F 38 -26.03 36.08 -1.94
CA LYS F 38 -26.74 35.56 -0.79
C LYS F 38 -28.13 35.07 -1.17
N GLN F 39 -28.47 33.84 -0.79
CA GLN F 39 -29.85 33.36 -0.95
C GLN F 39 -30.47 33.08 0.40
N SER F 40 -31.54 33.82 0.72
CA SER F 40 -32.20 33.70 2.01
C SER F 40 -33.47 32.85 1.88
N HIS F 41 -33.65 31.96 2.84
CA HIS F 41 -34.85 31.11 2.92
C HIS F 41 -35.14 30.39 1.61
N GLY F 42 -34.09 30.02 0.89
CA GLY F 42 -34.23 29.29 -0.35
C GLY F 42 -34.98 30.08 -1.43
N LYS F 43 -34.99 31.40 -1.33
CA LYS F 43 -35.78 32.23 -2.25
C LYS F 43 -35.00 33.45 -2.77
N SER F 44 -35.03 34.53 -2.00
CA SER F 44 -34.50 35.79 -2.51
C SER F 44 -32.99 35.78 -2.71
N LEU F 45 -32.56 36.30 -3.86
CA LEU F 45 -31.15 36.40 -4.19
C LEU F 45 -30.68 37.86 -4.09
N GLU F 46 -29.54 38.08 -3.45
CA GLU F 46 -28.93 39.40 -3.38
C GLU F 46 -27.46 39.32 -3.73
N TRP F 47 -27.01 40.27 -4.52
CA TRP F 47 -25.62 40.33 -4.94
C TRP F 47 -24.86 41.05 -3.88
N ILE F 48 -23.81 40.42 -3.37
CA ILE F 48 -23.01 40.97 -2.28
C ILE F 48 -21.91 41.88 -2.82
N GLY F 49 -21.23 41.42 -3.84
CA GLY F 49 -20.10 42.15 -4.39
C GLY F 49 -19.30 41.27 -5.32
N LEU F 50 -18.25 41.83 -5.90
CA LEU F 50 -17.35 41.06 -6.73
C LEU F 50 -15.92 41.47 -6.52
N ILE F 51 -15.01 40.59 -6.93
CA ILE F 51 -13.61 40.86 -6.86
C ILE F 51 -13.05 40.52 -8.25
N THR F 52 -12.08 41.28 -8.69
CA THR F 52 -11.37 41.00 -9.92
C THR F 52 -10.03 40.39 -9.51
N PRO F 53 -9.87 39.07 -9.64
CA PRO F 53 -8.69 38.41 -9.08
C PRO F 53 -7.35 38.95 -9.58
N TYR F 54 -7.26 39.48 -10.80
CA TYR F 54 -5.96 39.91 -11.31
C TYR F 54 -5.29 40.95 -10.42
N ASN F 55 -6.07 41.80 -9.76
CA ASN F 55 -5.48 42.81 -8.87
C ASN F 55 -6.06 42.83 -7.47
N GLY F 56 -7.03 41.96 -7.21
CA GLY F 56 -7.66 41.91 -5.89
C GLY F 56 -8.62 43.05 -5.54
N ALA F 57 -8.92 43.93 -6.49
CA ALA F 57 -9.86 45.04 -6.24
C ALA F 57 -11.27 44.48 -6.14
N SER F 58 -12.12 45.13 -5.35
CA SER F 58 -13.45 44.62 -5.17
C SER F 58 -14.47 45.74 -5.18
N SER F 59 -15.71 45.39 -5.49
CA SER F 59 -16.81 46.36 -5.55
C SER F 59 -17.97 45.75 -4.79
N TYR F 60 -18.58 46.51 -3.89
CA TYR F 60 -19.61 45.96 -3.01
C TYR F 60 -20.97 46.62 -3.19
N ASN F 61 -22.02 45.83 -3.01
CA ASN F 61 -23.33 46.34 -2.67
C ASN F 61 -23.18 47.02 -1.33
N GLN F 62 -23.56 48.30 -1.24
CA GLN F 62 -23.31 49.05 -0.02
C GLN F 62 -23.94 48.39 1.20
N LYS F 63 -25.03 47.65 1.01
CA LYS F 63 -25.70 46.95 2.11
C LYS F 63 -24.74 45.97 2.79
N PHE F 64 -23.76 45.46 2.04
CA PHE F 64 -22.85 44.43 2.56
C PHE F 64 -21.42 44.92 2.83
N ARG F 65 -21.16 46.20 2.64
CA ARG F 65 -19.83 46.72 2.93
C ARG F 65 -19.61 46.60 4.45
N GLY F 66 -18.44 46.16 4.87
CA GLY F 66 -18.29 45.97 6.30
C GLY F 66 -18.98 44.74 6.90
N LYS F 67 -19.95 44.16 6.19
CA LYS F 67 -20.44 42.83 6.55
C LYS F 67 -19.56 41.76 5.87
N ALA F 68 -19.18 42.02 4.62
CA ALA F 68 -18.42 41.07 3.81
C ALA F 68 -17.08 41.69 3.39
N THR F 69 -16.02 40.88 3.41
CA THR F 69 -14.73 41.29 2.87
C THR F 69 -14.28 40.24 1.84
N LEU F 70 -14.02 40.67 0.61
CA LEU F 70 -13.59 39.74 -0.43
C LEU F 70 -12.07 39.74 -0.62
N THR F 71 -11.47 38.55 -0.72
CA THR F 71 -10.06 38.43 -1.06
C THR F 71 -9.87 37.23 -1.98
N VAL F 72 -8.67 37.07 -2.51
CA VAL F 72 -8.33 35.91 -3.31
C VAL F 72 -6.96 35.40 -2.93
N ASP F 73 -6.72 34.11 -3.17
CA ASP F 73 -5.37 33.59 -3.14
C ASP F 73 -5.10 33.09 -4.54
N LYS F 74 -4.28 33.81 -5.29
CA LYS F 74 -4.06 33.51 -6.70
C LYS F 74 -3.28 32.21 -6.89
N SER F 75 -2.45 31.85 -5.91
CA SER F 75 -1.64 30.65 -6.02
C SER F 75 -2.55 29.44 -6.19
N SER F 76 -3.57 29.37 -5.35
CA SER F 76 -4.46 28.21 -5.35
C SER F 76 -5.77 28.49 -6.10
N SER F 77 -5.83 29.61 -6.79
CA SER F 77 -7.07 30.05 -7.49
C SER F 77 -8.29 29.91 -6.60
N THR F 78 -8.21 30.50 -5.42
CA THR F 78 -9.29 30.42 -4.45
C THR F 78 -9.78 31.81 -4.09
N ALA F 79 -11.09 32.01 -4.14
CA ALA F 79 -11.69 33.27 -3.68
C ALA F 79 -12.25 33.07 -2.28
N TYR F 80 -12.18 34.12 -1.46
CA TYR F 80 -12.65 34.02 -0.08
C TYR F 80 -13.61 35.16 0.25
N MET F 81 -14.56 34.88 1.13
CA MET F 81 -15.40 35.93 1.65
C MET F 81 -15.46 35.75 3.15
N ASP F 82 -15.08 36.81 3.85
CA ASP F 82 -15.21 36.89 5.30
C ASP F 82 -16.52 37.59 5.64
N LEU F 83 -17.35 36.95 6.46
CA LEU F 83 -18.57 37.56 6.96
C LEU F 83 -18.35 37.89 8.42
N LEU F 84 -18.55 39.16 8.78
CA LEU F 84 -18.18 39.69 10.10
C LEU F 84 -19.40 40.01 10.97
N SER F 85 -19.20 40.05 12.28
CA SER F 85 -20.26 40.44 13.21
C SER F 85 -21.58 39.76 12.89
N LEU F 86 -21.56 38.44 12.87
CA LEU F 86 -22.71 37.69 12.43
C LEU F 86 -23.94 37.91 13.30
N THR F 87 -25.09 38.00 12.65
CA THR F 87 -26.38 37.99 13.32
C THR F 87 -27.29 36.96 12.66
N SER F 88 -28.45 36.70 13.25
CA SER F 88 -29.36 35.71 12.68
C SER F 88 -29.75 36.05 11.25
N GLU F 89 -29.76 37.34 10.91
CA GLU F 89 -30.13 37.78 9.57
C GLU F 89 -29.13 37.32 8.52
N ASP F 90 -27.95 36.91 8.96
CA ASP F 90 -26.92 36.42 8.05
C ASP F 90 -27.04 34.91 7.75
N SER F 91 -27.98 34.23 8.41
CA SER F 91 -28.18 32.81 8.15
C SER F 91 -28.74 32.65 6.77
N ALA F 92 -28.02 31.96 5.89
CA ALA F 92 -28.44 31.88 4.50
C ALA F 92 -27.51 30.92 3.78
N VAL F 93 -27.74 30.74 2.48
CA VAL F 93 -26.78 30.01 1.63
C VAL F 93 -26.03 31.04 0.76
N TYR F 94 -24.70 30.99 0.77
CA TYR F 94 -23.90 31.93 0.03
C TYR F 94 -23.26 31.22 -1.17
N PHE F 95 -23.45 31.80 -2.35
CA PHE F 95 -22.87 31.24 -3.58
C PHE F 95 -21.75 32.11 -4.11
N CYS F 96 -20.75 31.48 -4.65
CA CYS F 96 -19.80 32.21 -5.47
CA CYS F 96 -19.78 32.18 -5.47
C CYS F 96 -20.20 31.92 -6.91
N ALA F 97 -19.92 32.87 -7.81
CA ALA F 97 -20.29 32.68 -9.21
C ALA F 97 -19.32 33.46 -10.08
N ARG F 98 -18.90 32.82 -11.17
CA ARG F 98 -17.98 33.45 -12.09
C ARG F 98 -18.71 34.43 -12.98
N GLY F 99 -18.11 35.58 -13.22
CA GLY F 99 -18.62 36.53 -14.19
C GLY F 99 -17.53 36.92 -15.15
N GLY F 100 -17.87 37.74 -16.14
CA GLY F 100 -16.88 38.15 -17.12
C GLY F 100 -16.77 39.67 -17.22
N TYR F 101 -15.84 40.11 -18.07
CA TYR F 101 -15.70 41.52 -18.38
C TYR F 101 -16.50 41.90 -19.64
N ASP F 102 -17.39 41.01 -20.07
CA ASP F 102 -18.06 41.16 -21.36
C ASP F 102 -19.59 41.03 -21.29
N GLY F 103 -20.18 41.31 -20.13
CA GLY F 103 -21.63 41.26 -19.97
C GLY F 103 -22.21 39.89 -20.23
N ARG F 104 -21.60 38.87 -19.65
CA ARG F 104 -22.05 37.50 -19.86
C ARG F 104 -22.93 37.00 -18.70
N GLY F 105 -23.19 37.85 -17.71
CA GLY F 105 -23.87 37.41 -16.51
C GLY F 105 -23.00 36.48 -15.68
N PHE F 106 -23.61 35.68 -14.81
CA PHE F 106 -22.90 34.74 -13.96
C PHE F 106 -22.95 33.34 -14.61
N ASP F 107 -21.89 32.97 -15.33
CA ASP F 107 -21.98 31.79 -16.20
C ASP F 107 -21.78 30.44 -15.51
N TYR F 108 -21.12 30.43 -14.36
CA TYR F 108 -20.96 29.23 -13.55
C TYR F 108 -21.10 29.58 -12.10
N TRP F 109 -21.81 28.75 -11.35
CA TRP F 109 -22.02 28.98 -9.93
C TRP F 109 -21.44 27.86 -9.08
N GLY F 110 -20.97 28.22 -7.89
CA GLY F 110 -20.52 27.27 -6.91
C GLY F 110 -21.68 26.50 -6.32
N SER F 111 -21.30 25.57 -5.48
CA SER F 111 -22.19 24.59 -4.90
C SER F 111 -23.02 25.21 -3.78
N GLY F 112 -22.55 26.33 -3.26
CA GLY F 112 -23.27 27.00 -2.19
C GLY F 112 -22.74 26.62 -0.81
N THR F 113 -22.68 27.60 0.10
CA THR F 113 -22.22 27.33 1.45
C THR F 113 -23.28 27.81 2.41
N PRO F 114 -23.97 26.88 3.08
CA PRO F 114 -24.94 27.28 4.10
C PRO F 114 -24.25 27.77 5.35
N VAL F 115 -24.75 28.87 5.89
CA VAL F 115 -24.23 29.42 7.13
C VAL F 115 -25.39 29.65 8.08
N THR F 116 -25.33 29.03 9.25
CA THR F 116 -26.34 29.24 10.25
C THR F 116 -25.73 30.00 11.41
N VAL F 117 -26.42 31.04 11.86
CA VAL F 117 -25.91 31.85 12.97
C VAL F 117 -26.83 31.61 14.15
N SER F 118 -26.27 31.09 15.23
CA SER F 118 -27.07 30.68 16.39
C SER F 118 -26.16 30.50 17.59
N SER F 119 -26.68 30.73 18.78
CA SER F 119 -25.92 30.47 19.98
C SER F 119 -25.99 28.98 20.38
N ALA F 120 -26.84 28.22 19.71
CA ALA F 120 -26.98 26.79 20.01
C ALA F 120 -25.85 25.97 19.42
N SER F 121 -25.47 24.89 20.11
CA SER F 121 -24.38 24.04 19.68
C SER F 121 -24.78 23.05 18.59
N THR F 122 -23.79 22.55 17.87
CA THR F 122 -24.09 21.57 16.84
C THR F 122 -24.48 20.24 17.46
N LYS F 123 -25.30 19.48 16.75
CA LYS F 123 -25.64 18.11 17.18
C LYS F 123 -25.85 17.23 15.97
N GLY F 124 -25.15 16.10 15.95
CA GLY F 124 -25.32 15.10 14.90
C GLY F 124 -26.62 14.33 15.09
N PRO F 125 -27.12 13.72 14.02
CA PRO F 125 -28.44 13.07 14.03
C PRO F 125 -28.42 11.68 14.62
N SER F 126 -29.57 11.27 15.15
CA SER F 126 -29.82 9.87 15.41
C SER F 126 -30.52 9.35 14.17
N VAL F 127 -30.14 8.17 13.72
CA VAL F 127 -30.74 7.61 12.50
C VAL F 127 -31.45 6.30 12.84
N PHE F 128 -32.73 6.23 12.50
CA PHE F 128 -33.57 5.07 12.86
C PHE F 128 -34.15 4.48 11.59
N PRO F 129 -34.37 3.15 11.57
CA PRO F 129 -34.91 2.56 10.34
C PRO F 129 -36.41 2.81 10.17
N LEU F 130 -36.86 2.96 8.94
CA LEU F 130 -38.28 2.88 8.62
C LEU F 130 -38.38 1.56 7.87
N ALA F 131 -38.67 0.51 8.63
CA ALA F 131 -38.48 -0.84 8.12
C ALA F 131 -39.62 -1.20 7.22
N PRO F 132 -39.30 -1.90 6.11
CA PRO F 132 -40.37 -2.37 5.25
C PRO F 132 -41.17 -3.46 5.94
N SER F 133 -42.47 -3.45 5.73
CA SER F 133 -43.35 -4.48 6.27
C SER F 133 -44.53 -4.67 5.33
N SER F 134 -45.47 -5.51 5.73
CA SER F 134 -46.69 -5.70 4.94
C SER F 134 -47.50 -4.40 4.93
N LYS F 135 -47.25 -3.51 5.89
CA LYS F 135 -47.97 -2.24 5.97
C LYS F 135 -47.28 -1.15 5.17
N SER F 136 -46.15 -1.50 4.58
CA SER F 136 -45.48 -0.60 3.64
C SER F 136 -45.27 -1.32 2.30
N THR F 137 -46.14 -2.28 2.01
CA THR F 137 -46.08 -3.05 0.79
C THR F 137 -47.38 -2.89 0.03
N SER F 138 -47.28 -2.98 -1.29
CA SER F 138 -48.44 -2.83 -2.16
C SER F 138 -48.11 -3.35 -3.56
N GLY F 139 -48.84 -4.36 -4.00
CA GLY F 139 -48.69 -4.89 -5.35
C GLY F 139 -47.25 -5.05 -5.78
N GLY F 140 -46.49 -5.81 -4.99
CA GLY F 140 -45.12 -6.12 -5.34
C GLY F 140 -44.13 -4.97 -5.15
N THR F 141 -44.61 -3.83 -4.62
CA THR F 141 -43.71 -2.72 -4.29
C THR F 141 -43.64 -2.56 -2.78
N ALA F 142 -42.44 -2.31 -2.25
CA ALA F 142 -42.29 -2.02 -0.83
C ALA F 142 -41.58 -0.70 -0.62
N ALA F 143 -42.00 0.04 0.41
CA ALA F 143 -41.31 1.25 0.79
C ALA F 143 -40.52 1.02 2.08
N LEU F 144 -39.36 1.67 2.17
CA LEU F 144 -38.50 1.61 3.35
C LEU F 144 -37.74 2.90 3.41
N GLY F 145 -37.09 3.17 4.54
CA GLY F 145 -36.36 4.42 4.64
C GLY F 145 -35.58 4.58 5.93
N CYS F 146 -35.02 5.77 6.13
CA CYS F 146 -34.39 6.14 7.38
CA CYS F 146 -34.46 6.12 7.42
C CYS F 146 -34.98 7.45 7.91
N LEU F 147 -35.17 7.52 9.22
CA LEU F 147 -35.64 8.70 9.93
C LEU F 147 -34.39 9.30 10.52
N VAL F 148 -34.11 10.54 10.14
CA VAL F 148 -32.93 11.23 10.57
C VAL F 148 -33.38 12.29 11.57
N LYS F 149 -33.13 12.03 12.85
CA LYS F 149 -33.78 12.79 13.87
C LYS F 149 -32.84 13.62 14.73
N ASP F 150 -33.31 14.82 15.06
CA ASP F 150 -32.71 15.64 16.12
C ASP F 150 -31.28 16.12 15.82
N TYR F 151 -31.10 16.79 14.70
CA TYR F 151 -29.79 17.38 14.40
C TYR F 151 -29.85 18.90 14.33
N PHE F 152 -28.69 19.54 14.39
CA PHE F 152 -28.58 20.97 14.29
C PHE F 152 -27.14 21.35 13.91
N PRO F 153 -26.97 22.30 12.98
CA PRO F 153 -27.95 22.98 12.15
C PRO F 153 -28.13 22.23 10.85
N GLU F 154 -28.89 22.80 9.92
CA GLU F 154 -28.93 22.29 8.56
C GLU F 154 -27.58 22.47 7.93
N PRO F 155 -27.28 21.66 6.90
CA PRO F 155 -28.12 20.64 6.28
C PRO F 155 -27.63 19.23 6.57
N VAL F 156 -28.45 18.26 6.19
CA VAL F 156 -28.05 16.87 6.16
C VAL F 156 -28.22 16.44 4.73
N THR F 157 -27.35 15.58 4.22
CA THR F 157 -27.61 14.96 2.92
C THR F 157 -27.73 13.45 3.10
N VAL F 158 -28.51 12.80 2.23
CA VAL F 158 -28.74 11.37 2.37
C VAL F 158 -28.56 10.74 1.01
N SER F 159 -27.83 9.63 0.97
CA SER F 159 -27.80 8.77 -0.22
C SER F 159 -28.15 7.34 0.17
N TRP F 160 -28.35 6.47 -0.81
CA TRP F 160 -28.68 5.09 -0.57
C TRP F 160 -27.67 4.20 -1.27
N ASN F 161 -27.15 3.21 -0.54
CA ASN F 161 -26.13 2.31 -1.06
C ASN F 161 -25.02 3.10 -1.73
N SER F 162 -24.57 4.15 -1.06
CA SER F 162 -23.43 4.92 -1.49
C SER F 162 -23.66 5.55 -2.85
N GLY F 163 -24.92 5.83 -3.17
CA GLY F 163 -25.26 6.52 -4.40
C GLY F 163 -25.61 5.59 -5.54
N ALA F 164 -25.55 4.29 -5.30
CA ALA F 164 -25.91 3.32 -6.33
C ALA F 164 -27.43 3.12 -6.44
N LEU F 165 -28.17 3.58 -5.44
CA LEU F 165 -29.62 3.48 -5.51
C LEU F 165 -30.19 4.89 -5.55
N THR F 166 -30.78 5.28 -6.68
CA THR F 166 -31.34 6.63 -6.84
C THR F 166 -32.80 6.61 -7.31
N SER F 167 -33.16 5.61 -8.10
CA SER F 167 -34.52 5.54 -8.60
C SER F 167 -35.48 5.30 -7.44
N GLY F 168 -36.51 6.14 -7.34
CA GLY F 168 -37.57 5.97 -6.36
C GLY F 168 -37.21 6.50 -4.97
N VAL F 169 -36.10 7.24 -4.87
CA VAL F 169 -35.72 7.82 -3.59
C VAL F 169 -36.42 9.16 -3.41
N HIS F 170 -36.97 9.43 -2.23
CA HIS F 170 -37.51 10.74 -1.94
C HIS F 170 -36.95 11.12 -0.60
N THR F 171 -36.15 12.18 -0.58
CA THR F 171 -35.62 12.68 0.68
C THR F 171 -36.36 13.99 0.98
N PHE F 172 -37.02 14.06 2.13
CA PHE F 172 -37.93 15.16 2.44
C PHE F 172 -37.19 16.34 3.01
N PRO F 173 -37.66 17.55 2.72
CA PRO F 173 -37.11 18.75 3.38
C PRO F 173 -37.23 18.59 4.88
N ALA F 174 -36.24 19.07 5.63
CA ALA F 174 -36.29 18.97 7.07
C ALA F 174 -37.41 19.81 7.65
N VAL F 175 -37.87 19.42 8.83
CA VAL F 175 -38.78 20.26 9.59
C VAL F 175 -38.06 20.67 10.86
N LEU F 176 -38.40 21.86 11.34
CA LEU F 176 -37.85 22.37 12.58
C LEU F 176 -38.79 21.99 13.69
N GLN F 177 -38.29 21.28 14.69
CA GLN F 177 -39.16 20.75 15.75
C GLN F 177 -39.29 21.78 16.86
N SER F 178 -40.26 21.59 17.75
CA SER F 178 -40.44 22.49 18.90
C SER F 178 -39.17 22.57 19.75
N SER F 179 -38.33 21.55 19.67
CA SER F 179 -37.10 21.49 20.47
C SER F 179 -35.99 22.38 19.93
N GLY F 180 -36.16 22.91 18.72
CA GLY F 180 -35.10 23.67 18.09
C GLY F 180 -34.17 22.80 17.26
N LEU F 181 -34.49 21.53 17.15
CA LEU F 181 -33.68 20.63 16.32
C LEU F 181 -34.43 20.25 15.06
N TYR F 182 -33.69 19.83 14.03
CA TYR F 182 -34.31 19.45 12.75
C TYR F 182 -34.51 17.93 12.69
N SER F 183 -35.49 17.48 11.91
CA SER F 183 -35.58 16.09 11.52
C SER F 183 -36.00 16.00 10.07
N LEU F 184 -35.61 14.90 9.43
CA LEU F 184 -36.15 14.60 8.11
C LEU F 184 -36.18 13.10 7.92
N SER F 185 -36.78 12.66 6.83
CA SER F 185 -36.75 11.27 6.50
C SER F 185 -36.40 11.12 5.05
N SER F 186 -35.91 9.94 4.71
CA SER F 186 -35.63 9.61 3.32
C SER F 186 -36.21 8.24 3.08
N VAL F 187 -36.94 8.06 1.98
CA VAL F 187 -37.58 6.79 1.72
C VAL F 187 -37.30 6.39 0.31
N VAL F 188 -37.46 5.10 0.04
CA VAL F 188 -37.27 4.58 -1.29
C VAL F 188 -38.26 3.46 -1.50
N THR F 189 -38.76 3.32 -2.72
CA THR F 189 -39.64 2.21 -3.03
C THR F 189 -38.84 1.23 -3.86
N VAL F 190 -38.98 -0.05 -3.54
CA VAL F 190 -38.19 -1.09 -4.17
C VAL F 190 -39.07 -2.29 -4.40
N PRO F 191 -38.64 -3.24 -5.25
CA PRO F 191 -39.48 -4.42 -5.43
C PRO F 191 -39.51 -5.29 -4.16
N SER F 192 -40.71 -5.70 -3.76
CA SER F 192 -40.90 -6.56 -2.60
C SER F 192 -40.01 -7.79 -2.62
N SER F 193 -39.85 -8.39 -3.80
CA SER F 193 -39.07 -9.60 -3.94
C SER F 193 -37.59 -9.41 -3.61
N SER F 194 -37.13 -8.16 -3.59
CA SER F 194 -35.71 -7.92 -3.36
C SER F 194 -35.37 -7.87 -1.87
N LEU F 195 -36.39 -7.87 -1.03
CA LEU F 195 -36.17 -7.58 0.39
C LEU F 195 -35.33 -8.66 1.08
N GLY F 196 -35.45 -9.90 0.66
CA GLY F 196 -34.68 -10.97 1.26
C GLY F 196 -33.23 -11.01 0.81
N THR F 197 -32.95 -10.39 -0.33
CA THR F 197 -31.68 -10.59 -1.01
C THR F 197 -30.84 -9.32 -1.11
N GLN F 198 -31.49 -8.18 -1.33
CA GLN F 198 -30.76 -6.93 -1.54
C GLN F 198 -30.58 -6.17 -0.23
N THR F 199 -29.36 -5.71 0.00
CA THR F 199 -29.06 -4.87 1.15
C THR F 199 -29.36 -3.40 0.86
N TYR F 200 -29.98 -2.72 1.83
CA TYR F 200 -30.33 -1.31 1.67
C TYR F 200 -29.75 -0.55 2.83
N ILE F 201 -28.87 0.39 2.52
CA ILE F 201 -28.20 1.17 3.54
C ILE F 201 -28.38 2.63 3.24
N CYS F 202 -28.82 3.42 4.22
CA CYS F 202 -28.86 4.84 4.00
C CYS F 202 -27.58 5.46 4.58
N ASN F 203 -27.01 6.39 3.83
CA ASN F 203 -25.78 7.11 4.20
C ASN F 203 -26.12 8.55 4.50
N VAL F 204 -25.97 8.94 5.76
CA VAL F 204 -26.42 10.26 6.20
C VAL F 204 -25.20 11.09 6.54
N ASN F 205 -25.09 12.24 5.91
CA ASN F 205 -23.92 13.10 6.12
C ASN F 205 -24.35 14.36 6.82
N HIS F 206 -23.74 14.63 7.97
CA HIS F 206 -23.98 15.89 8.66
C HIS F 206 -22.65 16.60 8.90
N LYS F 207 -22.24 17.40 7.93
CA LYS F 207 -20.92 18.05 8.00
C LYS F 207 -20.75 19.01 9.17
N PRO F 208 -21.82 19.73 9.56
CA PRO F 208 -21.58 20.67 10.68
C PRO F 208 -21.10 19.98 11.96
N SER F 209 -21.52 18.74 12.21
CA SER F 209 -21.06 18.04 13.42
C SER F 209 -19.94 17.03 13.10
N ASN F 210 -19.45 17.07 11.85
CA ASN F 210 -18.36 16.17 11.46
C ASN F 210 -18.74 14.70 11.58
N THR F 211 -19.99 14.39 11.26
CA THR F 211 -20.54 13.07 11.48
C THR F 211 -21.08 12.48 10.19
N LYS F 212 -20.79 11.20 9.96
CA LYS F 212 -21.48 10.45 8.92
C LYS F 212 -22.03 9.17 9.53
N VAL F 213 -23.27 8.83 9.19
CA VAL F 213 -23.88 7.62 9.72
C VAL F 213 -24.36 6.73 8.57
N ASP F 214 -23.98 5.46 8.59
CA ASP F 214 -24.59 4.46 7.71
C ASP F 214 -25.55 3.61 8.53
N LYS F 215 -26.78 3.44 8.04
CA LYS F 215 -27.74 2.57 8.73
C LYS F 215 -28.31 1.55 7.76
N LYS F 216 -28.14 0.25 8.06
CA LYS F 216 -28.72 -0.79 7.23
C LYS F 216 -30.16 -0.94 7.65
N VAL F 217 -31.07 -1.04 6.67
CA VAL F 217 -32.50 -1.12 6.97
C VAL F 217 -33.04 -2.46 6.51
N GLU F 218 -33.56 -3.22 7.47
CA GLU F 218 -34.00 -4.59 7.21
C GLU F 218 -35.46 -4.74 7.52
N PRO F 219 -36.14 -5.70 6.88
CA PRO F 219 -37.55 -6.03 7.16
C PRO F 219 -37.76 -6.34 8.63
N LYS F 220 -38.98 -6.13 9.13
CA LYS F 220 -39.30 -6.35 10.55
C LYS F 220 -38.30 -5.64 11.46
N ASP G 1 40.79 -40.98 17.79
CA ASP G 1 39.48 -40.86 17.14
C ASP G 1 39.19 -42.15 16.37
N ILE G 2 37.92 -42.54 16.31
CA ILE G 2 37.54 -43.66 15.48
C ILE G 2 37.59 -43.26 14.02
N GLU G 3 38.41 -43.98 13.26
CA GLU G 3 38.50 -43.74 11.83
C GLU G 3 37.53 -44.65 11.10
N LEU G 4 36.76 -44.07 10.19
CA LEU G 4 35.80 -44.82 9.39
C LEU G 4 36.24 -44.86 7.93
N THR G 5 36.50 -46.05 7.44
CA THR G 5 36.97 -46.21 6.06
C THR G 5 35.82 -46.76 5.22
N GLN G 6 35.41 -46.01 4.20
CA GLN G 6 34.32 -46.45 3.35
C GLN G 6 34.84 -47.05 2.04
N SER G 7 34.23 -48.14 1.63
CA SER G 7 34.63 -48.80 0.39
C SER G 7 33.37 -49.29 -0.33
N PRO G 8 33.39 -49.29 -1.67
CA PRO G 8 34.44 -48.66 -2.47
C PRO G 8 34.33 -47.15 -2.38
N ALA G 9 35.40 -46.43 -2.73
CA ALA G 9 35.35 -44.97 -2.76
C ALA G 9 34.33 -44.53 -3.82
N ILE G 10 34.35 -45.23 -4.97
CA ILE G 10 33.48 -44.86 -6.07
C ILE G 10 32.88 -46.13 -6.63
N MET G 11 31.60 -46.09 -6.86
CA MET G 11 30.87 -47.23 -7.36
C MET G 11 30.01 -46.78 -8.55
N SER G 12 29.95 -47.60 -9.58
CA SER G 12 29.12 -47.33 -10.74
C SER G 12 28.13 -48.50 -10.87
N ALA G 13 26.85 -48.19 -10.89
CA ALA G 13 25.82 -49.23 -10.95
C ALA G 13 24.74 -48.96 -11.97
N SER G 14 24.33 -50.01 -12.67
CA SER G 14 23.21 -49.95 -13.61
C SER G 14 21.89 -49.96 -12.85
N PRO G 15 20.88 -49.28 -13.39
CA PRO G 15 19.58 -49.36 -12.72
C PRO G 15 19.09 -50.80 -12.64
N GLY G 16 18.53 -51.18 -11.49
CA GLY G 16 18.06 -52.54 -11.30
C GLY G 16 19.01 -53.46 -10.56
N GLU G 17 20.27 -53.04 -10.42
CA GLU G 17 21.24 -53.85 -9.69
C GLU G 17 21.01 -53.76 -8.18
N LYS G 18 21.44 -54.79 -7.46
CA LYS G 18 21.58 -54.73 -6.00
C LYS G 18 23.07 -54.48 -5.66
N VAL G 19 23.39 -53.43 -4.90
CA VAL G 19 24.79 -53.07 -4.58
C VAL G 19 24.94 -52.84 -3.07
N THR G 20 26.13 -53.08 -2.54
CA THR G 20 26.41 -52.84 -1.13
C THR G 20 27.71 -52.09 -0.92
N MET G 21 27.66 -51.06 -0.08
CA MET G 21 28.85 -50.31 0.27
C MET G 21 29.11 -50.57 1.74
N THR G 22 30.37 -50.40 2.16
CA THR G 22 30.81 -50.80 3.48
C THR G 22 31.51 -49.67 4.22
N CYS G 23 31.23 -49.62 5.52
CA CYS G 23 31.92 -48.74 6.47
C CYS G 23 32.73 -49.64 7.42
N SER G 24 34.06 -49.47 7.45
CA SER G 24 34.93 -50.21 8.37
C SER G 24 35.54 -49.27 9.40
N ALA G 25 35.31 -49.57 10.67
CA ALA G 25 35.78 -48.71 11.78
C ALA G 25 37.07 -49.23 12.41
N SER G 26 37.88 -48.33 12.99
CA SER G 26 39.18 -48.71 13.53
C SER G 26 39.02 -49.34 14.91
N SER G 27 37.82 -49.27 15.47
CA SER G 27 37.48 -50.07 16.62
C SER G 27 35.98 -50.33 16.61
N SER G 28 35.49 -51.13 17.56
CA SER G 28 34.10 -51.54 17.52
C SER G 28 33.15 -50.35 17.72
N VAL G 29 32.05 -50.38 16.99
CA VAL G 29 31.00 -49.38 17.13
C VAL G 29 29.65 -50.07 17.05
N SER G 30 28.56 -49.32 17.26
CA SER G 30 27.21 -49.85 17.07
C SER G 30 26.27 -48.76 16.55
N TYR G 31 25.15 -49.18 16.00
CA TYR G 31 24.13 -48.22 15.61
C TYR G 31 24.71 -47.15 14.70
N MET G 32 25.35 -47.57 13.59
CA MET G 32 25.93 -46.64 12.63
C MET G 32 24.85 -45.80 11.93
N HIS G 33 25.17 -44.55 11.62
CA HIS G 33 24.25 -43.72 10.84
C HIS G 33 24.79 -43.48 9.43
N TRP G 34 23.88 -43.20 8.50
CA TRP G 34 24.26 -42.93 7.11
C TRP G 34 23.53 -41.70 6.59
N TYR G 35 24.27 -40.88 5.85
CA TYR G 35 23.74 -39.67 5.24
C TYR G 35 23.93 -39.71 3.73
N GLN G 36 22.93 -39.23 3.00
CA GLN G 36 23.05 -39.02 1.56
C GLN G 36 23.31 -37.54 1.27
N GLN G 37 24.30 -37.25 0.45
CA GLN G 37 24.51 -35.88 -0.02
C GLN G 37 24.65 -35.83 -1.52
N LYS G 38 23.82 -35.03 -2.14
CA LYS G 38 23.95 -34.76 -3.56
C LYS G 38 24.71 -33.48 -3.78
N SER G 39 25.25 -33.32 -4.96
CA SER G 39 26.07 -32.16 -5.22
C SER G 39 25.33 -30.84 -4.99
N GLY G 40 25.99 -29.90 -4.32
CA GLY G 40 25.40 -28.60 -4.03
C GLY G 40 24.25 -28.56 -3.03
N THR G 41 24.05 -29.64 -2.28
CA THR G 41 22.99 -29.71 -1.29
C THR G 41 23.56 -30.15 0.06
N SER G 42 22.77 -29.96 1.12
CA SER G 42 23.14 -30.43 2.45
C SER G 42 22.91 -31.92 2.54
N PRO G 43 23.70 -32.59 3.39
CA PRO G 43 23.45 -34.01 3.63
C PRO G 43 22.09 -34.20 4.22
N LYS G 44 21.51 -35.38 3.98
CA LYS G 44 20.23 -35.73 4.56
C LYS G 44 20.43 -37.05 5.35
N ARG G 45 19.85 -37.15 6.53
CA ARG G 45 19.84 -38.44 7.24
C ARG G 45 19.13 -39.44 6.36
N TRP G 46 19.72 -40.63 6.22
CA TRP G 46 19.21 -41.64 5.31
C TRP G 46 18.87 -42.92 6.06
N ILE G 47 19.88 -43.52 6.70
CA ILE G 47 19.65 -44.65 7.61
C ILE G 47 20.24 -44.29 8.96
N TYR G 48 19.57 -44.62 10.04
CA TYR G 48 20.14 -44.35 11.34
C TYR G 48 19.94 -45.56 12.25
N ASP G 49 20.74 -45.63 13.31
CA ASP G 49 20.77 -46.78 14.22
C ASP G 49 20.89 -48.08 13.44
N THR G 50 21.85 -48.08 12.51
CA THR G 50 22.24 -49.23 11.71
C THR G 50 21.25 -49.57 10.59
N SER G 51 19.96 -49.62 10.89
CA SER G 51 19.01 -50.17 9.94
C SER G 51 17.66 -49.43 9.86
N LYS G 52 17.48 -48.33 10.61
CA LYS G 52 16.21 -47.56 10.59
C LYS G 52 16.21 -46.53 9.46
N LEU G 53 15.17 -46.55 8.62
CA LEU G 53 15.08 -45.62 7.49
C LEU G 53 14.49 -44.30 7.93
N ALA G 54 15.10 -43.20 7.52
CA ALA G 54 14.52 -41.88 7.77
C ALA G 54 13.26 -41.69 6.92
N SER G 55 12.43 -40.73 7.32
CA SER G 55 11.16 -40.53 6.65
C SER G 55 11.37 -40.13 5.19
N GLY G 56 10.70 -40.83 4.27
CA GLY G 56 10.81 -40.50 2.87
C GLY G 56 11.89 -41.27 2.14
N VAL G 57 12.70 -42.04 2.86
CA VAL G 57 13.72 -42.86 2.22
C VAL G 57 13.08 -44.10 1.59
N PRO G 58 13.37 -44.36 0.31
CA PRO G 58 12.75 -45.52 -0.35
C PRO G 58 13.12 -46.85 0.33
N GLY G 59 12.18 -47.78 0.31
CA GLY G 59 12.36 -49.10 0.90
C GLY G 59 13.43 -49.95 0.25
N ARG G 60 13.99 -49.47 -0.85
CA ARG G 60 15.01 -50.24 -1.52
C ARG G 60 16.36 -50.07 -0.83
N PHE G 61 16.42 -49.18 0.17
CA PHE G 61 17.62 -48.99 0.96
C PHE G 61 17.52 -49.80 2.25
N SER G 62 18.63 -50.39 2.69
CA SER G 62 18.69 -51.09 3.96
C SER G 62 20.11 -50.98 4.54
N GLY G 63 20.22 -51.24 5.84
CA GLY G 63 21.50 -51.14 6.54
C GLY G 63 21.64 -52.30 7.48
N SER G 64 22.86 -52.77 7.68
CA SER G 64 23.13 -53.84 8.63
C SER G 64 24.57 -53.73 9.08
N GLY G 65 24.94 -54.55 10.07
CA GLY G 65 26.33 -54.67 10.44
C GLY G 65 26.53 -55.07 11.88
N SER G 66 27.79 -55.29 12.26
CA SER G 66 28.13 -55.63 13.64
C SER G 66 29.62 -55.44 13.79
N GLY G 67 30.09 -55.46 15.03
CA GLY G 67 31.50 -55.32 15.31
C GLY G 67 31.99 -53.99 14.77
N ASN G 68 32.94 -54.06 13.84
CA ASN G 68 33.53 -52.87 13.27
C ASN G 68 33.11 -52.64 11.83
N SER G 69 32.12 -53.39 11.36
CA SER G 69 31.83 -53.41 9.93
C SER G 69 30.34 -53.26 9.63
N TYR G 70 29.98 -52.15 9.02
CA TYR G 70 28.60 -51.82 8.74
C TYR G 70 28.37 -51.57 7.25
N SER G 71 27.16 -51.84 6.79
CA SER G 71 26.91 -51.73 5.36
C SER G 71 25.57 -51.07 5.02
N LEU G 72 25.49 -50.49 3.83
CA LEU G 72 24.23 -49.91 3.34
C LEU G 72 24.03 -50.54 1.96
N THR G 73 22.86 -51.11 1.75
CA THR G 73 22.57 -51.82 0.51
C THR G 73 21.41 -51.16 -0.24
N ILE G 74 21.53 -51.12 -1.56
CA ILE G 74 20.44 -50.66 -2.41
C ILE G 74 19.99 -51.87 -3.21
N SER G 75 18.77 -52.31 -2.97
CA SER G 75 18.37 -53.63 -3.45
C SER G 75 18.17 -53.63 -4.96
N SER G 76 17.82 -52.45 -5.47
CA SER G 76 17.67 -52.26 -6.91
C SER G 76 17.87 -50.78 -7.26
N VAL G 77 19.03 -50.45 -7.78
CA VAL G 77 19.40 -49.06 -7.96
C VAL G 77 18.46 -48.35 -8.93
N GLU G 78 18.18 -47.09 -8.61
CA GLU G 78 17.47 -46.19 -9.52
C GLU G 78 18.32 -44.97 -9.84
N ALA G 79 18.01 -44.31 -10.96
CA ALA G 79 18.81 -43.19 -11.45
C ALA G 79 18.94 -42.11 -10.39
N GLU G 80 17.88 -41.92 -9.59
CA GLU G 80 17.90 -40.87 -8.57
C GLU G 80 18.80 -41.19 -7.37
N ASP G 81 19.45 -42.34 -7.36
CA ASP G 81 20.28 -42.73 -6.22
C ASP G 81 21.71 -42.21 -6.30
N ASP G 82 22.05 -41.49 -7.37
CA ASP G 82 23.40 -40.94 -7.52
C ASP G 82 23.64 -39.89 -6.45
N ALA G 83 24.70 -40.05 -5.70
CA ALA G 83 24.97 -39.24 -4.51
C ALA G 83 26.24 -39.75 -3.86
N THR G 84 26.74 -39.01 -2.87
CA THR G 84 27.75 -39.56 -2.01
C THR G 84 27.10 -39.92 -0.69
N TYR G 85 27.40 -41.11 -0.19
CA TYR G 85 26.86 -41.59 1.06
C TYR G 85 27.96 -41.64 2.11
N TYR G 86 27.68 -41.05 3.26
CA TYR G 86 28.65 -41.02 4.36
C TYR G 86 28.11 -41.78 5.58
N CYS G 87 28.98 -42.58 6.19
CA CYS G 87 28.64 -43.20 7.47
C CYS G 87 29.13 -42.30 8.59
N GLN G 88 28.60 -42.53 9.80
CA GLN G 88 28.93 -41.71 10.96
C GLN G 88 28.73 -42.54 12.24
N GLN G 89 29.72 -42.51 13.13
CA GLN G 89 29.63 -43.22 14.41
C GLN G 89 29.43 -42.26 15.57
N TRP G 90 28.76 -42.76 16.61
CA TRP G 90 28.53 -42.00 17.84
C TRP G 90 28.84 -42.90 19.04
N SER G 91 29.73 -43.86 18.86
CA SER G 91 30.12 -44.73 19.95
C SER G 91 31.22 -44.11 20.83
N LYS G 92 32.14 -43.36 20.20
CA LYS G 92 33.21 -42.71 20.96
C LYS G 92 33.38 -41.24 20.60
N HIS G 93 33.74 -40.44 21.60
CA HIS G 93 34.02 -39.04 21.39
C HIS G 93 35.41 -38.91 20.80
N PRO G 94 35.56 -38.08 19.76
CA PRO G 94 34.53 -37.29 19.07
C PRO G 94 33.79 -38.08 18.00
N LEU G 95 32.60 -37.61 17.64
CA LEU G 95 31.85 -38.18 16.55
C LEU G 95 32.70 -38.03 15.29
N THR G 96 32.66 -39.03 14.43
CA THR G 96 33.43 -38.99 13.20
C THR G 96 32.65 -39.56 12.05
N PHE G 97 33.03 -39.15 10.84
CA PHE G 97 32.33 -39.53 9.62
C PHE G 97 33.27 -40.33 8.77
N GLY G 98 32.72 -41.17 7.92
CA GLY G 98 33.52 -41.83 6.92
C GLY G 98 33.92 -40.93 5.76
N SER G 99 34.74 -41.49 4.87
CA SER G 99 35.31 -40.76 3.76
C SER G 99 34.36 -40.68 2.59
N GLY G 100 33.23 -41.38 2.67
CA GLY G 100 32.24 -41.29 1.61
C GLY G 100 32.37 -42.37 0.53
N THR G 101 31.24 -42.91 0.12
CA THR G 101 31.18 -43.71 -1.09
C THR G 101 30.33 -42.99 -2.11
N LYS G 102 30.87 -42.81 -3.30
CA LYS G 102 30.19 -42.07 -4.34
C LYS G 102 29.52 -43.05 -5.30
N VAL G 103 28.23 -42.86 -5.51
CA VAL G 103 27.50 -43.74 -6.37
C VAL G 103 27.14 -43.05 -7.67
N GLU G 104 27.65 -43.57 -8.79
CA GLU G 104 27.35 -43.05 -10.11
C GLU G 104 26.43 -44.04 -10.79
N ILE G 105 25.48 -43.55 -11.58
CA ILE G 105 24.56 -44.43 -12.28
C ILE G 105 25.04 -44.75 -13.70
N LYS G 106 25.08 -46.05 -14.05
CA LYS G 106 25.42 -46.47 -15.41
C LYS G 106 24.25 -46.25 -16.38
N ARG G 107 24.52 -45.75 -17.59
CA ARG G 107 23.50 -45.70 -18.63
C ARG G 107 24.15 -46.02 -19.98
N THR G 108 23.35 -46.04 -21.04
CA THR G 108 23.90 -46.29 -22.36
C THR G 108 24.78 -45.11 -22.76
N VAL G 109 25.81 -45.40 -23.55
CA VAL G 109 26.66 -44.36 -24.08
C VAL G 109 25.86 -43.33 -24.87
N ALA G 110 26.22 -42.06 -24.69
CA ALA G 110 25.59 -40.96 -25.39
C ALA G 110 26.67 -39.99 -25.75
N ALA G 111 26.83 -39.75 -27.05
CA ALA G 111 27.77 -38.76 -27.53
C ALA G 111 27.22 -37.35 -27.25
N PRO G 112 28.10 -36.38 -27.04
CA PRO G 112 27.63 -35.02 -26.73
C PRO G 112 27.09 -34.28 -27.93
N SER G 113 26.10 -33.43 -27.71
CA SER G 113 25.75 -32.37 -28.65
C SER G 113 26.69 -31.21 -28.38
N VAL G 114 27.28 -30.65 -29.42
CA VAL G 114 28.26 -29.57 -29.23
C VAL G 114 27.74 -28.24 -29.74
N PHE G 115 27.84 -27.21 -28.89
CA PHE G 115 27.45 -25.85 -29.22
C PHE G 115 28.64 -24.91 -28.99
N ILE G 116 28.75 -23.83 -29.78
CA ILE G 116 29.81 -22.86 -29.55
C ILE G 116 29.25 -21.42 -29.48
N PHE G 117 29.82 -20.60 -28.59
CA PHE G 117 29.39 -19.22 -28.35
C PHE G 117 30.55 -18.23 -28.46
N PRO G 118 30.47 -17.32 -29.42
CA PRO G 118 31.49 -16.25 -29.51
C PRO G 118 31.40 -15.35 -28.30
N PRO G 119 32.46 -14.58 -28.04
CA PRO G 119 32.38 -13.60 -26.95
C PRO G 119 31.32 -12.54 -27.28
N SER G 120 30.72 -11.95 -26.26
CA SER G 120 29.84 -10.80 -26.48
C SER G 120 30.67 -9.55 -26.81
N ASP G 121 30.09 -8.64 -27.61
CA ASP G 121 30.74 -7.37 -27.84
C ASP G 121 30.94 -6.61 -26.55
N GLU G 122 30.03 -6.79 -25.60
CA GLU G 122 30.20 -6.12 -24.31
C GLU G 122 31.50 -6.53 -23.60
N GLN G 123 31.77 -7.84 -23.57
CA GLN G 123 33.01 -8.32 -22.96
C GLN G 123 34.24 -7.77 -23.69
N LEU G 124 34.22 -7.83 -25.02
CA LEU G 124 35.36 -7.38 -25.81
C LEU G 124 35.75 -5.96 -25.42
N LYS G 125 34.71 -5.16 -25.18
CA LYS G 125 34.87 -3.77 -24.78
C LYS G 125 35.88 -3.64 -23.67
N SER G 126 35.89 -4.60 -22.75
CA SER G 126 36.75 -4.50 -21.58
C SER G 126 38.14 -5.14 -21.74
N GLY G 127 38.45 -5.70 -22.90
CA GLY G 127 39.81 -6.14 -23.17
C GLY G 127 40.05 -7.65 -23.13
N THR G 128 39.01 -8.43 -22.84
CA THR G 128 39.13 -9.87 -22.80
C THR G 128 38.06 -10.52 -23.64
N ALA G 129 38.38 -11.66 -24.23
CA ALA G 129 37.44 -12.42 -25.03
C ALA G 129 37.33 -13.87 -24.51
N SER G 130 36.12 -14.30 -24.15
CA SER G 130 35.88 -15.69 -23.72
C SER G 130 35.07 -16.38 -24.76
N VAL G 131 35.61 -17.44 -25.34
CA VAL G 131 34.87 -18.25 -26.31
C VAL G 131 34.47 -19.54 -25.61
N VAL G 132 33.19 -19.92 -25.68
CA VAL G 132 32.69 -21.03 -24.90
C VAL G 132 32.19 -22.16 -25.76
N CYS G 133 32.60 -23.39 -25.44
CA CYS G 133 32.19 -24.59 -26.18
C CYS G 133 31.40 -25.40 -25.17
N LEU G 134 30.19 -25.80 -25.53
CA LEU G 134 29.35 -26.58 -24.64
C LEU G 134 29.18 -27.99 -25.20
N LEU G 135 29.47 -28.99 -24.37
CA LEU G 135 29.17 -30.40 -24.68
C LEU G 135 28.02 -30.82 -23.80
N ASN G 136 26.89 -31.13 -24.41
CA ASN G 136 25.68 -31.33 -23.62
C ASN G 136 25.23 -32.79 -23.61
N ASN G 137 24.86 -33.26 -22.42
CA ASN G 137 24.12 -34.51 -22.22
C ASN G 137 24.82 -35.74 -22.80
N PHE G 138 26.03 -36.00 -22.31
CA PHE G 138 26.78 -37.16 -22.77
C PHE G 138 27.14 -38.12 -21.64
N TYR G 139 27.63 -39.29 -22.03
CA TYR G 139 28.03 -40.32 -21.09
C TYR G 139 28.86 -41.34 -21.83
N PRO G 140 29.95 -41.79 -21.21
CA PRO G 140 30.42 -41.42 -19.88
C PRO G 140 31.12 -40.05 -19.83
N ARG G 141 31.61 -39.75 -18.65
CA ARG G 141 32.04 -38.41 -18.27
C ARG G 141 33.28 -37.94 -19.01
N GLU G 142 34.14 -38.90 -19.38
CA GLU G 142 35.37 -38.54 -20.10
C GLU G 142 35.06 -37.97 -21.49
N ALA G 143 35.72 -36.88 -21.83
CA ALA G 143 35.60 -36.25 -23.17
C ALA G 143 36.85 -35.41 -23.37
N LYS G 144 37.18 -35.07 -24.60
CA LYS G 144 38.36 -34.27 -24.87
C LYS G 144 37.94 -33.14 -25.81
N VAL G 145 38.38 -31.92 -25.50
CA VAL G 145 38.07 -30.76 -26.32
C VAL G 145 39.40 -30.12 -26.72
N GLN G 146 39.57 -29.84 -28.01
CA GLN G 146 40.76 -29.10 -28.49
C GLN G 146 40.26 -27.81 -29.16
N TRP G 147 40.99 -26.73 -28.97
CA TRP G 147 40.64 -25.46 -29.60
C TRP G 147 41.59 -25.19 -30.74
N LYS G 148 41.05 -24.70 -31.86
CA LYS G 148 41.85 -24.25 -32.99
C LYS G 148 41.47 -22.84 -33.41
N VAL G 149 42.46 -21.98 -33.49
CA VAL G 149 42.26 -20.63 -33.99
C VAL G 149 42.98 -20.47 -35.33
N ASP G 150 42.22 -20.24 -36.38
CA ASP G 150 42.77 -20.31 -37.73
C ASP G 150 43.62 -21.55 -37.93
N ASN G 151 43.12 -22.69 -37.45
CA ASN G 151 43.75 -24.01 -37.57
C ASN G 151 44.99 -24.25 -36.70
N ALA G 152 45.36 -23.28 -35.89
CA ALA G 152 46.46 -23.48 -34.96
C ALA G 152 45.96 -24.00 -33.62
N LEU G 153 46.50 -25.14 -33.20
CA LEU G 153 46.09 -25.78 -31.96
C LEU G 153 46.45 -24.88 -30.78
N GLN G 154 45.48 -24.61 -29.92
CA GLN G 154 45.71 -23.84 -28.70
C GLN G 154 46.07 -24.72 -27.51
N SER G 155 46.98 -24.26 -26.67
CA SER G 155 47.22 -24.92 -25.38
C SER G 155 47.52 -23.87 -24.32
N GLY G 156 47.08 -24.12 -23.09
CA GLY G 156 47.42 -23.28 -21.97
C GLY G 156 46.45 -22.13 -21.77
N ASN G 157 45.46 -21.98 -22.66
CA ASN G 157 44.53 -20.86 -22.53
C ASN G 157 43.07 -21.27 -22.48
N SER G 158 42.79 -22.51 -22.09
CA SER G 158 41.41 -22.91 -21.84
C SER G 158 41.26 -23.61 -20.50
N GLN G 159 40.04 -23.61 -19.97
CA GLN G 159 39.70 -24.29 -18.73
C GLN G 159 38.36 -24.96 -18.94
N GLU G 160 38.19 -26.12 -18.31
CA GLU G 160 36.96 -26.92 -18.46
C GLU G 160 36.27 -27.07 -17.13
N SER G 161 34.95 -27.26 -17.16
CA SER G 161 34.19 -27.57 -15.96
C SER G 161 33.16 -28.61 -16.36
N VAL G 162 32.88 -29.57 -15.47
CA VAL G 162 31.90 -30.61 -15.75
C VAL G 162 30.83 -30.68 -14.67
N THR G 163 29.59 -30.88 -15.06
CA THR G 163 28.50 -30.95 -14.10
C THR G 163 28.54 -32.28 -13.43
N GLU G 164 27.85 -32.39 -12.31
CA GLU G 164 27.62 -33.69 -11.75
C GLU G 164 26.57 -34.41 -12.59
N GLN G 165 26.39 -35.67 -12.29
CA GLN G 165 25.47 -36.49 -13.04
C GLN G 165 24.04 -35.99 -12.82
N ASP G 166 23.32 -35.86 -13.91
CA ASP G 166 21.92 -35.50 -13.86
C ASP G 166 21.10 -36.65 -13.21
N SER G 167 20.33 -36.35 -12.16
CA SER G 167 19.57 -37.36 -11.42
C SER G 167 18.39 -37.93 -12.24
N LYS G 168 18.09 -37.30 -13.38
CA LYS G 168 17.00 -37.73 -14.28
C LYS G 168 17.46 -38.62 -15.44
N ASP G 169 18.37 -38.14 -16.28
CA ASP G 169 18.83 -38.91 -17.45
C ASP G 169 20.28 -39.44 -17.32
N SER G 170 20.94 -39.10 -16.23
CA SER G 170 22.21 -39.71 -15.84
C SER G 170 23.36 -39.31 -16.76
N THR G 171 23.21 -38.18 -17.46
CA THR G 171 24.26 -37.68 -18.32
C THR G 171 25.05 -36.58 -17.65
N TYR G 172 26.14 -36.21 -18.31
CA TYR G 172 26.99 -35.11 -17.88
C TYR G 172 26.96 -34.01 -18.94
N SER G 173 27.34 -32.79 -18.54
CA SER G 173 27.61 -31.73 -19.50
C SER G 173 28.94 -31.10 -19.17
N LEU G 174 29.57 -30.50 -20.17
CA LEU G 174 30.88 -29.94 -19.98
C LEU G 174 31.01 -28.62 -20.72
N SER G 175 31.71 -27.68 -20.12
CA SER G 175 32.01 -26.44 -20.80
C SER G 175 33.50 -26.30 -20.93
N SER G 176 33.94 -25.80 -22.07
CA SER G 176 35.35 -25.41 -22.18
C SER G 176 35.38 -23.96 -22.60
N THR G 177 36.22 -23.17 -21.93
CA THR G 177 36.28 -21.75 -22.15
C THR G 177 37.69 -21.38 -22.55
N LEU G 178 37.79 -20.79 -23.74
CA LEU G 178 39.05 -20.26 -24.28
C LEU G 178 39.10 -18.78 -23.98
N THR G 179 40.20 -18.33 -23.37
CA THR G 179 40.31 -16.94 -22.99
C THR G 179 41.46 -16.29 -23.74
N LEU G 180 41.17 -15.19 -24.41
CA LEU G 180 42.16 -14.45 -25.19
C LEU G 180 42.05 -12.98 -24.88
N SER G 181 43.07 -12.20 -25.21
CA SER G 181 42.96 -10.76 -25.09
C SER G 181 42.02 -10.29 -26.23
N LYS G 182 41.34 -9.16 -26.04
CA LYS G 182 40.56 -8.58 -27.14
C LYS G 182 41.44 -8.32 -28.37
N ALA G 183 42.69 -7.86 -28.15
CA ALA G 183 43.63 -7.62 -29.25
C ALA G 183 43.94 -8.89 -30.02
N ASP G 184 44.12 -10.00 -29.34
CA ASP G 184 44.47 -11.21 -30.08
C ASP G 184 43.20 -11.65 -30.79
N TYR G 185 42.13 -11.67 -30.03
CA TYR G 185 40.92 -12.22 -30.57
C TYR G 185 40.61 -11.55 -31.90
N GLU G 186 40.87 -10.26 -31.96
CA GLU G 186 40.58 -9.53 -33.18
C GLU G 186 41.59 -9.73 -34.30
N LYS G 187 42.74 -10.28 -34.00
CA LYS G 187 43.67 -10.45 -35.08
C LYS G 187 43.38 -11.78 -35.82
N HIS G 188 42.21 -12.38 -35.59
CA HIS G 188 41.92 -13.72 -36.16
C HIS G 188 40.47 -14.03 -36.53
N LYS G 189 40.29 -15.02 -37.40
CA LYS G 189 38.99 -15.21 -38.05
C LYS G 189 38.24 -16.46 -37.60
N VAL G 190 38.86 -17.64 -37.70
CA VAL G 190 38.13 -18.89 -37.46
C VAL G 190 38.41 -19.45 -36.08
N TYR G 191 37.36 -19.61 -35.31
CA TYR G 191 37.45 -20.15 -33.96
C TYR G 191 36.69 -21.47 -33.92
N ALA G 192 37.39 -22.56 -33.60
CA ALA G 192 36.79 -23.88 -33.63
C ALA G 192 37.09 -24.66 -32.37
N CYS G 193 36.10 -25.39 -31.87
CA CYS G 193 36.38 -26.40 -30.86
C CYS G 193 36.12 -27.78 -31.48
N GLU G 194 37.04 -28.69 -31.22
CA GLU G 194 37.00 -30.03 -31.79
C GLU G 194 36.84 -31.03 -30.65
N VAL G 195 35.77 -31.81 -30.69
CA VAL G 195 35.37 -32.67 -29.58
C VAL G 195 35.49 -34.16 -29.96
N THR G 196 36.10 -34.94 -29.07
CA THR G 196 36.10 -36.39 -29.22
C THR G 196 35.57 -37.04 -27.94
N HIS G 197 35.13 -38.27 -28.05
CA HIS G 197 34.42 -38.95 -26.97
C HIS G 197 34.27 -40.41 -27.41
N GLN G 198 34.21 -41.30 -26.42
CA GLN G 198 34.02 -42.73 -26.65
C GLN G 198 32.91 -43.08 -27.65
N GLY G 199 31.85 -42.26 -27.67
CA GLY G 199 30.70 -42.56 -28.52
C GLY G 199 30.71 -41.87 -29.87
N LEU G 200 31.79 -41.14 -30.16
CA LEU G 200 31.92 -40.46 -31.48
C LEU G 200 32.95 -41.20 -32.30
N SER G 201 32.58 -41.66 -33.50
CA SER G 201 33.50 -42.40 -34.35
C SER G 201 34.46 -41.44 -35.06
N SER G 202 34.17 -40.15 -35.06
CA SER G 202 35.12 -39.16 -35.57
C SER G 202 34.84 -37.84 -34.86
N PRO G 203 35.80 -36.93 -34.87
CA PRO G 203 35.63 -35.71 -34.07
C PRO G 203 34.48 -34.84 -34.59
N VAL G 204 33.84 -34.14 -33.66
CA VAL G 204 32.83 -33.15 -33.98
C VAL G 204 33.47 -31.78 -33.84
N THR G 205 33.40 -30.99 -34.90
CA THR G 205 33.92 -29.62 -34.86
C THR G 205 32.80 -28.62 -34.98
N LYS G 206 32.75 -27.67 -34.05
CA LYS G 206 31.88 -26.50 -34.16
C LYS G 206 32.77 -25.27 -34.27
N SER G 207 32.41 -24.37 -35.18
CA SER G 207 33.26 -23.23 -35.43
C SER G 207 32.45 -22.04 -35.86
N PHE G 208 33.04 -20.87 -35.78
CA PHE G 208 32.48 -19.68 -36.37
C PHE G 208 33.60 -18.78 -36.90
N ASN G 209 33.24 -17.88 -37.83
CA ASN G 209 34.16 -16.87 -38.32
C ASN G 209 33.84 -15.55 -37.63
N ARG G 210 34.80 -14.98 -36.93
CA ARG G 210 34.60 -13.70 -36.25
C ARG G 210 34.05 -12.73 -37.28
N GLY G 211 32.87 -12.19 -37.01
CA GLY G 211 32.14 -11.40 -38.00
C GLY G 211 30.85 -12.07 -38.44
N VAL H 2 10.52 -28.68 10.00
CA VAL H 2 11.76 -28.30 10.65
C VAL H 2 12.64 -27.57 9.69
N GLN H 3 13.21 -26.47 10.15
CA GLN H 3 14.12 -25.75 9.28
C GLN H 3 15.27 -25.17 10.03
N LEU H 4 16.43 -25.24 9.41
CA LEU H 4 17.65 -24.72 9.99
C LEU H 4 18.21 -23.74 8.99
N GLN H 5 18.06 -22.44 9.27
CA GLN H 5 18.41 -21.40 8.31
C GLN H 5 19.74 -20.77 8.70
N GLN H 6 20.77 -20.96 7.89
CA GLN H 6 22.13 -20.51 8.24
C GLN H 6 22.44 -19.17 7.62
N SER H 7 23.41 -18.44 8.18
CA SER H 7 23.78 -17.17 7.62
C SER H 7 24.55 -17.34 6.29
N GLY H 8 24.68 -16.25 5.55
CA GLY H 8 25.19 -16.27 4.18
C GLY H 8 26.70 -16.41 4.11
N PRO H 9 27.22 -16.63 2.91
CA PRO H 9 28.66 -16.82 2.68
C PRO H 9 29.50 -15.65 3.19
N GLU H 10 30.71 -15.96 3.64
CA GLU H 10 31.59 -15.00 4.29
C GLU H 10 32.95 -14.97 3.61
N LEU H 11 33.57 -13.79 3.66
CA LEU H 11 34.97 -13.62 3.28
C LEU H 11 35.64 -12.93 4.46
N GLU H 12 36.76 -13.48 4.90
CA GLU H 12 37.48 -12.90 6.04
C GLU H 12 38.98 -12.95 5.80
N LYS H 13 39.69 -12.01 6.40
CA LYS H 13 41.15 -11.96 6.26
C LYS H 13 41.81 -12.90 7.26
N PRO H 14 42.99 -13.42 6.92
CA PRO H 14 43.70 -14.27 7.88
C PRO H 14 43.87 -13.53 9.19
N GLY H 15 43.67 -14.22 10.31
CA GLY H 15 43.84 -13.60 11.62
C GLY H 15 42.56 -13.07 12.21
N ALA H 16 41.54 -12.88 11.37
CA ALA H 16 40.27 -12.34 11.83
C ALA H 16 39.39 -13.45 12.40
N SER H 17 38.16 -13.09 12.76
CA SER H 17 37.19 -14.06 13.24
C SER H 17 35.87 -13.82 12.53
N VAL H 18 34.98 -14.81 12.60
CA VAL H 18 33.67 -14.65 12.04
C VAL H 18 32.69 -15.42 12.89
N LYS H 19 31.48 -14.88 13.02
CA LYS H 19 30.43 -15.53 13.77
C LYS H 19 29.38 -15.92 12.76
N ILE H 20 29.06 -17.21 12.69
CA ILE H 20 28.01 -17.66 11.80
C ILE H 20 26.83 -18.18 12.61
N SER H 21 25.64 -18.15 12.02
CA SER H 21 24.44 -18.44 12.79
C SER H 21 23.57 -19.43 12.05
N CYS H 22 22.68 -20.02 12.81
CA CYS H 22 21.78 -21.03 12.33
C CYS H 22 20.53 -20.80 13.12
N LYS H 23 19.47 -20.34 12.45
CA LYS H 23 18.19 -20.07 13.10
C LYS H 23 17.27 -21.26 12.93
N ALA H 24 16.83 -21.81 14.06
CA ALA H 24 16.05 -23.03 14.04
C ALA H 24 14.57 -22.71 14.14
N SER H 25 13.74 -23.36 13.34
CA SER H 25 12.31 -23.19 13.46
C SER H 25 11.54 -24.48 13.22
N GLY H 26 10.27 -24.49 13.63
CA GLY H 26 9.43 -25.65 13.42
C GLY H 26 9.51 -26.70 14.51
N TYR H 27 10.31 -26.44 15.56
CA TYR H 27 10.43 -27.39 16.68
C TYR H 27 10.95 -26.69 17.92
N SER H 28 10.83 -27.37 19.07
CA SER H 28 11.33 -26.83 20.33
C SER H 28 12.85 -26.92 20.44
N PHE H 29 13.47 -25.76 20.29
CA PHE H 29 14.91 -25.58 20.30
C PHE H 29 15.64 -26.34 21.38
N THR H 30 15.16 -26.24 22.62
CA THR H 30 15.88 -26.80 23.76
C THR H 30 15.68 -28.31 23.95
N GLY H 31 14.85 -28.93 23.11
CA GLY H 31 14.62 -30.36 23.21
C GLY H 31 15.65 -31.19 22.46
N TYR H 32 16.56 -30.52 21.75
CA TYR H 32 17.52 -31.18 20.89
C TYR H 32 18.90 -30.58 21.03
N THR H 33 19.91 -31.22 20.46
CA THR H 33 21.24 -30.67 20.47
C THR H 33 21.47 -29.96 19.14
N MET H 34 22.43 -29.05 19.12
CA MET H 34 22.87 -28.43 17.86
C MET H 34 24.33 -28.76 17.64
N ASN H 35 24.63 -29.34 16.48
CA ASN H 35 25.97 -29.77 16.12
C ASN H 35 26.50 -28.93 14.99
N TRP H 36 27.81 -28.82 14.92
CA TRP H 36 28.44 -28.11 13.84
C TRP H 36 29.43 -29.03 13.13
N VAL H 37 29.41 -28.97 11.80
CA VAL H 37 30.22 -29.87 10.97
C VAL H 37 30.94 -29.08 9.89
N LYS H 38 32.22 -29.38 9.70
CA LYS H 38 33.02 -28.72 8.67
C LYS H 38 33.14 -29.62 7.46
N GLN H 39 32.83 -29.11 6.28
CA GLN H 39 33.11 -29.86 5.06
C GLN H 39 34.15 -29.14 4.21
N SER H 40 35.29 -29.82 3.96
CA SER H 40 36.40 -29.24 3.25
C SER H 40 36.44 -29.74 1.80
N HIS H 41 36.60 -28.80 0.88
CA HIS H 41 36.75 -29.14 -0.54
C HIS H 41 35.59 -29.99 -1.06
N GLY H 42 34.41 -29.76 -0.53
CA GLY H 42 33.21 -30.48 -0.94
C GLY H 42 33.28 -31.98 -0.67
N LYS H 43 34.15 -32.41 0.24
CA LYS H 43 34.37 -33.84 0.51
C LYS H 43 34.36 -34.21 2.00
N SER H 44 35.52 -34.09 2.66
CA SER H 44 35.65 -34.63 4.02
C SER H 44 34.78 -33.88 5.01
N LEU H 45 34.11 -34.64 5.87
CA LEU H 45 33.30 -34.08 6.95
C LEU H 45 33.97 -34.28 8.31
N GLU H 46 34.01 -33.22 9.12
CA GLU H 46 34.57 -33.31 10.46
C GLU H 46 33.57 -32.69 11.40
N TRP H 47 33.33 -33.37 12.52
CA TRP H 47 32.47 -32.83 13.58
C TRP H 47 33.28 -31.87 14.44
N ILE H 48 32.77 -30.66 14.57
CA ILE H 48 33.46 -29.63 15.36
C ILE H 48 33.09 -29.73 16.84
N GLY H 49 31.81 -29.91 17.12
CA GLY H 49 31.34 -29.94 18.49
C GLY H 49 29.84 -29.78 18.53
N LEU H 50 29.28 -29.79 19.73
CA LEU H 50 27.86 -29.57 19.89
C LEU H 50 27.57 -28.72 21.11
N ILE H 51 26.36 -28.17 21.13
CA ILE H 51 25.89 -27.41 22.27
C ILE H 51 24.52 -27.95 22.64
N THR H 52 24.23 -27.99 23.94
CA THR H 52 22.90 -28.36 24.41
C THR H 52 22.19 -27.05 24.78
N PRO H 53 21.27 -26.58 23.93
CA PRO H 53 20.71 -25.24 24.14
C PRO H 53 20.06 -25.01 25.49
N TYR H 54 19.52 -26.03 26.14
CA TYR H 54 18.81 -25.78 27.39
C TYR H 54 19.70 -25.14 28.44
N ASN H 55 21.00 -25.42 28.43
CA ASN H 55 21.89 -24.82 29.41
C ASN H 55 23.13 -24.16 28.81
N GLY H 56 23.26 -24.22 27.49
CA GLY H 56 24.39 -23.60 26.82
C GLY H 56 25.72 -24.35 26.93
N ALA H 57 25.73 -25.52 27.56
CA ALA H 57 26.97 -26.30 27.70
C ALA H 57 27.38 -26.86 26.35
N SER H 58 28.68 -27.00 26.15
CA SER H 58 29.16 -27.48 24.87
C SER H 58 30.27 -28.51 25.01
N SER H 59 30.44 -29.32 23.97
CA SER H 59 31.46 -30.36 23.93
C SER H 59 32.15 -30.27 22.59
N TYR H 60 33.48 -30.27 22.59
CA TYR H 60 34.24 -30.02 21.37
C TYR H 60 35.11 -31.18 20.96
N ASN H 61 35.28 -31.33 19.65
CA ASN H 61 36.39 -32.08 19.11
C ASN H 61 37.67 -31.31 19.48
N GLN H 62 38.62 -31.95 20.16
CA GLN H 62 39.78 -31.20 20.67
C GLN H 62 40.55 -30.46 19.57
N LYS H 63 40.51 -31.01 18.36
CA LYS H 63 41.08 -30.35 17.19
C LYS H 63 40.56 -28.91 17.00
N PHE H 64 39.32 -28.66 17.40
CA PHE H 64 38.69 -27.34 17.19
C PHE H 64 38.53 -26.49 18.47
N ARG H 65 39.06 -26.96 19.61
CA ARG H 65 38.99 -26.16 20.84
C ARG H 65 39.79 -24.88 20.62
N GLY H 66 39.22 -23.73 20.95
CA GLY H 66 39.93 -22.49 20.73
C GLY H 66 39.93 -22.01 19.28
N LYS H 67 39.56 -22.89 18.35
CA LYS H 67 39.22 -22.45 16.98
C LYS H 67 37.75 -22.06 16.89
N ALA H 68 36.90 -22.85 17.56
CA ALA H 68 35.45 -22.62 17.51
C ALA H 68 34.91 -22.36 18.91
N THR H 69 33.94 -21.47 19.01
CA THR H 69 33.22 -21.25 20.28
C THR H 69 31.72 -21.29 19.96
N LEU H 70 30.98 -22.17 20.65
CA LEU H 70 29.55 -22.33 20.41
C LEU H 70 28.72 -21.60 21.46
N THR H 71 27.71 -20.87 21.00
CA THR H 71 26.75 -20.26 21.92
C THR H 71 25.35 -20.37 21.33
N VAL H 72 24.35 -19.99 22.11
CA VAL H 72 22.97 -19.92 21.61
C VAL H 72 22.30 -18.64 22.09
N ASP H 73 21.27 -18.22 21.38
CA ASP H 73 20.35 -17.22 21.88
C ASP H 73 18.99 -17.89 21.90
N LYS H 74 18.50 -18.22 23.08
CA LYS H 74 17.29 -19.01 23.20
C LYS H 74 16.05 -18.20 22.82
N SER H 75 16.12 -16.88 22.98
CA SER H 75 14.97 -16.03 22.64
C SER H 75 14.60 -16.24 21.18
N SER H 76 15.59 -16.23 20.31
CA SER H 76 15.36 -16.33 18.89
C SER H 76 15.62 -17.73 18.34
N SER H 77 15.83 -18.69 19.23
CA SER H 77 16.18 -20.05 18.85
C SER H 77 17.27 -20.05 17.78
N THR H 78 18.36 -19.36 18.07
CA THR H 78 19.49 -19.30 17.15
C THR H 78 20.75 -19.83 17.79
N ALA H 79 21.46 -20.68 17.05
CA ALA H 79 22.76 -21.15 17.49
C ALA H 79 23.86 -20.40 16.75
N TYR H 80 24.97 -20.14 17.44
CA TYR H 80 26.08 -19.42 16.84
C TYR H 80 27.39 -20.20 16.99
N MET H 81 28.26 -20.02 16.01
CA MET H 81 29.63 -20.51 16.10
C MET H 81 30.58 -19.38 15.72
N ASP H 82 31.49 -19.06 16.63
CA ASP H 82 32.57 -18.12 16.34
C ASP H 82 33.79 -18.91 15.91
N LEU H 83 34.35 -18.56 14.76
CA LEU H 83 35.61 -19.11 14.31
C LEU H 83 36.69 -18.05 14.48
N LEU H 84 37.74 -18.39 15.23
CA LEU H 84 38.76 -17.42 15.62
C LEU H 84 40.11 -17.63 14.94
N SER H 85 40.90 -16.56 14.85
CA SER H 85 42.23 -16.61 14.25
C SER H 85 42.25 -17.38 12.94
N LEU H 86 41.47 -16.93 11.99
CA LEU H 86 41.26 -17.65 10.76
C LEU H 86 42.54 -17.80 9.97
N THR H 87 42.72 -18.99 9.37
CA THR H 87 43.77 -19.24 8.40
C THR H 87 43.16 -19.89 7.16
N SER H 88 43.95 -20.07 6.11
CA SER H 88 43.41 -20.59 4.86
C SER H 88 42.82 -21.99 5.07
N GLU H 89 43.36 -22.71 6.05
CA GLU H 89 42.89 -24.07 6.36
C GLU H 89 41.44 -24.07 6.88
N ASP H 90 40.96 -22.90 7.28
CA ASP H 90 39.59 -22.78 7.76
C ASP H 90 38.61 -22.52 6.61
N SER H 91 39.10 -22.36 5.39
CA SER H 91 38.18 -22.13 4.26
C SER H 91 37.40 -23.39 4.00
N ALA H 92 36.09 -23.34 4.14
CA ALA H 92 35.28 -24.54 4.04
C ALA H 92 33.81 -24.16 4.07
N VAL H 93 32.95 -25.17 3.99
CA VAL H 93 31.51 -24.96 4.25
C VAL H 93 31.18 -25.52 5.62
N TYR H 94 30.56 -24.70 6.46
CA TYR H 94 30.21 -25.10 7.81
C TYR H 94 28.70 -25.34 7.92
N PHE H 95 28.31 -26.53 8.39
CA PHE H 95 26.91 -26.89 8.54
C PHE H 95 26.53 -26.94 10.01
N CYS H 96 25.32 -26.49 10.27
CA CYS H 96 24.67 -26.77 11.54
CA CYS H 96 24.66 -26.74 11.53
C CYS H 96 23.76 -27.97 11.31
N ALA H 97 23.59 -28.79 12.35
CA ALA H 97 22.71 -29.95 12.23
C ALA H 97 22.15 -30.33 13.59
N ARG H 98 20.86 -30.61 13.60
CA ARG H 98 20.16 -31.01 14.81
C ARG H 98 20.44 -32.45 15.16
N GLY H 99 20.68 -32.69 16.46
CA GLY H 99 20.87 -34.05 16.98
C GLY H 99 19.93 -34.27 18.14
N GLY H 100 19.91 -35.46 18.71
CA GLY H 100 19.01 -35.76 19.82
C GLY H 100 19.74 -36.33 21.02
N TYR H 101 18.99 -36.58 22.09
CA TYR H 101 19.56 -37.22 23.28
C TYR H 101 19.31 -38.73 23.24
N ASP H 102 18.93 -39.23 22.08
CA ASP H 102 18.46 -40.61 21.95
C ASP H 102 19.12 -41.37 20.80
N GLY H 103 20.33 -40.97 20.43
CA GLY H 103 21.10 -41.70 19.43
C GLY H 103 20.40 -41.73 18.08
N ARG H 104 19.95 -40.57 17.62
CA ARG H 104 19.21 -40.48 16.36
C ARG H 104 20.08 -39.94 15.21
N GLY H 105 21.36 -39.69 15.49
CA GLY H 105 22.24 -39.06 14.52
C GLY H 105 21.81 -37.61 14.23
N PHE H 106 22.23 -37.07 13.10
CA PHE H 106 21.93 -35.68 12.79
C PHE H 106 20.72 -35.66 11.85
N ASP H 107 19.53 -35.39 12.39
CA ASP H 107 18.32 -35.67 11.61
C ASP H 107 17.89 -34.55 10.66
N TYR H 108 18.32 -33.32 10.94
CA TYR H 108 18.15 -32.22 9.99
C TYR H 108 19.40 -31.37 9.91
N TRP H 109 19.75 -30.98 8.69
CA TRP H 109 20.94 -30.16 8.47
C TRP H 109 20.58 -28.77 7.92
N GLY H 110 21.37 -27.78 8.29
CA GLY H 110 21.23 -26.46 7.76
C GLY H 110 21.74 -26.39 6.33
N SER H 111 21.59 -25.21 5.75
CA SER H 111 21.90 -24.99 4.35
C SER H 111 23.39 -24.94 4.12
N GLY H 112 24.16 -24.64 5.14
CA GLY H 112 25.59 -24.55 4.98
C GLY H 112 26.06 -23.12 4.81
N THR H 113 27.18 -22.78 5.42
CA THR H 113 27.75 -21.45 5.32
C THR H 113 29.17 -21.53 4.81
N PRO H 114 29.38 -21.12 3.56
CA PRO H 114 30.75 -21.12 3.04
C PRO H 114 31.54 -19.97 3.65
N VAL H 115 32.78 -20.27 4.02
CA VAL H 115 33.67 -19.28 4.59
C VAL H 115 34.96 -19.36 3.85
N THR H 116 35.36 -18.25 3.24
CA THR H 116 36.64 -18.21 2.54
C THR H 116 37.57 -17.29 3.29
N VAL H 117 38.81 -17.73 3.47
CA VAL H 117 39.78 -16.95 4.24
C VAL H 117 40.86 -16.52 3.28
N SER H 118 41.02 -15.22 3.10
CA SER H 118 41.92 -14.69 2.08
C SER H 118 42.20 -13.23 2.37
N SER H 119 43.37 -12.76 1.99
CA SER H 119 43.66 -11.35 2.09
C SER H 119 43.06 -10.57 0.90
N ALA H 120 42.54 -11.27 -0.11
CA ALA H 120 42.00 -10.61 -1.29
C ALA H 120 40.59 -10.06 -1.03
N SER H 121 40.26 -8.96 -1.71
CA SER H 121 38.99 -8.29 -1.50
C SER H 121 37.89 -8.93 -2.32
N THR H 122 36.65 -8.70 -1.91
CA THR H 122 35.53 -9.29 -2.65
C THR H 122 35.39 -8.57 -3.98
N LYS H 123 34.85 -9.27 -4.98
CA LYS H 123 34.56 -8.65 -6.27
C LYS H 123 33.34 -9.32 -6.86
N GLY H 124 32.31 -8.54 -7.19
CA GLY H 124 31.12 -9.10 -7.82
C GLY H 124 31.39 -9.41 -9.29
N PRO H 125 30.55 -10.25 -9.90
CA PRO H 125 30.80 -10.77 -11.24
C PRO H 125 30.36 -9.83 -12.35
N SER H 126 30.99 -9.99 -13.51
CA SER H 126 30.47 -9.41 -14.76
C SER H 126 29.66 -10.52 -15.38
N VAL H 127 28.48 -10.21 -15.92
CA VAL H 127 27.64 -11.25 -16.52
C VAL H 127 27.43 -10.92 -17.98
N PHE H 128 27.75 -11.89 -18.84
CA PHE H 128 27.77 -11.70 -20.30
C PHE H 128 26.83 -12.74 -20.91
N PRO H 129 26.14 -12.39 -21.99
CA PRO H 129 25.24 -13.38 -22.59
C PRO H 129 26.00 -14.44 -23.35
N LEU H 130 25.47 -15.67 -23.36
CA LEU H 130 25.87 -16.70 -24.29
C LEU H 130 24.67 -16.82 -25.21
N ALA H 131 24.70 -16.08 -26.32
CA ALA H 131 23.49 -15.85 -27.07
C ALA H 131 23.20 -17.05 -27.95
N PRO H 132 21.93 -17.43 -28.05
CA PRO H 132 21.56 -18.49 -28.99
C PRO H 132 21.74 -18.03 -30.44
N SER H 133 22.23 -18.93 -31.27
CA SER H 133 22.42 -18.66 -32.69
C SER H 133 22.22 -19.96 -33.46
N SER H 134 22.42 -19.92 -34.77
CA SER H 134 22.38 -21.14 -35.59
C SER H 134 23.51 -22.10 -35.17
N LYS H 135 24.53 -21.56 -34.51
CA LYS H 135 25.70 -22.34 -34.08
C LYS H 135 25.46 -22.96 -32.70
N SER H 136 24.34 -22.60 -32.08
CA SER H 136 23.91 -23.22 -30.85
C SER H 136 22.51 -23.83 -30.98
N THR H 137 22.15 -24.18 -32.22
CA THR H 137 20.86 -24.78 -32.54
C THR H 137 21.05 -26.15 -33.18
N SER H 138 20.08 -27.02 -32.96
CA SER H 138 20.13 -28.38 -33.47
C SER H 138 18.74 -29.02 -33.39
N GLY H 139 18.20 -29.39 -34.54
CA GLY H 139 16.92 -30.08 -34.60
C GLY H 139 15.87 -29.47 -33.69
N GLY H 140 15.61 -28.18 -33.87
CA GLY H 140 14.56 -27.52 -33.11
C GLY H 140 14.89 -27.24 -31.64
N THR H 141 16.10 -27.57 -31.22
CA THR H 141 16.57 -27.21 -29.88
C THR H 141 17.66 -26.15 -29.96
N ALA H 142 17.61 -25.16 -29.09
CA ALA H 142 18.64 -24.13 -29.04
C ALA H 142 19.21 -24.05 -27.64
N ALA H 143 20.51 -23.78 -27.53
CA ALA H 143 21.14 -23.56 -26.24
C ALA H 143 21.50 -22.09 -26.08
N LEU H 144 21.34 -21.59 -24.86
CA LEU H 144 21.72 -20.21 -24.52
C LEU H 144 22.19 -20.21 -23.08
N GLY H 145 22.79 -19.13 -22.63
CA GLY H 145 23.26 -19.06 -21.27
C GLY H 145 23.83 -17.74 -20.83
N CYS H 146 24.42 -17.74 -19.64
CA CYS H 146 25.14 -16.59 -19.10
CA CYS H 146 25.20 -16.59 -19.20
C CYS H 146 26.55 -17.00 -18.64
N LEU H 147 27.53 -16.18 -18.97
CA LEU H 147 28.90 -16.38 -18.55
C LEU H 147 29.06 -15.42 -17.39
N VAL H 148 29.39 -15.98 -16.23
CA VAL H 148 29.52 -15.22 -15.00
C VAL H 148 31.01 -15.15 -14.69
N LYS H 149 31.59 -14.00 -14.95
CA LYS H 149 33.04 -13.91 -15.01
C LYS H 149 33.63 -13.02 -13.92
N ASP H 150 34.78 -13.45 -13.43
CA ASP H 150 35.66 -12.66 -12.60
C ASP H 150 35.09 -12.21 -11.27
N TYR H 151 34.64 -13.16 -10.46
CA TYR H 151 34.17 -12.85 -9.10
C TYR H 151 35.03 -13.48 -8.01
N PHE H 152 34.87 -13.00 -6.78
CA PHE H 152 35.58 -13.55 -5.64
C PHE H 152 34.88 -13.13 -4.38
N PRO H 153 34.76 -14.03 -3.38
CA PRO H 153 35.07 -15.45 -3.39
C PRO H 153 33.85 -16.23 -3.87
N GLU H 154 33.92 -17.55 -3.81
CA GLU H 154 32.73 -18.37 -3.99
C GLU H 154 31.79 -18.09 -2.86
N PRO H 155 30.49 -18.39 -3.05
CA PRO H 155 29.86 -18.96 -4.24
C PRO H 155 29.03 -17.95 -5.00
N VAL H 156 28.60 -18.34 -6.20
CA VAL H 156 27.57 -17.63 -6.95
C VAL H 156 26.46 -18.64 -7.11
N THR H 157 25.20 -18.21 -7.07
CA THR H 157 24.08 -19.06 -7.49
C THR H 157 23.39 -18.45 -8.69
N VAL H 158 22.85 -19.32 -9.55
CA VAL H 158 22.17 -18.87 -10.76
C VAL H 158 20.79 -19.51 -10.85
N SER H 159 19.76 -18.73 -11.13
CA SER H 159 18.48 -19.26 -11.58
C SER H 159 18.10 -18.64 -12.92
N TRP H 160 17.02 -19.14 -13.51
CA TRP H 160 16.55 -18.65 -14.79
C TRP H 160 15.09 -18.23 -14.66
N ASN H 161 14.76 -17.03 -15.16
CA ASN H 161 13.41 -16.52 -15.06
C ASN H 161 12.89 -16.65 -13.64
N SER H 162 13.73 -16.26 -12.69
CA SER H 162 13.34 -16.18 -11.29
C SER H 162 12.92 -17.54 -10.75
N GLY H 163 13.48 -18.59 -11.34
CA GLY H 163 13.21 -19.93 -10.87
C GLY H 163 12.05 -20.62 -11.59
N ALA H 164 11.42 -19.94 -12.53
CA ALA H 164 10.32 -20.55 -13.29
C ALA H 164 10.85 -21.44 -14.43
N LEU H 165 12.14 -21.35 -14.74
CA LEU H 165 12.73 -22.19 -15.78
C LEU H 165 13.79 -23.06 -15.13
N THR H 166 13.52 -24.36 -15.06
CA THR H 166 14.46 -25.27 -14.43
C THR H 166 14.82 -26.47 -15.31
N SER H 167 13.90 -26.89 -16.16
CA SER H 167 14.16 -28.00 -17.05
C SER H 167 15.24 -27.64 -18.07
N GLY H 168 16.27 -28.46 -18.15
CA GLY H 168 17.31 -28.29 -19.15
C GLY H 168 18.40 -27.31 -18.74
N VAL H 169 18.40 -26.87 -17.48
CA VAL H 169 19.39 -25.92 -17.02
C VAL H 169 20.63 -26.66 -16.54
N HIS H 170 21.81 -26.21 -16.92
CA HIS H 170 23.04 -26.78 -16.35
C HIS H 170 23.90 -25.63 -15.90
N THR H 171 24.16 -25.58 -14.61
CA THR H 171 25.04 -24.56 -14.09
C THR H 171 26.34 -25.24 -13.69
N PHE H 172 27.45 -24.82 -14.29
CA PHE H 172 28.72 -25.49 -14.13
C PHE H 172 29.44 -25.08 -12.85
N PRO H 173 30.16 -26.01 -12.24
CA PRO H 173 31.04 -25.67 -11.12
C PRO H 173 32.01 -24.57 -11.57
N ALA H 174 32.30 -23.62 -10.70
CA ALA H 174 33.23 -22.56 -11.04
C ALA H 174 34.64 -23.09 -11.26
N VAL H 175 35.41 -22.34 -12.04
CA VAL H 175 36.83 -22.63 -12.18
C VAL H 175 37.58 -21.45 -11.62
N LEU H 176 38.76 -21.71 -11.11
CA LEU H 176 39.62 -20.71 -10.55
C LEU H 176 40.59 -20.32 -11.63
N GLN H 177 40.59 -19.05 -11.99
CA GLN H 177 41.41 -18.58 -13.12
C GLN H 177 42.79 -18.20 -12.64
N SER H 178 43.71 -18.02 -13.58
CA SER H 178 45.10 -17.67 -13.23
C SER H 178 45.14 -16.35 -12.48
N SER H 179 44.09 -15.55 -12.64
CA SER H 179 44.01 -14.25 -11.99
C SER H 179 43.65 -14.32 -10.49
N GLY H 180 43.25 -15.49 -10.02
CA GLY H 180 42.78 -15.62 -8.65
C GLY H 180 41.29 -15.33 -8.52
N LEU H 181 40.61 -15.16 -9.64
CA LEU H 181 39.16 -14.94 -9.62
C LEU H 181 38.46 -16.14 -10.21
N TYR H 182 37.20 -16.30 -9.85
CA TYR H 182 36.41 -17.43 -10.31
C TYR H 182 35.54 -17.04 -11.52
N SER H 183 35.18 -18.02 -12.35
CA SER H 183 34.19 -17.84 -13.40
C SER H 183 33.41 -19.12 -13.52
N LEU H 184 32.14 -18.99 -13.89
CA LEU H 184 31.33 -20.14 -14.26
C LEU H 184 30.36 -19.75 -15.36
N SER H 185 29.66 -20.72 -15.90
CA SER H 185 28.62 -20.42 -16.85
C SER H 185 27.41 -21.24 -16.46
N SER H 186 26.25 -20.77 -16.88
CA SER H 186 25.01 -21.52 -16.72
C SER H 186 24.34 -21.50 -18.07
N VAL H 187 23.86 -22.65 -18.52
CA VAL H 187 23.25 -22.78 -19.85
C VAL H 187 21.92 -23.47 -19.74
N VAL H 188 21.08 -23.28 -20.74
CA VAL H 188 19.79 -23.95 -20.76
C VAL H 188 19.46 -24.25 -22.21
N THR H 189 18.80 -25.38 -22.46
CA THR H 189 18.36 -25.71 -23.80
C THR H 189 16.86 -25.52 -23.85
N VAL H 190 16.38 -24.87 -24.92
CA VAL H 190 15.00 -24.49 -25.04
C VAL H 190 14.57 -24.76 -26.47
N PRO H 191 13.25 -24.78 -26.73
CA PRO H 191 12.85 -24.97 -28.13
C PRO H 191 13.21 -23.76 -28.98
N SER H 192 13.77 -24.02 -30.16
CA SER H 192 14.16 -22.96 -31.10
C SER H 192 13.02 -21.99 -31.41
N SER H 193 11.81 -22.53 -31.51
CA SER H 193 10.65 -21.74 -31.89
C SER H 193 10.26 -20.70 -30.82
N SER H 194 10.79 -20.85 -29.61
CA SER H 194 10.44 -19.97 -28.53
C SER H 194 11.31 -18.72 -28.49
N LEU H 195 12.37 -18.69 -29.31
CA LEU H 195 13.35 -17.62 -29.22
C LEU H 195 12.79 -16.24 -29.55
N GLY H 196 11.85 -16.16 -30.48
CA GLY H 196 11.28 -14.89 -30.85
C GLY H 196 10.28 -14.36 -29.85
N THR H 197 9.73 -15.26 -29.03
CA THR H 197 8.58 -14.92 -28.20
C THR H 197 8.86 -14.96 -26.70
N GLN H 198 9.65 -15.94 -26.25
CA GLN H 198 9.90 -16.13 -24.82
C GLN H 198 11.14 -15.36 -24.33
N THR H 199 10.99 -14.67 -23.20
CA THR H 199 12.08 -13.94 -22.60
C THR H 199 12.89 -14.88 -21.69
N TYR H 200 14.21 -14.80 -21.76
CA TYR H 200 15.09 -15.61 -20.93
C TYR H 200 16.04 -14.72 -20.18
N ILE H 201 15.93 -14.79 -18.86
CA ILE H 201 16.75 -13.96 -17.98
C ILE H 201 17.48 -14.85 -16.96
N CYS H 202 18.79 -14.71 -16.84
CA CYS H 202 19.51 -15.44 -15.80
C CYS H 202 19.62 -14.48 -14.61
N ASN H 203 19.43 -15.02 -13.42
CA ASN H 203 19.50 -14.24 -12.17
C ASN H 203 20.70 -14.73 -11.39
N VAL H 204 21.70 -13.87 -11.24
CA VAL H 204 22.97 -14.27 -10.65
C VAL H 204 23.09 -13.62 -9.28
N ASN H 205 23.22 -14.44 -8.24
CA ASN H 205 23.37 -13.94 -6.88
C ASN H 205 24.80 -14.12 -6.40
N HIS H 206 25.44 -13.04 -5.99
CA HIS H 206 26.76 -13.12 -5.35
C HIS H 206 26.73 -12.45 -3.98
N LYS H 207 26.33 -13.20 -2.98
CA LYS H 207 26.12 -12.64 -1.64
C LYS H 207 27.37 -11.99 -1.02
N PRO H 208 28.55 -12.58 -1.24
CA PRO H 208 29.73 -11.98 -0.60
C PRO H 208 29.97 -10.50 -1.02
N SER H 209 29.58 -10.12 -2.24
CA SER H 209 29.76 -8.70 -2.66
C SER H 209 28.43 -7.94 -2.58
N ASN H 210 27.41 -8.57 -2.00
CA ASN H 210 26.11 -7.92 -1.86
C ASN H 210 25.50 -7.53 -3.20
N THR H 211 25.71 -8.36 -4.20
CA THR H 211 25.35 -8.04 -5.59
C THR H 211 24.41 -9.10 -6.13
N LYS H 212 23.37 -8.66 -6.83
CA LYS H 212 22.58 -9.55 -7.65
C LYS H 212 22.45 -8.93 -9.04
N VAL H 213 22.63 -9.74 -10.09
CA VAL H 213 22.58 -9.27 -11.48
C VAL H 213 21.53 -10.07 -12.23
N ASP H 214 20.60 -9.40 -12.90
CA ASP H 214 19.74 -10.05 -13.90
C ASP H 214 20.20 -9.69 -15.31
N LYS H 215 20.27 -10.68 -16.19
CA LYS H 215 20.76 -10.45 -17.54
C LYS H 215 19.79 -11.10 -18.48
N LYS H 216 19.17 -10.32 -19.36
CA LYS H 216 18.32 -10.89 -20.36
C LYS H 216 19.17 -11.31 -21.54
N VAL H 217 18.92 -12.52 -22.04
CA VAL H 217 19.74 -13.13 -23.10
C VAL H 217 18.91 -13.26 -24.36
N GLU H 218 19.33 -12.58 -25.43
CA GLU H 218 18.58 -12.55 -26.68
C GLU H 218 19.40 -13.13 -27.82
N PRO H 219 18.73 -13.61 -28.86
CA PRO H 219 19.39 -14.07 -30.09
C PRO H 219 20.31 -13.03 -30.70
N LYS H 220 21.37 -13.48 -31.37
CA LYS H 220 22.26 -12.56 -32.08
C LYS H 220 23.00 -11.64 -31.10
#